data_7VL7
#
_entry.id   7VL7
#
_cell.length_a   163.494
_cell.length_b   71.705
_cell.length_c   129.817
_cell.angle_alpha   90.000
_cell.angle_beta   105.820
_cell.angle_gamma   90.000
#
_symmetry.space_group_name_H-M   'C 1 2 1'
#
loop_
_entity.id
_entity.type
_entity.pdbx_description
1 polymer beta-1,2-glucosyltransferase
2 non-polymer 6-[(2S,3R,4S,5S,6R)-6-(hydroxymethyl)-3,4,5-tris(oxidanyl)oxan-2-yl]oxy-7-oxidanyl-chromen-2-one
3 non-polymer 'CALCIUM ION'
4 water water
#
_entity_poly.entity_id   1
_entity_poly.type   'polypeptide(L)'
_entity_poly.pdbx_seq_one_letter_code
;SEKYFVKNGQPHFLISGEVHYFRINPKLWRNHLQLLKQTGADTVSTYIPWDWHEIEEDDFDFEGKTHPARNLIRFIKLCK
EENLDLIVKPGPYILAEYENQGLPSWLLKKLSKNAFALDENGNVISPDLVSYLSDEFLEYTFKWYDKVMPIISKHQKEHY
GPITMMQLCNEIGVFQWLSGKSDYNPKVINLYKEFIIQRYKTIEKLNSVYSTNYNSFDDLKAPSGKIKLRSDYCAYFDFH
LFFREYYNKYISILKNKIRSFGINIKLTHNIPGWIYGNASELPMLISTYSEIMKNHPDIIFGLDHIPEFVSFRNAHSDLA
CNKILEAMQPEAPVWAAEFQAGTREHHVKAYAKDLETFYIASLAHGIKGFNYYMFSQGINPEGKGFYGKTFYFQTALDAA
SNKLALYDSIKKVNRFIRKEQKDLLRTNVNSEICVGFYKPYFFTELISSQLLKEKKLNVEELGLYIDPRFLREEILFNGL
LRGLQTLNYNYDVVDLENCDLKSLTAYKQLWITSAEFMDAETQNLLSEFVLNGGNLILYPAVPTLDNYLNRCEILKNNFG
IEFITKDSSHKVSAFGIEDVFTAFSKKQIYNDTNSKPIAFTQENEICGIRKKIGKGELTILGFAFGYTSDEHLELIDKLV
KLNKIKRELFVSDKDIQFVVRENNKSRYIFFLNYHNERKTFNYRKSSELKKKKSEEISIAPFSYKVIKENK
;
_entity_poly.pdbx_strand_id   A,B
#
# COMPACT_ATOMS: atom_id res chain seq x y z
N SER A 1 27.29 -6.02 27.84
CA SER A 1 27.13 -7.01 26.72
C SER A 1 26.35 -6.40 25.53
N GLU A 2 26.14 -5.08 25.48
CA GLU A 2 25.71 -4.39 24.24
C GLU A 2 26.79 -4.57 23.17
N LYS A 3 26.38 -4.61 21.90
CA LYS A 3 27.30 -4.61 20.74
C LYS A 3 27.33 -3.17 20.22
N TYR A 4 28.50 -2.57 20.08
CA TYR A 4 28.62 -1.20 19.53
C TYR A 4 29.95 -1.05 18.85
N PHE A 5 30.11 -0.05 17.98
CA PHE A 5 31.41 0.26 17.36
C PHE A 5 32.32 0.88 18.42
N VAL A 6 33.62 0.71 18.22
CA VAL A 6 34.69 1.15 19.16
C VAL A 6 35.68 1.99 18.38
N LYS A 7 36.13 3.12 18.95
CA LYS A 7 37.23 3.98 18.42
C LYS A 7 38.12 4.31 19.61
N ASN A 8 39.38 3.85 19.59
CA ASN A 8 40.38 4.09 20.68
C ASN A 8 39.90 3.39 21.95
N GLY A 9 39.41 2.15 21.83
CA GLY A 9 38.87 1.35 22.94
C GLY A 9 37.78 2.07 23.75
N GLN A 10 37.05 3.00 23.13
CA GLN A 10 35.88 3.70 23.71
C GLN A 10 34.66 3.43 22.83
N PRO A 11 33.44 3.39 23.42
CA PRO A 11 32.22 3.28 22.60
C PRO A 11 32.14 4.46 21.63
N HIS A 12 31.82 4.22 20.37
CA HIS A 12 31.78 5.23 19.28
C HIS A 12 30.51 5.05 18.47
N PHE A 13 29.64 6.05 18.44
CA PHE A 13 28.43 6.00 17.61
C PHE A 13 28.84 6.30 16.17
N LEU A 14 28.72 5.34 15.25
CA LEU A 14 29.10 5.57 13.84
C LEU A 14 28.11 6.58 13.27
N ILE A 15 28.55 7.80 12.97
CA ILE A 15 27.70 8.78 12.24
C ILE A 15 28.31 9.06 10.89
N SER A 16 27.70 8.55 9.83
CA SER A 16 28.14 8.77 8.43
C SER A 16 27.08 9.58 7.68
N GLY A 17 27.49 10.33 6.66
CA GLY A 17 26.56 10.90 5.69
C GLY A 17 26.99 10.54 4.28
N GLU A 18 26.01 10.22 3.45
CA GLU A 18 26.25 9.80 2.07
C GLU A 18 26.40 11.06 1.21
N VAL A 19 27.51 11.13 0.49
CA VAL A 19 27.92 12.27 -0.37
C VAL A 19 28.48 11.70 -1.66
N HIS A 20 27.75 11.80 -2.76
CA HIS A 20 28.13 11.20 -4.06
C HIS A 20 28.98 12.20 -4.83
N TYR A 21 30.31 12.02 -4.76
CA TYR A 21 31.28 12.89 -5.45
C TYR A 21 30.90 12.99 -6.91
N PHE A 22 30.44 11.88 -7.52
CA PHE A 22 30.18 11.79 -8.99
C PHE A 22 28.93 12.61 -9.38
N ARG A 23 28.18 13.19 -8.43
CA ARG A 23 26.91 13.93 -8.68
C ARG A 23 27.01 15.34 -8.09
N ILE A 24 28.21 15.76 -7.75
CA ILE A 24 28.48 17.07 -7.12
C ILE A 24 29.61 17.76 -7.90
N ASN A 25 29.48 19.07 -8.07
CA ASN A 25 30.50 19.89 -8.73
C ASN A 25 31.78 19.66 -7.93
N PRO A 26 32.91 19.20 -8.51
CA PRO A 26 34.11 18.95 -7.70
C PRO A 26 34.67 20.18 -6.98
N LYS A 27 34.39 21.36 -7.51
CA LYS A 27 34.77 22.65 -6.86
C LYS A 27 34.03 22.78 -5.53
N LEU A 28 32.95 22.02 -5.30
CA LEU A 28 32.14 22.10 -4.07
C LEU A 28 32.34 20.87 -3.16
N TRP A 29 33.16 19.89 -3.56
CA TRP A 29 33.38 18.67 -2.76
C TRP A 29 33.75 19.06 -1.34
N ARG A 30 34.74 19.94 -1.19
CA ARG A 30 35.31 20.29 0.13
C ARG A 30 34.20 20.89 0.99
N ASN A 31 33.40 21.79 0.43
CA ASN A 31 32.32 22.45 1.19
C ASN A 31 31.33 21.40 1.72
N HIS A 32 30.96 20.40 0.92
CA HIS A 32 30.04 19.32 1.37
C HIS A 32 30.68 18.61 2.56
N LEU A 33 31.97 18.27 2.46
CA LEU A 33 32.67 17.48 3.49
C LEU A 33 32.77 18.29 4.80
N GLN A 34 33.14 19.56 4.71
CA GLN A 34 33.21 20.46 5.87
C GLN A 34 31.83 20.59 6.56
N LEU A 35 30.76 20.77 5.79
CA LEU A 35 29.40 20.92 6.37
C LEU A 35 28.96 19.61 7.02
N LEU A 36 29.35 18.47 6.45
CA LEU A 36 29.02 17.16 7.05
C LEU A 36 29.75 17.05 8.39
N LYS A 37 31.05 17.31 8.35
CA LYS A 37 31.90 17.29 9.54
C LYS A 37 31.30 18.22 10.61
N GLN A 38 30.83 19.42 10.23
CA GLN A 38 30.29 20.38 11.22
C GLN A 38 29.01 19.83 11.88
N THR A 39 28.39 18.76 11.38
CA THR A 39 27.24 18.14 12.08
C THR A 39 27.68 17.18 13.17
N GLY A 40 28.98 16.90 13.28
CA GLY A 40 29.55 15.91 14.22
C GLY A 40 29.64 14.53 13.58
N ALA A 41 29.28 14.38 12.30
CA ALA A 41 29.55 13.13 11.53
C ALA A 41 31.06 12.86 11.55
N ASP A 42 31.45 11.59 11.63
CA ASP A 42 32.88 11.15 11.67
C ASP A 42 33.24 10.47 10.35
N THR A 43 32.25 10.14 9.53
CA THR A 43 32.44 9.30 8.30
C THR A 43 31.62 9.89 7.17
N VAL A 44 32.13 9.72 5.96
CA VAL A 44 31.37 9.97 4.72
C VAL A 44 31.32 8.66 3.93
N SER A 45 30.25 8.49 3.15
CA SER A 45 29.95 7.27 2.38
C SER A 45 29.64 7.62 0.93
N THR A 46 30.16 6.83 -0.01
CA THR A 46 29.83 6.98 -1.45
C THR A 46 29.97 5.66 -2.19
N TYR A 47 29.15 5.51 -3.23
CA TYR A 47 29.41 4.54 -4.31
C TYR A 47 30.62 5.01 -5.12
N ILE A 48 31.32 4.05 -5.70
CA ILE A 48 32.26 4.27 -6.84
C ILE A 48 31.65 3.54 -8.02
N PRO A 49 30.93 4.24 -8.92
CA PRO A 49 30.23 3.61 -10.03
C PRO A 49 31.13 3.12 -11.16
N TRP A 50 30.98 1.84 -11.46
CA TRP A 50 31.74 1.18 -12.54
C TRP A 50 31.53 1.94 -13.84
N ASP A 51 30.29 2.22 -14.17
CA ASP A 51 29.90 2.94 -15.40
C ASP A 51 30.59 4.31 -15.44
N TRP A 52 30.73 4.97 -14.30
CA TRP A 52 31.34 6.32 -14.26
C TRP A 52 32.85 6.26 -14.52
N HIS A 53 33.56 5.18 -14.16
CA HIS A 53 35.05 5.18 -14.20
C HIS A 53 35.60 4.31 -15.33
N GLU A 54 34.89 3.27 -15.74
CA GLU A 54 35.26 2.51 -16.96
C GLU A 54 34.44 3.10 -18.10
N ILE A 55 34.92 4.22 -18.65
CA ILE A 55 34.10 5.11 -19.53
C ILE A 55 33.86 4.40 -20.88
N GLU A 56 34.77 3.54 -21.29
CA GLU A 56 34.64 2.63 -22.46
C GLU A 56 35.31 1.35 -22.04
N GLU A 57 35.14 0.26 -22.77
CA GLU A 57 35.71 -1.02 -22.32
C GLU A 57 37.23 -0.83 -22.24
N ASP A 58 37.83 -1.10 -21.08
CA ASP A 58 39.30 -1.02 -20.79
C ASP A 58 39.82 0.42 -20.89
N ASP A 59 38.97 1.43 -20.71
CA ASP A 59 39.35 2.85 -20.64
C ASP A 59 38.91 3.38 -19.27
N PHE A 60 39.86 3.58 -18.37
CA PHE A 60 39.57 3.86 -16.94
C PHE A 60 39.98 5.28 -16.60
N ASP A 61 39.13 6.00 -15.86
CA ASP A 61 39.49 7.35 -15.37
C ASP A 61 39.08 7.48 -13.91
N PHE A 62 40.07 7.55 -13.01
CA PHE A 62 39.85 7.86 -11.58
C PHE A 62 40.50 9.18 -11.20
N GLU A 63 40.92 9.99 -12.17
CA GLU A 63 41.75 11.19 -11.89
C GLU A 63 41.09 12.45 -12.43
N GLY A 64 39.92 12.31 -13.03
CA GLY A 64 39.24 13.48 -13.64
C GLY A 64 39.91 13.93 -14.94
N LYS A 65 40.58 13.02 -15.65
CA LYS A 65 41.15 13.24 -17.00
C LYS A 65 40.08 13.59 -18.04
N THR A 66 38.89 12.98 -17.99
CA THR A 66 37.84 13.12 -19.03
C THR A 66 36.62 13.86 -18.49
N HIS A 67 36.43 13.87 -17.17
CA HIS A 67 35.38 14.66 -16.48
C HIS A 67 35.90 14.94 -15.08
N PRO A 68 35.85 16.21 -14.60
CA PRO A 68 36.39 16.53 -13.29
C PRO A 68 35.81 15.65 -12.16
N ALA A 69 34.55 15.24 -12.26
CA ALA A 69 33.89 14.46 -11.20
C ALA A 69 34.29 12.98 -11.29
N ARG A 70 35.17 12.58 -12.22
CA ARG A 70 35.76 11.22 -12.21
C ARG A 70 37.04 11.19 -11.33
N ASN A 71 37.38 12.31 -10.69
CA ASN A 71 38.62 12.44 -9.87
C ASN A 71 38.34 11.82 -8.49
N LEU A 72 38.10 10.49 -8.46
CA LEU A 72 37.95 9.71 -7.21
C LEU A 72 39.15 9.97 -6.29
N ILE A 73 40.37 9.92 -6.85
CA ILE A 73 41.61 10.10 -6.04
C ILE A 73 41.51 11.42 -5.27
N ARG A 74 41.13 12.52 -5.93
CA ARG A 74 41.05 13.82 -5.23
C ARG A 74 39.98 13.73 -4.13
N PHE A 75 38.81 13.15 -4.41
CA PHE A 75 37.73 13.02 -3.40
C PHE A 75 38.29 12.28 -2.18
N ILE A 76 39.00 11.16 -2.38
CA ILE A 76 39.59 10.39 -1.25
C ILE A 76 40.51 11.35 -0.46
N LYS A 77 41.35 12.13 -1.16
CA LYS A 77 42.38 13.00 -0.53
C LYS A 77 41.66 14.05 0.31
N LEU A 78 40.57 14.63 -0.21
CA LEU A 78 39.78 15.66 0.53
C LEU A 78 39.17 15.05 1.80
N CYS A 79 38.68 13.82 1.73
CA CYS A 79 38.09 13.14 2.92
C CYS A 79 39.12 13.14 4.04
N LYS A 80 40.36 12.76 3.71
CA LYS A 80 41.50 12.73 4.66
C LYS A 80 41.75 14.14 5.21
N GLU A 81 41.87 15.13 4.32
CA GLU A 81 42.16 16.54 4.73
C GLU A 81 41.04 17.05 5.63
N GLU A 82 39.81 16.63 5.43
CA GLU A 82 38.67 17.18 6.20
C GLU A 82 38.34 16.26 7.38
N ASN A 83 39.22 15.29 7.68
CA ASN A 83 39.15 14.44 8.90
C ASN A 83 37.85 13.65 8.93
N LEU A 84 37.42 13.14 7.78
CA LEU A 84 36.32 12.17 7.69
C LEU A 84 36.94 10.83 7.26
N ASP A 85 36.52 9.76 7.91
CA ASP A 85 36.74 8.39 7.42
C ASP A 85 35.76 8.18 6.25
N LEU A 86 35.98 7.16 5.41
CA LEU A 86 35.27 6.98 4.14
C LEU A 86 34.83 5.52 4.01
N ILE A 87 33.54 5.33 3.76
CA ILE A 87 32.96 4.06 3.25
C ILE A 87 32.93 4.16 1.74
N VAL A 88 33.52 3.17 1.08
CA VAL A 88 33.50 3.04 -0.40
C VAL A 88 32.62 1.85 -0.76
N LYS A 89 31.91 1.98 -1.86
CA LYS A 89 30.94 0.96 -2.31
C LYS A 89 31.08 0.85 -3.82
N PRO A 90 32.09 0.07 -4.30
CA PRO A 90 32.38 -0.04 -5.74
C PRO A 90 31.52 -1.04 -6.52
N GLY A 91 30.53 -1.67 -5.90
CA GLY A 91 29.56 -2.45 -6.69
C GLY A 91 30.05 -3.90 -6.83
N PRO A 92 29.81 -4.61 -7.96
CA PRO A 92 29.47 -4.02 -9.24
C PRO A 92 28.11 -3.32 -9.35
N TYR A 93 27.02 -3.85 -8.77
CA TYR A 93 25.78 -3.05 -8.68
C TYR A 93 25.95 -1.97 -7.60
N ILE A 94 25.47 -0.75 -7.88
CA ILE A 94 25.25 0.31 -6.86
C ILE A 94 23.75 0.65 -6.78
N LEU A 95 22.96 0.31 -7.80
CA LEU A 95 21.56 0.77 -7.95
C LEU A 95 21.57 2.30 -7.90
N ALA A 96 21.27 2.92 -6.76
CA ALA A 96 21.49 4.36 -6.48
C ALA A 96 20.83 5.28 -7.54
N GLU A 97 19.71 4.87 -8.15
CA GLU A 97 19.02 5.65 -9.22
C GLU A 97 20.02 6.06 -10.32
N TYR A 98 21.04 5.23 -10.57
CA TYR A 98 22.08 5.49 -11.59
C TYR A 98 21.76 4.63 -12.82
N GLU A 99 22.02 5.15 -14.01
CA GLU A 99 21.68 4.45 -15.27
C GLU A 99 22.24 3.04 -15.21
N ASN A 100 21.43 2.08 -15.58
CA ASN A 100 21.80 0.65 -15.68
C ASN A 100 22.21 0.15 -14.29
N GLN A 101 21.76 0.84 -13.24
CA GLN A 101 22.05 0.48 -11.81
C GLN A 101 23.57 0.46 -11.54
N GLY A 102 24.39 1.17 -12.33
CA GLY A 102 25.84 1.30 -12.13
C GLY A 102 26.64 0.51 -13.15
N LEU A 103 26.01 -0.43 -13.85
CA LEU A 103 26.75 -1.29 -14.81
C LEU A 103 27.02 -0.46 -16.05
N PRO A 104 28.21 -0.55 -16.68
CA PRO A 104 28.45 0.22 -17.89
C PRO A 104 27.47 -0.13 -19.02
N SER A 105 27.00 0.92 -19.73
CA SER A 105 26.25 0.75 -21.00
C SER A 105 27.01 -0.20 -21.93
N TRP A 106 28.30 0.03 -22.16
CA TRP A 106 29.11 -0.77 -23.12
C TRP A 106 29.07 -2.25 -22.70
N LEU A 107 29.04 -2.53 -21.39
CA LEU A 107 28.99 -3.92 -20.89
C LEU A 107 27.66 -4.56 -21.26
N LEU A 108 26.55 -3.93 -20.89
CA LEU A 108 25.21 -4.53 -21.13
C LEU A 108 24.99 -4.72 -22.65
N LYS A 109 25.60 -3.89 -23.50
CA LYS A 109 25.47 -4.06 -24.99
C LYS A 109 26.30 -5.28 -25.41
N LYS A 110 27.40 -5.54 -24.75
CA LYS A 110 28.35 -6.57 -25.21
C LYS A 110 27.95 -7.96 -24.70
N LEU A 111 27.45 -8.07 -23.47
CA LEU A 111 27.18 -9.36 -22.78
C LEU A 111 26.28 -10.23 -23.69
N SER A 112 26.54 -11.53 -23.74
CA SER A 112 25.66 -12.46 -24.47
C SER A 112 24.41 -12.71 -23.61
N LYS A 113 23.38 -13.33 -24.20
CA LYS A 113 22.09 -13.57 -23.50
C LYS A 113 22.29 -14.32 -22.17
N ASN A 114 23.22 -15.28 -22.11
CA ASN A 114 23.41 -16.12 -20.90
C ASN A 114 24.10 -15.35 -19.77
N ALA A 115 24.43 -14.08 -19.96
CA ALA A 115 24.90 -13.23 -18.85
C ALA A 115 23.71 -12.76 -18.01
N PHE A 116 22.48 -12.81 -18.55
CA PHE A 116 21.28 -12.14 -17.99
C PHE A 116 20.44 -13.11 -17.17
N ALA A 117 19.78 -12.60 -16.14
CA ALA A 117 18.72 -13.35 -15.43
C ALA A 117 17.61 -13.67 -16.45
N LEU A 118 17.20 -14.94 -16.48
CA LEU A 118 16.21 -15.42 -17.47
C LEU A 118 15.00 -15.97 -16.73
N ASP A 119 13.80 -15.81 -17.31
CA ASP A 119 12.53 -16.35 -16.76
C ASP A 119 12.41 -17.83 -17.14
N GLU A 120 11.32 -18.48 -16.74
CA GLU A 120 11.01 -19.93 -16.94
C GLU A 120 11.08 -20.29 -18.43
N ASN A 121 10.85 -19.30 -19.30
CA ASN A 121 10.79 -19.47 -20.78
C ASN A 121 12.14 -19.13 -21.44
N GLY A 122 13.18 -18.75 -20.68
CA GLY A 122 14.51 -18.44 -21.24
C GLY A 122 14.58 -17.04 -21.80
N ASN A 123 13.60 -16.18 -21.49
CA ASN A 123 13.62 -14.75 -21.86
C ASN A 123 14.29 -13.90 -20.77
N VAL A 124 14.94 -12.85 -21.22
CA VAL A 124 15.67 -11.85 -20.37
C VAL A 124 14.62 -11.13 -19.50
N ILE A 125 14.78 -11.16 -18.18
CA ILE A 125 13.81 -10.52 -17.24
C ILE A 125 13.92 -8.99 -17.37
N SER A 126 15.13 -8.47 -17.44
CA SER A 126 15.36 -7.01 -17.56
C SER A 126 16.71 -6.77 -18.18
N PRO A 127 16.84 -5.80 -19.13
CA PRO A 127 18.11 -5.56 -19.80
C PRO A 127 19.25 -5.03 -18.90
N ASP A 128 19.01 -4.66 -17.63
CA ASP A 128 20.18 -4.34 -16.75
C ASP A 128 20.30 -5.33 -15.59
N LEU A 129 19.61 -6.48 -15.65
CA LEU A 129 19.60 -7.50 -14.59
C LEU A 129 20.39 -8.71 -15.05
N VAL A 130 21.59 -8.86 -14.50
CA VAL A 130 22.55 -9.94 -14.84
C VAL A 130 22.27 -11.13 -13.94
N SER A 131 22.69 -12.31 -14.35
CA SER A 131 22.73 -13.51 -13.48
C SER A 131 24.07 -13.47 -12.72
N TYR A 132 24.02 -13.45 -11.38
CA TYR A 132 25.14 -13.08 -10.50
C TYR A 132 26.38 -13.96 -10.80
N LEU A 133 26.19 -15.24 -11.11
CA LEU A 133 27.34 -16.18 -11.27
C LEU A 133 27.56 -16.46 -12.75
N SER A 134 27.04 -15.61 -13.62
CA SER A 134 27.41 -15.58 -15.06
C SER A 134 28.94 -15.44 -15.20
N ASP A 135 29.55 -16.35 -15.94
CA ASP A 135 31.00 -16.34 -16.25
C ASP A 135 31.42 -14.98 -16.80
N GLU A 136 30.68 -14.49 -17.78
CA GLU A 136 30.97 -13.20 -18.43
C GLU A 136 30.84 -12.06 -17.41
N PHE A 137 29.75 -12.03 -16.66
CA PHE A 137 29.51 -10.94 -15.69
C PHE A 137 30.69 -10.90 -14.71
N LEU A 138 31.08 -12.05 -14.16
CA LEU A 138 32.15 -12.07 -13.12
C LEU A 138 33.50 -11.74 -13.78
N GLU A 139 33.71 -12.07 -15.05
CA GLU A 139 34.99 -11.72 -15.72
C GLU A 139 35.15 -10.19 -15.81
N TYR A 140 34.13 -9.47 -16.27
CA TYR A 140 34.19 -7.99 -16.36
C TYR A 140 34.22 -7.36 -14.97
N THR A 141 33.45 -7.90 -14.01
CA THR A 141 33.45 -7.44 -12.60
C THR A 141 34.88 -7.53 -12.08
N PHE A 142 35.55 -8.65 -12.33
CA PHE A 142 36.95 -8.85 -11.90
C PHE A 142 37.84 -7.78 -12.55
N LYS A 143 37.64 -7.48 -13.84
CA LYS A 143 38.46 -6.47 -14.55
C LYS A 143 38.18 -5.07 -13.96
N TRP A 144 36.94 -4.78 -13.58
CA TRP A 144 36.62 -3.52 -12.86
C TRP A 144 37.33 -3.50 -11.50
N TYR A 145 37.22 -4.58 -10.70
CA TYR A 145 37.92 -4.71 -9.40
C TYR A 145 39.45 -4.57 -9.56
N ASP A 146 40.01 -5.11 -10.65
CA ASP A 146 41.45 -4.99 -10.99
C ASP A 146 41.91 -3.53 -10.94
N LYS A 147 41.06 -2.56 -11.31
CA LYS A 147 41.45 -1.12 -11.42
C LYS A 147 41.04 -0.35 -10.15
N VAL A 148 39.89 -0.65 -9.57
CA VAL A 148 39.36 0.20 -8.46
C VAL A 148 39.94 -0.34 -7.15
N MET A 149 40.20 -1.64 -7.04
CA MET A 149 40.59 -2.23 -5.72
C MET A 149 42.02 -1.81 -5.34
N PRO A 150 42.99 -1.64 -6.26
CA PRO A 150 44.33 -1.13 -5.88
C PRO A 150 44.29 0.28 -5.28
N ILE A 151 43.37 1.12 -5.76
CA ILE A 151 43.17 2.49 -5.22
C ILE A 151 42.60 2.38 -3.81
N ILE A 152 41.56 1.56 -3.61
CA ILE A 152 40.92 1.37 -2.28
C ILE A 152 41.97 0.84 -1.31
N SER A 153 42.76 -0.13 -1.75
CA SER A 153 43.82 -0.78 -0.93
C SER A 153 44.84 0.26 -0.45
N LYS A 154 45.31 1.12 -1.34
CA LYS A 154 46.35 2.16 -1.10
C LYS A 154 45.81 3.19 -0.10
N HIS A 155 44.50 3.42 -0.04
CA HIS A 155 43.89 4.52 0.76
C HIS A 155 43.17 4.00 2.00
N GLN A 156 43.45 2.77 2.40
CA GLN A 156 42.89 2.18 3.65
C GLN A 156 43.44 2.92 4.87
N LYS A 157 42.71 2.87 5.97
CA LYS A 157 43.14 3.40 7.29
C LYS A 157 44.53 2.88 7.63
N GLU A 158 44.80 1.59 7.42
CA GLU A 158 46.06 0.98 7.92
C GLU A 158 47.24 1.52 7.12
N HIS A 159 47.03 2.14 5.95
CA HIS A 159 48.08 2.83 5.18
C HIS A 159 47.94 4.36 5.37
N TYR A 160 47.30 4.80 6.46
CA TYR A 160 47.09 6.23 6.86
C TYR A 160 46.13 6.95 5.90
N GLY A 161 45.38 6.20 5.08
CA GLY A 161 44.31 6.76 4.24
C GLY A 161 43.01 6.86 5.06
N PRO A 162 41.93 7.39 4.47
CA PRO A 162 40.65 7.52 5.19
C PRO A 162 39.68 6.33 5.13
N ILE A 163 39.95 5.34 4.28
CA ILE A 163 38.97 4.26 4.00
C ILE A 163 38.91 3.26 5.17
N THR A 164 37.74 3.15 5.80
CA THR A 164 37.54 2.25 6.98
C THR A 164 36.60 1.09 6.67
N MET A 165 35.81 1.16 5.61
CA MET A 165 34.80 0.12 5.33
C MET A 165 34.55 0.11 3.82
N MET A 166 34.17 -1.06 3.33
CA MET A 166 33.75 -1.20 1.93
C MET A 166 32.52 -2.10 1.85
N GLN A 167 31.53 -1.66 1.10
CA GLN A 167 30.34 -2.50 0.79
C GLN A 167 30.63 -3.39 -0.42
N LEU A 168 30.24 -4.66 -0.33
CA LEU A 168 30.31 -5.62 -1.47
C LEU A 168 29.00 -5.54 -2.25
N CYS A 169 29.04 -5.08 -3.51
CA CYS A 169 27.86 -5.01 -4.39
C CYS A 169 26.82 -4.14 -3.67
N ASN A 170 25.53 -4.45 -3.78
CA ASN A 170 24.44 -3.62 -3.22
C ASN A 170 23.14 -4.41 -3.18
N GLU A 171 22.61 -4.65 -1.99
CA GLU A 171 21.28 -5.29 -1.76
C GLU A 171 21.15 -6.51 -2.67
N ILE A 172 22.01 -7.48 -2.49
CA ILE A 172 21.93 -8.74 -3.29
C ILE A 172 20.46 -9.20 -3.29
N GLY A 173 19.93 -9.47 -4.47
CA GLY A 173 18.59 -10.02 -4.67
C GLY A 173 17.53 -8.96 -4.81
N VAL A 174 17.80 -7.68 -4.51
CA VAL A 174 16.71 -6.66 -4.51
C VAL A 174 16.13 -6.48 -5.91
N PHE A 175 16.99 -6.45 -6.93
CA PHE A 175 16.58 -6.25 -8.33
C PHE A 175 15.71 -7.45 -8.74
N GLN A 176 16.18 -8.68 -8.53
CA GLN A 176 15.37 -9.89 -8.78
C GLN A 176 14.00 -9.77 -8.09
N TRP A 177 13.97 -9.37 -6.82
CA TRP A 177 12.73 -9.23 -6.04
C TRP A 177 11.76 -8.24 -6.72
N LEU A 178 12.21 -7.02 -7.02
CA LEU A 178 11.36 -5.94 -7.61
C LEU A 178 10.91 -6.36 -9.02
N SER A 179 11.71 -7.14 -9.73
CA SER A 179 11.35 -7.64 -11.09
C SER A 179 10.10 -8.52 -11.02
N GLY A 180 9.84 -9.14 -9.87
CA GLY A 180 8.69 -10.01 -9.67
C GLY A 180 8.88 -11.39 -10.28
N LYS A 181 10.10 -11.74 -10.67
CA LYS A 181 10.43 -13.06 -11.28
C LYS A 181 11.76 -13.55 -10.75
N SER A 182 11.94 -14.87 -10.61
CA SER A 182 13.21 -15.47 -10.13
C SER A 182 14.07 -15.88 -11.34
N ASP A 183 15.37 -16.11 -11.09
CA ASP A 183 16.39 -16.35 -12.14
C ASP A 183 16.40 -17.85 -12.48
N TYR A 184 16.10 -18.19 -13.73
CA TYR A 184 16.19 -19.58 -14.26
C TYR A 184 17.32 -19.67 -15.30
N ASN A 185 18.30 -18.76 -15.27
CA ASN A 185 19.54 -18.81 -16.12
C ASN A 185 20.14 -20.22 -16.07
N PRO A 186 20.78 -20.76 -17.14
CA PRO A 186 21.23 -22.16 -17.14
C PRO A 186 22.32 -22.43 -16.09
N LYS A 187 23.15 -21.43 -15.75
CA LYS A 187 24.12 -21.53 -14.63
C LYS A 187 23.36 -21.84 -13.34
N VAL A 188 22.24 -21.16 -13.08
CA VAL A 188 21.43 -21.42 -11.86
C VAL A 188 20.95 -22.87 -11.88
N ILE A 189 20.32 -23.28 -12.98
CA ILE A 189 19.77 -24.66 -13.21
C ILE A 189 20.87 -25.69 -12.95
N ASN A 190 22.05 -25.53 -13.56
CA ASN A 190 23.17 -26.51 -13.41
C ASN A 190 23.70 -26.53 -11.98
N LEU A 191 23.89 -25.36 -11.37
CA LEU A 191 24.34 -25.29 -9.94
C LEU A 191 23.27 -25.93 -9.05
N TYR A 192 21.99 -25.73 -9.35
CA TYR A 192 20.88 -26.36 -8.58
C TYR A 192 21.00 -27.88 -8.67
N LYS A 193 21.19 -28.42 -9.86
CA LYS A 193 21.26 -29.90 -10.04
C LYS A 193 22.42 -30.43 -9.19
N GLU A 194 23.60 -29.78 -9.24
CA GLU A 194 24.76 -30.21 -8.44
C GLU A 194 24.39 -30.19 -6.96
N PHE A 195 23.68 -29.14 -6.51
CA PHE A 195 23.27 -28.95 -5.10
C PHE A 195 22.39 -30.13 -4.65
N ILE A 196 21.39 -30.48 -5.46
CA ILE A 196 20.43 -31.59 -5.19
C ILE A 196 21.18 -32.94 -5.13
N ILE A 197 22.09 -33.21 -6.06
CA ILE A 197 22.91 -34.46 -6.08
C ILE A 197 23.78 -34.51 -4.82
N GLN A 198 24.42 -33.40 -4.47
CA GLN A 198 25.25 -33.29 -3.24
C GLN A 198 24.38 -33.52 -2.00
N ARG A 199 23.14 -33.04 -2.02
CA ARG A 199 22.27 -33.04 -0.82
C ARG A 199 21.71 -34.43 -0.58
N TYR A 200 21.27 -35.13 -1.64
CA TYR A 200 20.46 -36.38 -1.53
C TYR A 200 21.27 -37.64 -1.88
N LYS A 201 22.36 -37.53 -2.65
CA LYS A 201 23.36 -38.62 -2.95
C LYS A 201 22.75 -39.65 -3.89
N THR A 202 21.51 -40.06 -3.65
CA THR A 202 20.81 -41.05 -4.52
C THR A 202 19.41 -40.56 -4.85
N ILE A 203 18.93 -40.97 -6.01
CA ILE A 203 17.58 -40.56 -6.44
C ILE A 203 16.56 -41.21 -5.52
N GLU A 204 16.85 -42.42 -5.02
CA GLU A 204 15.96 -43.13 -4.06
C GLU A 204 15.74 -42.30 -2.79
N LYS A 205 16.80 -41.71 -2.24
CA LYS A 205 16.72 -40.87 -1.01
C LYS A 205 15.85 -39.63 -1.31
N LEU A 206 16.05 -38.98 -2.46
CA LEU A 206 15.24 -37.79 -2.83
C LEU A 206 13.79 -38.24 -3.00
N ASN A 207 13.54 -39.38 -3.65
CA ASN A 207 12.17 -39.87 -3.92
C ASN A 207 11.49 -40.12 -2.58
N SER A 208 12.24 -40.64 -1.61
CA SER A 208 11.70 -40.99 -0.27
C SER A 208 11.27 -39.71 0.45
N VAL A 209 12.01 -38.61 0.33
CA VAL A 209 11.64 -37.31 0.97
C VAL A 209 10.48 -36.66 0.21
N TYR A 210 10.58 -36.56 -1.12
CA TYR A 210 9.59 -35.85 -1.96
C TYR A 210 8.31 -36.67 -2.20
N SER A 211 8.34 -37.99 -2.03
CA SER A 211 7.36 -38.98 -2.56
C SER A 211 7.22 -38.81 -4.07
N THR A 212 8.34 -38.82 -4.78
CA THR A 212 8.37 -38.81 -6.26
C THR A 212 8.82 -40.20 -6.70
N ASN A 213 8.85 -40.42 -8.01
CA ASN A 213 9.17 -41.75 -8.61
C ASN A 213 10.25 -41.57 -9.68
N TYR A 214 11.18 -40.64 -9.51
CA TYR A 214 12.20 -40.38 -10.56
C TYR A 214 13.06 -41.65 -10.72
N ASN A 215 13.50 -41.91 -11.95
CA ASN A 215 14.38 -43.04 -12.28
C ASN A 215 15.81 -42.61 -12.03
N SER A 216 16.15 -41.32 -12.26
CA SER A 216 17.51 -40.77 -12.03
C SER A 216 17.45 -39.27 -11.72
N PHE A 217 18.58 -38.71 -11.28
CA PHE A 217 18.74 -37.24 -11.10
C PHE A 217 18.56 -36.52 -12.45
N ASP A 218 18.83 -37.20 -13.57
CA ASP A 218 18.63 -36.60 -14.92
C ASP A 218 17.14 -36.29 -15.16
N ASP A 219 16.18 -36.88 -14.44
CA ASP A 219 14.72 -36.64 -14.67
C ASP A 219 14.24 -35.41 -13.91
N LEU A 220 14.99 -34.95 -12.92
CA LEU A 220 14.62 -33.81 -12.05
C LEU A 220 15.16 -32.54 -12.68
N LYS A 221 14.34 -31.49 -12.76
CA LYS A 221 14.77 -30.14 -13.20
C LYS A 221 14.42 -29.17 -12.08
N ALA A 222 15.03 -27.99 -12.05
CA ALA A 222 14.65 -26.91 -11.11
C ALA A 222 13.16 -26.69 -11.22
N PRO A 223 12.43 -26.56 -10.10
CA PRO A 223 10.98 -26.44 -10.16
C PRO A 223 10.56 -25.12 -10.80
N SER A 224 9.51 -25.19 -11.63
CA SER A 224 8.85 -24.04 -12.26
C SER A 224 7.32 -24.20 -12.15
N GLY A 225 6.61 -23.12 -12.33
CA GLY A 225 5.14 -23.14 -12.28
C GLY A 225 4.62 -23.35 -10.87
N LYS A 226 3.31 -23.34 -10.76
CA LYS A 226 2.63 -23.35 -9.45
C LYS A 226 2.90 -24.67 -8.72
N ILE A 227 2.90 -24.62 -7.39
CA ILE A 227 2.95 -25.80 -6.45
C ILE A 227 1.55 -26.40 -6.43
N LYS A 228 1.44 -27.64 -6.88
CA LYS A 228 0.14 -28.37 -6.94
C LYS A 228 0.21 -29.58 -6.02
N LEU A 229 1.42 -30.13 -5.80
CA LEU A 229 1.68 -31.36 -4.99
C LEU A 229 2.68 -31.02 -3.88
N ARG A 230 2.68 -31.78 -2.78
CA ARG A 230 3.68 -31.58 -1.69
C ARG A 230 5.09 -31.82 -2.28
N SER A 231 5.23 -32.68 -3.28
CA SER A 231 6.53 -32.92 -3.93
C SER A 231 7.03 -31.63 -4.62
N ASP A 232 6.13 -30.81 -5.17
CA ASP A 232 6.52 -29.52 -5.79
C ASP A 232 6.98 -28.56 -4.69
N TYR A 233 6.31 -28.58 -3.52
CA TYR A 233 6.70 -27.74 -2.35
C TYR A 233 8.12 -28.12 -1.92
N CYS A 234 8.39 -29.42 -1.73
CA CYS A 234 9.74 -29.98 -1.40
C CYS A 234 10.79 -29.47 -2.38
N ALA A 235 10.51 -29.58 -3.67
CA ALA A 235 11.44 -29.13 -4.74
C ALA A 235 11.76 -27.63 -4.52
N TYR A 236 10.73 -26.83 -4.27
CA TYR A 236 10.89 -25.35 -4.14
C TYR A 236 11.60 -25.07 -2.82
N PHE A 237 11.37 -25.88 -1.79
CA PHE A 237 12.04 -25.66 -0.49
C PHE A 237 13.55 -25.82 -0.68
N ASP A 238 13.98 -26.85 -1.39
CA ASP A 238 15.41 -27.09 -1.70
C ASP A 238 15.91 -25.98 -2.62
N PHE A 239 15.07 -25.45 -3.51
CA PHE A 239 15.44 -24.36 -4.44
C PHE A 239 15.75 -23.08 -3.61
N HIS A 240 14.97 -22.88 -2.53
CA HIS A 240 15.19 -21.73 -1.60
C HIS A 240 16.50 -21.98 -0.87
N LEU A 241 16.73 -23.18 -0.35
CA LEU A 241 17.99 -23.50 0.36
C LEU A 241 19.13 -23.22 -0.64
N PHE A 242 18.98 -23.70 -1.88
CA PHE A 242 20.00 -23.51 -2.93
C PHE A 242 20.32 -22.00 -3.11
N PHE A 243 19.31 -21.15 -3.16
CA PHE A 243 19.51 -19.69 -3.49
C PHE A 243 20.26 -19.03 -2.35
N ARG A 244 20.13 -19.55 -1.12
CA ARG A 244 20.93 -18.96 -0.01
C ARG A 244 22.39 -19.38 -0.18
N GLU A 245 22.65 -20.59 -0.69
CA GLU A 245 24.03 -21.04 -0.93
C GLU A 245 24.57 -20.22 -2.09
N TYR A 246 23.74 -20.00 -3.11
CA TYR A 246 24.07 -19.22 -4.34
C TYR A 246 24.50 -17.79 -3.97
N TYR A 247 23.78 -17.10 -3.11
CA TYR A 247 24.15 -15.71 -2.70
C TYR A 247 25.44 -15.72 -1.87
N ASN A 248 25.61 -16.74 -1.05
CA ASN A 248 26.87 -16.94 -0.31
C ASN A 248 28.03 -17.13 -1.29
N LYS A 249 27.86 -17.94 -2.35
CA LYS A 249 28.86 -18.16 -3.41
C LYS A 249 29.24 -16.83 -4.07
N TYR A 250 28.25 -16.03 -4.46
CA TYR A 250 28.47 -14.71 -5.10
C TYR A 250 29.33 -13.83 -4.18
N ILE A 251 28.90 -13.64 -2.94
CA ILE A 251 29.61 -12.70 -2.05
C ILE A 251 30.97 -13.29 -1.64
N SER A 252 31.11 -14.61 -1.55
CA SER A 252 32.41 -15.28 -1.23
C SER A 252 33.40 -14.97 -2.36
N ILE A 253 32.94 -15.08 -3.60
CA ILE A 253 33.76 -14.83 -4.80
C ILE A 253 34.25 -13.38 -4.78
N LEU A 254 33.37 -12.42 -4.59
CA LEU A 254 33.78 -10.99 -4.48
C LEU A 254 34.76 -10.81 -3.32
N LYS A 255 34.49 -11.45 -2.18
CA LYS A 255 35.28 -11.21 -0.95
C LYS A 255 36.71 -11.74 -1.17
N ASN A 256 36.81 -12.98 -1.64
CA ASN A 256 38.13 -13.61 -1.90
C ASN A 256 38.90 -12.72 -2.89
N LYS A 257 38.23 -12.20 -3.91
CA LYS A 257 38.86 -11.32 -4.93
C LYS A 257 39.39 -10.04 -4.25
N ILE A 258 38.57 -9.34 -3.47
CA ILE A 258 38.93 -8.09 -2.74
C ILE A 258 40.14 -8.33 -1.83
N ARG A 259 40.10 -9.42 -1.08
CA ARG A 259 41.15 -9.71 -0.09
C ARG A 259 42.50 -9.85 -0.80
N SER A 260 42.51 -10.30 -2.07
CA SER A 260 43.75 -10.58 -2.83
C SER A 260 44.50 -9.26 -3.08
N PHE A 261 43.85 -8.11 -2.94
CA PHE A 261 44.46 -6.77 -3.11
C PHE A 261 45.07 -6.23 -1.81
N GLY A 262 45.12 -7.01 -0.73
CA GLY A 262 45.61 -6.53 0.58
C GLY A 262 44.61 -5.59 1.26
N ILE A 263 43.34 -5.70 0.89
CA ILE A 263 42.22 -4.95 1.51
C ILE A 263 41.77 -5.69 2.76
N ASN A 264 42.06 -5.13 3.93
CA ASN A 264 41.83 -5.75 5.25
C ASN A 264 40.76 -5.02 6.06
N ILE A 265 40.22 -3.92 5.54
CA ILE A 265 39.13 -3.13 6.20
C ILE A 265 37.88 -3.98 6.39
N LYS A 266 36.97 -3.47 7.23
CA LYS A 266 35.65 -4.06 7.49
C LYS A 266 34.85 -4.10 6.19
N LEU A 267 34.31 -5.25 5.84
CA LEU A 267 33.40 -5.41 4.69
C LEU A 267 31.95 -5.36 5.17
N THR A 268 31.09 -4.79 4.35
CA THR A 268 29.66 -4.61 4.66
C THR A 268 28.78 -5.16 3.56
N HIS A 269 27.49 -5.30 3.90
CA HIS A 269 26.41 -5.48 2.91
C HIS A 269 25.18 -4.83 3.51
N ASN A 270 24.24 -4.51 2.62
CA ASN A 270 23.09 -3.63 2.96
C ASN A 270 21.80 -4.37 2.64
N ILE A 271 20.86 -4.31 3.60
CA ILE A 271 19.63 -5.12 3.59
C ILE A 271 18.48 -4.27 3.05
N PRO A 272 17.86 -4.70 1.94
CA PRO A 272 16.67 -4.03 1.41
C PRO A 272 15.38 -4.56 2.04
N GLY A 273 14.24 -3.92 1.77
CA GLY A 273 12.97 -4.45 2.25
C GLY A 273 11.90 -3.41 2.43
N TRP A 274 12.25 -2.16 2.69
CA TRP A 274 11.19 -1.14 2.87
C TRP A 274 10.58 -0.82 1.51
N ILE A 275 9.26 -0.69 1.47
CA ILE A 275 8.62 -0.18 0.23
C ILE A 275 7.33 0.49 0.69
N TYR A 276 7.04 1.66 0.14
CA TYR A 276 5.88 2.50 0.54
C TYR A 276 5.88 2.76 2.05
N GLY A 277 7.04 2.82 2.69
CA GLY A 277 7.12 3.25 4.11
C GLY A 277 6.83 2.13 5.11
N ASN A 278 6.74 0.87 4.68
CA ASN A 278 6.78 -0.27 5.65
C ASN A 278 7.74 -1.34 5.17
N ALA A 279 8.09 -2.21 6.10
CA ALA A 279 9.18 -3.19 5.92
C ALA A 279 8.73 -4.60 6.25
N SER A 280 7.45 -4.96 6.02
CA SER A 280 6.89 -6.29 6.37
C SER A 280 7.54 -7.40 5.52
N GLU A 281 8.14 -7.09 4.37
CA GLU A 281 8.78 -8.12 3.53
C GLU A 281 10.29 -8.12 3.79
N LEU A 282 10.81 -7.16 4.56
CA LEU A 282 12.28 -7.10 4.78
C LEU A 282 12.74 -8.41 5.41
N PRO A 283 12.01 -9.01 6.39
CA PRO A 283 12.45 -10.27 6.98
C PRO A 283 12.64 -11.39 5.94
N MET A 284 11.82 -11.43 4.91
CA MET A 284 12.00 -12.39 3.80
C MET A 284 13.35 -12.13 3.11
N LEU A 285 13.65 -10.87 2.79
CA LEU A 285 14.92 -10.59 2.07
C LEU A 285 16.12 -10.87 2.97
N ILE A 286 16.07 -10.48 4.24
CA ILE A 286 17.24 -10.71 5.12
C ILE A 286 17.44 -12.23 5.20
N SER A 287 16.35 -12.99 5.14
CA SER A 287 16.37 -14.48 5.21
C SER A 287 17.20 -15.05 4.06
N THR A 288 17.30 -14.35 2.92
CA THR A 288 18.03 -14.82 1.71
C THR A 288 19.54 -14.75 1.97
N TYR A 289 19.95 -14.04 3.04
CA TYR A 289 21.36 -13.87 3.46
C TYR A 289 21.75 -14.86 4.56
N SER A 290 20.89 -15.82 4.92
CA SER A 290 21.12 -16.73 6.07
C SER A 290 22.48 -17.44 5.92
N GLU A 291 22.85 -17.88 4.72
CA GLU A 291 24.11 -18.67 4.51
C GLU A 291 25.31 -17.73 4.50
N ILE A 292 25.16 -16.51 3.97
CA ILE A 292 26.23 -15.47 4.06
C ILE A 292 26.56 -15.21 5.54
N MET A 293 25.54 -14.95 6.35
CA MET A 293 25.76 -14.53 7.75
C MET A 293 26.29 -15.69 8.62
N LYS A 294 26.02 -16.95 8.28
CA LYS A 294 26.63 -18.11 8.97
C LYS A 294 28.10 -18.29 8.53
N ASN A 295 28.43 -18.03 7.26
CA ASN A 295 29.79 -18.33 6.75
C ASN A 295 30.76 -17.15 6.85
N HIS A 296 30.30 -15.91 7.05
CA HIS A 296 31.18 -14.71 7.00
C HIS A 296 30.97 -13.84 8.24
N PRO A 297 31.62 -14.19 9.38
CA PRO A 297 31.54 -13.37 10.58
C PRO A 297 32.17 -11.98 10.34
N ASP A 298 32.96 -11.83 9.28
CA ASP A 298 33.71 -10.59 9.01
C ASP A 298 32.95 -9.70 8.00
N ILE A 299 31.75 -10.07 7.59
CA ILE A 299 30.91 -9.14 6.78
C ILE A 299 29.80 -8.62 7.70
N ILE A 300 29.74 -7.31 7.92
CA ILE A 300 28.67 -6.71 8.75
C ILE A 300 27.54 -6.25 7.84
N PHE A 301 26.35 -6.80 8.05
CA PHE A 301 25.12 -6.34 7.39
C PHE A 301 24.56 -5.16 8.18
N GLY A 302 24.16 -4.13 7.44
CA GLY A 302 23.42 -2.97 7.97
C GLY A 302 22.08 -2.85 7.29
N LEU A 303 21.14 -2.19 7.93
CA LEU A 303 19.78 -1.99 7.35
C LEU A 303 19.71 -0.75 6.44
N ASP A 304 18.88 -0.86 5.41
CA ASP A 304 18.47 0.28 4.56
C ASP A 304 17.07 0.71 4.97
N HIS A 305 16.96 1.67 5.88
CA HIS A 305 15.67 2.16 6.42
C HIS A 305 15.12 3.26 5.52
N ILE A 306 13.90 3.07 4.99
CA ILE A 306 13.18 4.08 4.17
C ILE A 306 11.75 4.21 4.70
N PRO A 307 11.55 4.85 5.88
CA PRO A 307 10.21 5.01 6.45
C PRO A 307 9.26 5.91 5.66
N GLU A 308 9.77 6.92 4.94
CA GLU A 308 9.02 7.92 4.13
C GLU A 308 8.10 8.83 4.97
N PHE A 309 7.54 8.35 6.08
CA PHE A 309 6.78 9.17 7.06
C PHE A 309 6.98 8.51 8.42
N VAL A 310 6.49 9.11 9.52
CA VAL A 310 6.73 8.52 10.87
C VAL A 310 5.43 8.61 11.66
N SER A 311 4.72 7.49 11.73
CA SER A 311 3.33 7.49 12.26
C SER A 311 3.03 6.10 12.76
N PHE A 312 1.88 5.94 13.38
CA PHE A 312 1.49 4.62 13.89
C PHE A 312 1.38 3.67 12.70
N ARG A 313 1.18 4.21 11.50
CA ARG A 313 1.02 3.34 10.30
C ARG A 313 2.30 2.52 10.06
N ASN A 314 3.47 3.00 10.47
CA ASN A 314 4.75 2.30 10.18
C ASN A 314 5.67 2.29 11.40
N ALA A 315 5.18 2.65 12.60
CA ALA A 315 5.97 2.77 13.85
C ALA A 315 6.75 1.49 14.17
N HIS A 316 6.17 0.34 13.82
CA HIS A 316 6.70 -0.99 14.24
C HIS A 316 7.74 -1.56 13.26
N SER A 317 7.84 -1.05 12.04
CA SER A 317 8.73 -1.61 11.00
C SER A 317 10.20 -1.47 11.46
N ASP A 318 10.67 -0.31 11.94
CA ASP A 318 12.11 -0.13 12.25
C ASP A 318 12.53 -0.98 13.45
N LEU A 319 11.73 -1.05 14.51
CA LEU A 319 12.08 -1.89 15.69
C LEU A 319 12.13 -3.37 15.27
N ALA A 320 11.07 -3.86 14.62
CA ALA A 320 10.99 -5.25 14.14
C ALA A 320 12.23 -5.58 13.31
N CYS A 321 12.58 -4.72 12.35
CA CYS A 321 13.75 -4.91 11.46
C CYS A 321 15.06 -4.90 12.27
N ASN A 322 15.23 -3.96 13.19
CA ASN A 322 16.43 -3.90 14.03
C ASN A 322 16.55 -5.18 14.84
N LYS A 323 15.41 -5.68 15.38
CA LYS A 323 15.39 -6.87 16.26
C LYS A 323 15.73 -8.10 15.41
N ILE A 324 15.24 -8.12 14.16
CA ILE A 324 15.45 -9.29 13.27
C ILE A 324 16.90 -9.28 12.78
N LEU A 325 17.50 -8.12 12.54
CA LEU A 325 18.95 -8.05 12.22
C LEU A 325 19.75 -8.59 13.40
N GLU A 326 19.43 -8.15 14.62
CA GLU A 326 20.14 -8.62 15.82
C GLU A 326 20.02 -10.15 15.94
N ALA A 327 18.84 -10.72 15.72
CA ALA A 327 18.60 -12.18 15.77
C ALA A 327 19.57 -12.91 14.82
N MET A 328 19.82 -12.36 13.65
CA MET A 328 20.58 -13.04 12.58
C MET A 328 22.06 -12.68 12.69
N GLN A 329 22.35 -11.56 13.33
CA GLN A 329 23.73 -11.03 13.43
C GLN A 329 23.94 -10.58 14.87
N PRO A 330 23.91 -11.52 15.84
CA PRO A 330 23.97 -11.16 17.25
C PRO A 330 25.33 -10.63 17.75
N GLU A 331 26.42 -10.83 17.00
CA GLU A 331 27.79 -10.47 17.44
C GLU A 331 28.26 -9.15 16.82
N ALA A 332 27.42 -8.45 16.04
CA ALA A 332 27.74 -7.11 15.50
C ALA A 332 26.70 -6.09 15.96
N PRO A 333 27.08 -4.81 16.00
CA PRO A 333 26.12 -3.74 16.27
C PRO A 333 25.03 -3.72 15.19
N VAL A 334 23.81 -3.41 15.61
CA VAL A 334 22.68 -3.01 14.73
C VAL A 334 22.97 -1.60 14.18
N TRP A 335 22.99 -1.46 12.88
CA TRP A 335 23.26 -0.15 12.25
C TRP A 335 22.56 -0.06 10.89
N ALA A 336 22.47 1.16 10.38
CA ALA A 336 21.70 1.41 9.15
C ALA A 336 22.72 1.85 8.12
N ALA A 337 23.07 0.98 7.19
CA ALA A 337 23.95 1.33 6.04
C ALA A 337 23.34 2.52 5.28
N GLU A 338 22.01 2.57 5.16
CA GLU A 338 21.29 3.67 4.49
C GLU A 338 20.17 4.07 5.45
N PHE A 339 20.22 5.32 5.92
CA PHE A 339 19.31 5.86 6.95
C PHE A 339 18.64 7.09 6.35
N GLN A 340 17.35 6.98 6.08
CA GLN A 340 16.67 7.96 5.20
C GLN A 340 16.99 9.40 5.63
N ALA A 341 17.42 10.19 4.65
CA ALA A 341 17.61 11.65 4.72
C ALA A 341 17.12 12.21 3.38
N GLY A 342 16.10 13.05 3.40
CA GLY A 342 15.38 13.44 2.18
C GLY A 342 14.72 12.23 1.54
N THR A 343 14.39 12.37 0.26
CA THR A 343 13.54 11.41 -0.51
C THR A 343 14.19 11.12 -1.85
N ARG A 344 14.17 9.85 -2.22
CA ARG A 344 14.65 9.40 -3.53
C ARG A 344 13.72 9.81 -4.67
N GLU A 345 12.48 10.20 -4.36
CA GLU A 345 11.47 10.46 -5.42
C GLU A 345 10.66 11.70 -5.07
N HIS A 346 10.58 12.62 -6.03
CA HIS A 346 10.02 13.98 -5.82
C HIS A 346 8.58 13.91 -5.28
N HIS A 347 7.81 12.90 -5.69
CA HIS A 347 6.36 12.78 -5.37
C HIS A 347 6.13 12.15 -3.99
N VAL A 348 7.20 11.71 -3.30
CA VAL A 348 7.12 11.09 -1.95
C VAL A 348 7.95 11.97 -1.03
N LYS A 349 7.27 12.87 -0.33
CA LYS A 349 7.92 13.90 0.48
C LYS A 349 8.57 13.25 1.69
N ALA A 350 9.70 13.82 2.12
CA ALA A 350 10.44 13.47 3.33
C ALA A 350 10.53 14.75 4.15
N TYR A 351 9.75 14.86 5.22
CA TYR A 351 9.72 16.08 6.09
C TYR A 351 10.79 15.95 7.19
N ALA A 352 11.58 17.02 7.38
CA ALA A 352 12.55 17.16 8.48
C ALA A 352 11.91 16.76 9.82
N LYS A 353 10.65 17.18 10.07
CA LYS A 353 9.99 16.98 11.39
C LYS A 353 9.67 15.50 11.58
N ASP A 354 9.40 14.76 10.50
CA ASP A 354 9.19 13.29 10.52
C ASP A 354 10.56 12.63 10.79
N LEU A 355 11.53 12.93 9.96
CA LEU A 355 12.80 12.18 9.99
C LEU A 355 13.53 12.43 11.30
N GLU A 356 13.37 13.61 11.90
CA GLU A 356 14.04 13.92 13.19
C GLU A 356 13.48 12.94 14.21
N THR A 357 12.15 12.75 14.21
CA THR A 357 11.52 11.79 15.15
C THR A 357 12.04 10.38 14.81
N PHE A 358 12.15 10.02 13.53
CA PHE A 358 12.63 8.67 13.11
C PHE A 358 14.05 8.44 13.70
N TYR A 359 14.86 9.47 13.69
CA TYR A 359 16.27 9.35 14.15
C TYR A 359 16.26 9.01 15.66
N ILE A 360 15.46 9.76 16.44
CA ILE A 360 15.35 9.55 17.90
C ILE A 360 14.72 8.19 18.18
N ALA A 361 13.63 7.83 17.49
CA ALA A 361 12.98 6.51 17.60
C ALA A 361 14.02 5.40 17.35
N SER A 362 14.88 5.57 16.34
CA SER A 362 15.92 4.57 15.97
C SER A 362 16.86 4.37 17.16
N LEU A 363 17.25 5.46 17.84
CA LEU A 363 18.07 5.37 19.07
C LEU A 363 17.27 4.61 20.14
N ALA A 364 16.00 4.95 20.37
CA ALA A 364 15.15 4.23 21.35
C ALA A 364 15.17 2.72 21.03
N HIS A 365 15.17 2.42 19.74
CA HIS A 365 14.97 1.06 19.17
C HIS A 365 16.33 0.38 18.94
N GLY A 366 17.40 0.93 19.52
CA GLY A 366 18.69 0.23 19.74
C GLY A 366 19.67 0.41 18.60
N ILE A 367 19.46 1.36 17.69
CA ILE A 367 20.45 1.52 16.59
C ILE A 367 21.77 2.00 17.21
N LYS A 368 22.90 1.56 16.65
CA LYS A 368 24.23 1.86 17.21
C LYS A 368 25.07 2.70 16.26
N GLY A 369 24.59 2.90 15.05
CA GLY A 369 25.29 3.67 14.03
C GLY A 369 24.46 3.79 12.80
N PHE A 370 24.75 4.78 11.96
CA PHE A 370 23.94 4.98 10.75
C PHE A 370 24.68 5.89 9.79
N ASN A 371 24.26 5.77 8.56
CA ASN A 371 24.72 6.56 7.39
C ASN A 371 23.50 7.24 6.81
N TYR A 372 23.35 8.54 7.08
CA TYR A 372 22.32 9.43 6.49
C TYR A 372 22.41 9.32 4.96
N TYR A 373 21.32 8.87 4.33
CA TYR A 373 21.21 8.59 2.88
C TYR A 373 19.94 9.26 2.39
N MET A 374 20.01 10.43 1.74
CA MET A 374 21.23 11.10 1.31
C MET A 374 21.52 12.33 2.19
N PHE A 375 22.73 12.45 2.72
CA PHE A 375 23.13 13.69 3.39
C PHE A 375 23.12 14.82 2.35
N SER A 376 23.79 14.63 1.23
CA SER A 376 23.91 15.63 0.14
C SER A 376 23.12 15.19 -1.07
N GLN A 377 22.28 16.11 -1.58
CA GLN A 377 21.63 15.99 -2.91
C GLN A 377 22.73 15.89 -3.95
N GLY A 378 22.42 15.25 -5.09
CA GLY A 378 23.25 15.25 -6.28
C GLY A 378 22.50 15.73 -7.50
N ILE A 379 23.26 16.12 -8.52
CA ILE A 379 22.77 16.30 -9.92
C ILE A 379 23.49 15.26 -10.76
N ASN A 380 22.74 14.48 -11.50
CA ASN A 380 23.31 13.43 -12.37
C ASN A 380 24.04 14.13 -13.51
N PRO A 381 25.32 13.81 -13.77
CA PRO A 381 25.99 14.38 -14.94
C PRO A 381 25.51 13.66 -16.21
N GLU A 382 25.95 14.15 -17.37
CA GLU A 382 26.02 13.36 -18.64
C GLU A 382 24.88 12.32 -18.69
N GLY A 383 23.62 12.71 -18.42
CA GLY A 383 22.43 11.82 -18.49
C GLY A 383 22.53 10.55 -17.64
N LYS A 384 23.30 10.51 -16.55
CA LYS A 384 23.47 9.26 -15.74
C LYS A 384 22.26 9.00 -14.83
N GLY A 385 21.29 9.91 -14.72
CA GLY A 385 20.15 9.74 -13.81
C GLY A 385 19.21 8.68 -14.35
N PHE A 386 18.86 7.65 -13.59
CA PHE A 386 17.95 6.59 -14.11
C PHE A 386 16.58 7.22 -14.40
N TYR A 387 16.11 8.14 -13.56
CA TYR A 387 14.69 8.58 -13.45
C TYR A 387 14.52 10.10 -13.62
N GLY A 388 15.60 10.84 -13.93
CA GLY A 388 15.60 12.32 -13.93
C GLY A 388 16.99 12.87 -13.62
N LYS A 389 17.15 14.19 -13.69
CA LYS A 389 18.48 14.87 -13.56
C LYS A 389 18.84 14.97 -12.09
N THR A 390 17.87 15.09 -11.19
CA THR A 390 18.16 15.42 -9.77
C THR A 390 18.17 14.12 -8.98
N PHE A 391 19.20 13.94 -8.16
CA PHE A 391 19.34 12.77 -7.27
C PHE A 391 19.02 13.22 -5.83
N TYR A 392 17.84 12.83 -5.38
CA TYR A 392 17.27 13.06 -4.02
C TYR A 392 16.84 14.51 -3.86
N PHE A 393 16.02 14.71 -2.85
CA PHE A 393 15.32 15.98 -2.54
C PHE A 393 15.21 16.09 -1.04
N GLN A 394 15.17 17.31 -0.50
CA GLN A 394 14.83 17.56 0.91
C GLN A 394 15.89 16.88 1.76
N THR A 395 17.12 16.91 1.28
CA THR A 395 18.34 16.37 1.93
C THR A 395 18.87 17.39 2.96
N ALA A 396 20.02 17.13 3.62
CA ALA A 396 20.64 18.07 4.60
C ALA A 396 21.26 19.25 3.83
N LEU A 397 21.91 18.95 2.72
CA LEU A 397 22.53 19.95 1.81
C LEU A 397 21.91 19.77 0.44
N ASP A 398 21.66 20.84 -0.31
CA ASP A 398 21.37 20.67 -1.76
C ASP A 398 22.68 20.39 -2.49
N ALA A 399 22.61 20.11 -3.79
CA ALA A 399 23.78 19.78 -4.64
C ALA A 399 24.83 20.89 -4.57
N ALA A 400 24.42 22.14 -4.39
CA ALA A 400 25.32 23.31 -4.31
C ALA A 400 25.97 23.45 -2.93
N SER A 401 25.55 22.67 -1.92
CA SER A 401 26.06 22.69 -0.53
C SER A 401 25.38 23.75 0.35
N ASN A 402 24.28 24.36 -0.11
CA ASN A 402 23.36 25.12 0.76
C ASN A 402 22.75 24.21 1.83
N LYS A 403 22.67 24.69 3.05
CA LYS A 403 21.94 23.96 4.11
C LYS A 403 20.44 24.04 3.83
N LEU A 404 19.77 22.90 3.88
CA LEU A 404 18.30 22.75 3.86
C LEU A 404 17.78 22.47 5.28
N ALA A 405 16.46 22.48 5.47
CA ALA A 405 15.80 22.31 6.80
C ALA A 405 16.37 21.09 7.53
N LEU A 406 16.62 19.98 6.84
CA LEU A 406 17.01 18.73 7.53
C LEU A 406 18.37 18.90 8.22
N TYR A 407 19.24 19.78 7.72
CA TYR A 407 20.61 19.98 8.29
C TYR A 407 20.53 20.23 9.80
N ASP A 408 19.61 21.11 10.18
CA ASP A 408 19.43 21.53 11.59
C ASP A 408 18.89 20.35 12.40
N SER A 409 18.05 19.49 11.82
CA SER A 409 17.51 18.31 12.54
C SER A 409 18.66 17.34 12.80
N ILE A 410 19.49 17.09 11.78
CA ILE A 410 20.64 16.15 11.91
C ILE A 410 21.65 16.72 12.93
N LYS A 411 21.87 18.04 12.96
CA LYS A 411 22.88 18.65 13.88
C LYS A 411 22.37 18.45 15.32
N LYS A 412 21.07 18.60 15.53
CA LYS A 412 20.43 18.45 16.85
C LYS A 412 20.59 17.00 17.31
N VAL A 413 20.29 16.04 16.46
CA VAL A 413 20.31 14.61 16.85
C VAL A 413 21.77 14.20 17.10
N ASN A 414 22.66 14.61 16.20
CA ASN A 414 24.10 14.27 16.30
C ASN A 414 24.66 14.86 17.63
N ARG A 415 24.23 16.05 17.98
CA ARG A 415 24.75 16.73 19.19
C ARG A 415 24.37 15.90 20.42
N PHE A 416 23.14 15.45 20.47
CA PHE A 416 22.63 14.57 21.55
C PHE A 416 23.46 13.30 21.56
N ILE A 417 23.69 12.66 20.41
CA ILE A 417 24.47 11.40 20.33
C ILE A 417 25.91 11.62 20.84
N ARG A 418 26.57 12.69 20.42
CA ARG A 418 28.00 12.90 20.81
C ARG A 418 28.04 13.17 22.31
N LYS A 419 27.06 13.88 22.85
CA LYS A 419 27.05 14.18 24.30
C LYS A 419 26.85 12.87 25.08
N GLU A 420 26.08 11.90 24.56
CA GLU A 420 25.55 10.76 25.38
C GLU A 420 26.13 9.40 25.00
N GLN A 421 26.85 9.29 23.89
CA GLN A 421 27.17 7.99 23.23
C GLN A 421 27.89 7.03 24.19
N LYS A 422 28.82 7.55 25.01
CA LYS A 422 29.62 6.73 25.97
C LYS A 422 28.70 5.91 26.89
N ASP A 423 27.59 6.49 27.36
CA ASP A 423 26.56 5.80 28.19
C ASP A 423 25.53 5.13 27.27
N LEU A 424 24.98 5.90 26.33
CA LEU A 424 23.81 5.48 25.50
C LEU A 424 24.18 4.16 24.80
N LEU A 425 25.36 4.08 24.22
CA LEU A 425 25.74 2.87 23.45
C LEU A 425 25.74 1.65 24.36
N ARG A 426 25.94 1.85 25.67
CA ARG A 426 26.09 0.77 26.67
C ARG A 426 24.77 0.45 27.35
N THR A 427 23.68 1.07 26.95
CA THR A 427 22.36 0.85 27.58
C THR A 427 21.66 -0.32 26.89
N ASN A 428 20.84 -1.00 27.68
CA ASN A 428 19.93 -2.08 27.23
C ASN A 428 18.51 -1.69 27.64
N VAL A 429 17.53 -2.25 26.94
CA VAL A 429 16.13 -2.40 27.44
C VAL A 429 16.04 -3.70 28.27
N ASN A 430 15.17 -3.75 29.25
CA ASN A 430 14.97 -5.00 30.02
C ASN A 430 13.90 -5.86 29.29
N SER A 431 14.30 -6.80 28.45
CA SER A 431 13.32 -7.63 27.69
C SER A 431 13.02 -8.88 28.50
N GLU A 432 11.78 -9.07 28.95
CA GLU A 432 11.41 -10.35 29.60
C GLU A 432 10.71 -11.28 28.62
N ILE A 433 10.52 -10.81 27.39
CA ILE A 433 9.81 -11.55 26.31
C ILE A 433 10.79 -11.84 25.19
N CYS A 434 10.80 -13.08 24.74
CA CYS A 434 11.59 -13.51 23.56
C CYS A 434 10.59 -14.00 22.53
N VAL A 435 10.74 -13.57 21.29
CA VAL A 435 9.95 -14.02 20.12
C VAL A 435 10.86 -14.81 19.18
N GLY A 436 10.42 -16.00 18.82
CA GLY A 436 11.17 -16.91 17.96
C GLY A 436 11.09 -16.49 16.52
N PHE A 437 12.24 -16.48 15.89
CA PHE A 437 12.42 -16.25 14.44
C PHE A 437 12.72 -17.62 13.80
N TYR A 438 11.71 -18.19 13.17
CA TYR A 438 11.79 -19.50 12.48
C TYR A 438 11.98 -19.23 10.99
N LYS A 439 13.22 -19.35 10.55
CA LYS A 439 13.65 -18.76 9.26
C LYS A 439 12.93 -19.44 8.11
N PRO A 440 12.70 -20.78 8.12
CA PRO A 440 12.03 -21.42 6.98
C PRO A 440 10.64 -20.89 6.61
N TYR A 441 9.94 -20.25 7.53
CA TYR A 441 8.65 -19.57 7.18
C TYR A 441 8.92 -18.40 6.23
N PHE A 442 10.15 -17.87 6.20
CA PHE A 442 10.55 -16.67 5.40
C PHE A 442 11.07 -17.10 4.03
N PHE A 443 11.31 -18.40 3.85
CA PHE A 443 11.99 -18.91 2.63
C PHE A 443 10.93 -19.09 1.54
N THR A 444 10.32 -18.01 1.07
CA THR A 444 9.23 -18.09 0.06
C THR A 444 9.42 -17.09 -1.08
N GLU A 445 10.57 -16.44 -1.21
CA GLU A 445 10.74 -15.38 -2.26
C GLU A 445 10.58 -15.94 -3.67
N LEU A 446 10.75 -17.26 -3.88
CA LEU A 446 10.56 -17.90 -5.22
C LEU A 446 9.08 -18.17 -5.49
N ILE A 447 8.21 -18.23 -4.46
CA ILE A 447 6.83 -18.78 -4.61
C ILE A 447 5.73 -17.88 -4.02
N SER A 448 6.05 -17.01 -3.06
CA SER A 448 5.02 -16.20 -2.38
C SER A 448 5.65 -14.97 -1.77
N SER A 449 5.34 -13.81 -2.31
CA SER A 449 5.80 -12.50 -1.77
C SER A 449 4.88 -11.39 -2.28
N GLN A 450 4.95 -10.23 -1.64
CA GLN A 450 4.23 -9.00 -2.05
C GLN A 450 4.67 -8.57 -3.45
N LEU A 451 5.90 -8.85 -3.87
CA LEU A 451 6.47 -8.41 -5.18
C LEU A 451 6.38 -9.51 -6.25
N LEU A 452 6.28 -10.80 -5.89
CA LEU A 452 6.32 -11.87 -6.93
C LEU A 452 5.08 -11.77 -7.84
N LYS A 453 5.24 -11.84 -9.16
CA LYS A 453 4.13 -11.68 -10.14
C LYS A 453 3.12 -12.80 -9.93
N GLU A 454 3.62 -14.03 -9.85
CA GLU A 454 2.86 -15.31 -9.82
C GLU A 454 2.69 -15.71 -8.35
N LYS A 455 1.48 -15.98 -7.87
CA LYS A 455 1.28 -16.75 -6.62
C LYS A 455 1.53 -18.23 -6.92
N LYS A 456 2.69 -18.76 -6.57
CA LYS A 456 3.02 -20.18 -6.85
C LYS A 456 2.59 -21.02 -5.64
N LEU A 457 2.47 -20.43 -4.43
CA LEU A 457 2.13 -21.21 -3.21
C LEU A 457 0.67 -20.97 -2.80
N ASN A 458 -0.14 -22.05 -2.82
CA ASN A 458 -1.54 -22.10 -2.30
C ASN A 458 -1.63 -23.29 -1.34
N VAL A 459 -1.57 -23.02 -0.05
CA VAL A 459 -1.34 -24.13 0.93
C VAL A 459 -2.56 -25.06 0.91
N GLU A 460 -3.75 -24.54 0.55
CA GLU A 460 -5.01 -25.34 0.56
C GLU A 460 -4.81 -26.53 -0.39
N GLU A 461 -4.14 -26.33 -1.51
CA GLU A 461 -3.86 -27.44 -2.46
C GLU A 461 -3.02 -28.54 -1.81
N LEU A 462 -2.36 -28.26 -0.67
CA LEU A 462 -1.39 -29.18 -0.05
C LEU A 462 -2.05 -29.85 1.17
N GLY A 463 -3.35 -29.63 1.37
CA GLY A 463 -4.09 -30.03 2.58
C GLY A 463 -3.66 -29.24 3.81
N LEU A 464 -3.14 -28.02 3.65
CA LEU A 464 -2.74 -27.11 4.75
C LEU A 464 -3.74 -25.94 4.81
N TYR A 465 -3.73 -25.16 5.90
CA TYR A 465 -4.54 -23.91 5.97
C TYR A 465 -3.70 -22.76 6.50
N ILE A 466 -2.51 -22.96 7.06
CA ILE A 466 -1.70 -21.82 7.59
C ILE A 466 -0.59 -21.43 6.61
N ASP A 467 -0.85 -20.41 5.82
CA ASP A 467 0.13 -19.88 4.82
C ASP A 467 1.28 -19.22 5.56
N PRO A 468 2.55 -19.62 5.31
CA PRO A 468 3.66 -19.12 6.11
C PRO A 468 3.88 -17.61 5.94
N ARG A 469 3.63 -17.10 4.75
CA ARG A 469 3.76 -15.65 4.46
C ARG A 469 2.65 -14.88 5.19
N PHE A 470 1.41 -15.35 5.15
CA PHE A 470 0.34 -14.78 5.99
C PHE A 470 0.72 -14.78 7.49
N LEU A 471 1.15 -15.92 8.03
CA LEU A 471 1.61 -16.03 9.43
C LEU A 471 2.67 -14.95 9.71
N ARG A 472 3.74 -14.88 8.90
CA ARG A 472 4.93 -14.08 9.26
C ARG A 472 4.64 -12.59 9.02
N GLU A 473 3.76 -12.23 8.07
CA GLU A 473 3.40 -10.80 7.88
C GLU A 473 2.33 -10.31 8.87
N GLU A 474 1.22 -11.03 9.03
CA GLU A 474 0.00 -10.50 9.72
C GLU A 474 -0.03 -11.01 11.16
N ILE A 475 0.41 -12.24 11.43
CA ILE A 475 0.34 -12.76 12.82
C ILE A 475 1.60 -12.31 13.58
N LEU A 476 2.77 -12.34 12.93
CA LEU A 476 4.05 -11.96 13.58
C LEU A 476 4.35 -10.45 13.38
N PHE A 477 4.68 -9.99 12.16
CA PHE A 477 5.28 -8.64 11.94
C PHE A 477 4.26 -7.55 12.30
N ASN A 478 3.11 -7.60 11.65
CA ASN A 478 2.03 -6.59 11.82
C ASN A 478 1.12 -6.95 12.99
N GLY A 479 1.30 -8.12 13.60
CA GLY A 479 0.44 -8.65 14.67
C GLY A 479 1.11 -8.55 16.03
N LEU A 480 1.81 -9.61 16.41
CA LEU A 480 2.49 -9.73 17.71
C LEU A 480 3.54 -8.63 17.90
N LEU A 481 4.50 -8.46 16.99
CA LEU A 481 5.58 -7.44 17.16
C LEU A 481 4.94 -6.05 17.24
N ARG A 482 3.95 -5.76 16.40
CA ARG A 482 3.26 -4.46 16.42
C ARG A 482 2.56 -4.27 17.77
N GLY A 483 1.88 -5.30 18.26
CA GLY A 483 1.10 -5.25 19.51
C GLY A 483 2.02 -5.06 20.71
N LEU A 484 3.09 -5.83 20.82
CA LEU A 484 4.07 -5.66 21.93
C LEU A 484 4.58 -4.22 21.96
N GLN A 485 4.95 -3.67 20.81
CA GLN A 485 5.51 -2.30 20.76
C GLN A 485 4.45 -1.28 21.16
N THR A 486 3.21 -1.45 20.68
CA THR A 486 2.08 -0.53 20.94
C THR A 486 1.83 -0.56 22.45
N LEU A 487 1.94 -1.75 23.06
CA LEU A 487 1.63 -1.95 24.51
C LEU A 487 2.84 -1.58 25.37
N ASN A 488 3.95 -1.23 24.75
CA ASN A 488 5.21 -0.83 25.44
C ASN A 488 5.75 -2.01 26.26
N TYR A 489 5.69 -3.23 25.72
CA TYR A 489 6.43 -4.41 26.25
C TYR A 489 7.70 -4.61 25.40
N ASN A 490 8.85 -4.51 26.05
CA ASN A 490 10.17 -4.82 25.45
C ASN A 490 10.15 -6.30 25.01
N TYR A 491 10.65 -6.59 23.82
CA TYR A 491 10.90 -7.97 23.37
C TYR A 491 12.26 -8.04 22.69
N ASP A 492 12.84 -9.25 22.70
CA ASP A 492 14.02 -9.62 21.87
C ASP A 492 13.54 -10.64 20.83
N VAL A 493 14.22 -10.73 19.70
CA VAL A 493 13.99 -11.80 18.70
C VAL A 493 15.22 -12.72 18.69
N VAL A 494 15.01 -14.05 18.67
CA VAL A 494 16.13 -15.03 18.71
C VAL A 494 15.91 -16.00 17.52
N ASP A 495 16.93 -16.13 16.67
CA ASP A 495 16.97 -17.13 15.59
C ASP A 495 16.97 -18.52 16.23
N LEU A 496 15.95 -19.33 15.92
CA LEU A 496 15.80 -20.70 16.48
C LEU A 496 16.79 -21.68 15.85
N GLU A 497 17.44 -21.36 14.73
CA GLU A 497 18.39 -22.32 14.11
C GLU A 497 19.65 -22.44 14.99
N ASN A 498 20.07 -23.67 15.31
CA ASN A 498 21.26 -23.99 16.16
C ASN A 498 21.21 -23.15 17.43
N CYS A 499 20.01 -22.96 17.98
CA CYS A 499 19.81 -22.04 19.11
C CYS A 499 20.20 -22.73 20.42
N ASP A 500 20.99 -22.04 21.23
CA ASP A 500 21.43 -22.48 22.59
C ASP A 500 20.23 -22.44 23.55
N LEU A 501 19.89 -23.55 24.22
CA LEU A 501 18.83 -23.56 25.28
C LEU A 501 19.08 -22.42 26.26
N LYS A 502 20.34 -22.23 26.67
CA LYS A 502 20.78 -21.24 27.68
C LYS A 502 20.46 -19.81 27.21
N SER A 503 20.46 -19.52 25.92
CA SER A 503 20.10 -18.16 25.43
C SER A 503 18.58 -17.92 25.51
N LEU A 504 17.75 -18.96 25.66
CA LEU A 504 16.26 -18.80 25.79
C LEU A 504 15.85 -18.69 27.26
N THR A 505 16.64 -19.16 28.22
CA THR A 505 16.21 -19.39 29.63
C THR A 505 16.22 -18.08 30.44
N ALA A 506 16.88 -17.02 29.96
CA ALA A 506 16.91 -15.68 30.61
C ALA A 506 15.55 -14.97 30.55
N TYR A 507 14.64 -15.36 29.65
CA TYR A 507 13.34 -14.68 29.40
C TYR A 507 12.23 -15.27 30.30
N LYS A 508 11.24 -14.47 30.66
CA LYS A 508 10.07 -15.01 31.40
C LYS A 508 9.17 -15.77 30.42
N GLN A 509 8.99 -15.28 29.19
CA GLN A 509 8.19 -15.95 28.16
C GLN A 509 8.96 -16.02 26.84
N LEU A 510 8.76 -17.12 26.12
CA LEU A 510 9.12 -17.37 24.70
C LEU A 510 7.83 -17.53 23.89
N TRP A 511 7.67 -16.68 22.89
CA TRP A 511 6.49 -16.66 21.99
C TRP A 511 6.90 -17.27 20.66
N ILE A 512 6.18 -18.33 20.28
CA ILE A 512 6.35 -18.98 18.94
C ILE A 512 5.06 -18.83 18.15
N THR A 513 5.15 -18.12 17.03
CA THR A 513 4.10 -18.08 15.99
C THR A 513 4.35 -19.26 15.04
N SER A 514 3.51 -20.28 15.08
CA SER A 514 3.80 -21.57 14.39
C SER A 514 2.81 -21.84 13.26
N ALA A 515 3.28 -22.42 12.17
CA ALA A 515 2.44 -23.00 11.11
C ALA A 515 2.27 -24.48 11.44
N GLU A 516 1.76 -25.26 10.50
CA GLU A 516 1.48 -26.70 10.71
C GLU A 516 2.79 -27.48 10.53
N PHE A 517 3.87 -26.81 10.12
CA PHE A 517 5.17 -27.48 9.86
C PHE A 517 6.29 -26.76 10.62
N MET A 518 7.27 -27.54 11.04
CA MET A 518 8.45 -27.11 11.84
C MET A 518 9.41 -28.30 11.92
N ASP A 519 10.72 -28.05 11.79
CA ASP A 519 11.72 -29.13 11.68
C ASP A 519 11.85 -29.79 13.06
N ALA A 520 12.36 -31.01 13.05
CA ALA A 520 12.61 -31.85 14.24
C ALA A 520 13.47 -31.09 15.24
N GLU A 521 14.51 -30.42 14.76
CA GLU A 521 15.51 -29.76 15.63
C GLU A 521 14.79 -28.67 16.45
N THR A 522 13.90 -27.90 15.82
CA THR A 522 13.15 -26.80 16.49
C THR A 522 12.05 -27.39 17.40
N GLN A 523 11.32 -28.38 16.94
CA GLN A 523 10.30 -29.08 17.76
C GLN A 523 10.97 -29.60 19.04
N ASN A 524 12.14 -30.21 18.90
CA ASN A 524 12.93 -30.70 20.06
C ASN A 524 13.34 -29.57 21.01
N LEU A 525 13.88 -28.49 20.46
CA LEU A 525 14.39 -27.34 21.25
C LEU A 525 13.24 -26.77 22.09
N LEU A 526 12.07 -26.60 21.50
CA LEU A 526 10.92 -25.98 22.22
C LEU A 526 10.44 -26.96 23.31
N SER A 527 10.50 -28.28 23.02
CA SER A 527 10.16 -29.37 23.98
C SER A 527 11.08 -29.26 25.20
N GLU A 528 12.39 -29.23 24.97
CA GLU A 528 13.41 -29.18 26.04
C GLU A 528 13.25 -27.86 26.79
N PHE A 529 12.99 -26.76 26.09
CA PHE A 529 12.77 -25.43 26.72
C PHE A 529 11.72 -25.51 27.84
N VAL A 530 10.53 -26.05 27.55
CA VAL A 530 9.40 -26.13 28.52
C VAL A 530 9.75 -27.18 29.59
N LEU A 531 10.21 -28.37 29.20
CA LEU A 531 10.49 -29.45 30.17
C LEU A 531 11.47 -28.92 31.24
N ASN A 532 12.44 -28.09 30.86
CA ASN A 532 13.49 -27.60 31.81
C ASN A 532 13.05 -26.36 32.57
N GLY A 533 11.81 -25.86 32.39
CA GLY A 533 11.25 -24.74 33.17
C GLY A 533 10.94 -23.47 32.35
N GLY A 534 10.97 -23.51 31.02
CA GLY A 534 10.60 -22.35 30.18
C GLY A 534 9.07 -22.18 30.15
N ASN A 535 8.60 -20.95 29.90
CA ASN A 535 7.18 -20.59 29.72
C ASN A 535 6.97 -20.30 28.24
N LEU A 536 6.31 -21.21 27.55
CA LEU A 536 6.06 -21.12 26.09
C LEU A 536 4.60 -20.67 25.82
N ILE A 537 4.48 -19.69 24.94
CA ILE A 537 3.22 -19.26 24.31
C ILE A 537 3.34 -19.64 22.82
N LEU A 538 2.45 -20.51 22.36
CA LEU A 538 2.53 -21.11 21.01
C LEU A 538 1.15 -20.96 20.36
N TYR A 539 1.11 -20.38 19.16
CA TYR A 539 -0.11 -20.24 18.32
C TYR A 539 0.32 -19.91 16.91
N PRO A 540 -0.54 -20.07 15.88
CA PRO A 540 -1.89 -20.64 16.03
C PRO A 540 -2.01 -22.17 15.90
N ALA A 541 -0.90 -22.88 15.84
CA ALA A 541 -0.94 -24.34 15.57
C ALA A 541 0.23 -25.04 16.27
N VAL A 542 -0.08 -26.12 17.00
CA VAL A 542 0.87 -27.23 17.23
C VAL A 542 1.26 -27.77 15.85
N PRO A 543 2.53 -27.69 15.43
CA PRO A 543 2.92 -28.25 14.13
C PRO A 543 2.90 -29.79 14.22
N THR A 544 2.69 -30.47 13.10
CA THR A 544 2.62 -31.95 13.01
C THR A 544 3.43 -32.46 11.81
N LEU A 545 4.01 -31.54 11.02
CA LEU A 545 4.85 -31.84 9.85
C LEU A 545 6.21 -31.19 10.00
N ASP A 546 7.17 -31.63 9.18
CA ASP A 546 8.53 -31.03 9.10
C ASP A 546 8.54 -30.07 7.90
N ASN A 547 9.72 -29.59 7.52
CA ASN A 547 9.88 -28.52 6.47
C ASN A 547 9.55 -29.08 5.09
N TYR A 548 9.52 -30.41 4.94
CA TYR A 548 9.19 -31.12 3.68
C TYR A 548 7.77 -31.67 3.76
N LEU A 549 7.03 -31.25 4.80
CA LEU A 549 5.59 -31.56 4.97
C LEU A 549 5.39 -33.08 5.16
N ASN A 550 6.40 -33.78 5.65
CA ASN A 550 6.28 -35.17 6.16
C ASN A 550 6.00 -35.15 7.66
N ARG A 551 5.50 -36.27 8.18
CA ARG A 551 5.05 -36.41 9.59
C ARG A 551 6.17 -36.02 10.55
N CYS A 552 5.92 -35.10 11.47
CA CYS A 552 6.81 -34.84 12.62
C CYS A 552 5.98 -34.33 13.79
N GLU A 553 5.75 -35.19 14.78
CA GLU A 553 4.78 -34.97 15.88
C GLU A 553 5.54 -34.90 17.20
N ILE A 554 6.82 -34.53 17.14
CA ILE A 554 7.72 -34.51 18.33
C ILE A 554 7.11 -33.59 19.42
N LEU A 555 6.74 -32.37 19.05
CA LEU A 555 6.35 -31.32 20.02
C LEU A 555 4.97 -31.68 20.54
N LYS A 556 4.07 -32.06 19.65
CA LYS A 556 2.72 -32.54 20.00
C LYS A 556 2.82 -33.69 21.03
N ASN A 557 3.67 -34.68 20.76
CA ASN A 557 3.83 -35.87 21.64
C ASN A 557 4.52 -35.45 22.93
N ASN A 558 5.57 -34.63 22.86
CA ASN A 558 6.32 -34.22 24.08
C ASN A 558 5.41 -33.38 24.99
N PHE A 559 4.48 -32.60 24.44
CA PHE A 559 3.58 -31.75 25.29
C PHE A 559 2.28 -32.47 25.64
N GLY A 560 2.06 -33.69 25.15
CA GLY A 560 0.90 -34.51 25.54
C GLY A 560 -0.38 -33.87 25.06
N ILE A 561 -0.35 -33.37 23.83
CA ILE A 561 -1.48 -32.65 23.18
C ILE A 561 -2.22 -33.59 22.23
N GLU A 562 -3.54 -33.64 22.34
CA GLU A 562 -4.43 -34.31 21.36
C GLU A 562 -5.32 -33.22 20.79
N PHE A 563 -5.49 -33.15 19.48
CA PHE A 563 -6.38 -32.12 18.90
C PHE A 563 -7.03 -32.65 17.63
N ILE A 564 -8.18 -32.08 17.29
CA ILE A 564 -8.85 -32.27 15.99
C ILE A 564 -8.93 -30.89 15.38
N THR A 565 -8.74 -30.76 14.08
CA THR A 565 -8.94 -29.47 13.36
C THR A 565 -10.42 -29.43 12.95
N LYS A 566 -11.18 -28.42 13.37
CA LYS A 566 -12.63 -28.29 13.12
C LYS A 566 -12.97 -26.86 12.66
N ASP A 567 -13.93 -26.73 11.76
CA ASP A 567 -14.44 -25.43 11.23
C ASP A 567 -15.35 -24.78 12.27
N SER A 568 -15.23 -23.48 12.48
CA SER A 568 -16.15 -22.70 13.34
C SER A 568 -16.13 -21.24 12.91
N SER A 569 -17.02 -20.44 13.45
CA SER A 569 -17.00 -18.96 13.35
C SER A 569 -15.56 -18.46 13.53
N HIS A 570 -15.19 -17.37 12.84
CA HIS A 570 -13.90 -16.65 13.06
C HIS A 570 -13.77 -16.17 14.52
N LYS A 571 -14.88 -15.94 15.21
CA LYS A 571 -14.81 -15.34 16.58
C LYS A 571 -14.69 -16.46 17.61
N VAL A 572 -13.79 -16.23 18.56
CA VAL A 572 -13.59 -17.08 19.75
C VAL A 572 -13.65 -16.17 20.98
N SER A 573 -13.80 -16.76 22.15
CA SER A 573 -13.52 -16.07 23.43
C SER A 573 -12.19 -16.60 23.96
N ALA A 574 -11.38 -15.74 24.54
CA ALA A 574 -10.06 -16.12 25.09
C ALA A 574 -9.83 -15.32 26.37
N PHE A 575 -9.51 -16.04 27.44
CA PHE A 575 -9.30 -15.50 28.81
C PHE A 575 -10.42 -14.52 29.18
N GLY A 576 -11.67 -14.81 28.77
CA GLY A 576 -12.86 -14.02 29.10
C GLY A 576 -13.05 -12.80 28.21
N ILE A 577 -12.18 -12.58 27.23
CA ILE A 577 -12.38 -11.58 26.14
C ILE A 577 -13.28 -12.23 25.10
N GLU A 578 -14.49 -11.68 24.89
CA GLU A 578 -15.47 -12.20 23.90
C GLU A 578 -15.15 -11.61 22.51
N ASP A 579 -15.59 -12.31 21.47
CA ASP A 579 -15.64 -11.80 20.08
C ASP A 579 -14.22 -11.40 19.66
N VAL A 580 -13.24 -12.22 20.03
CA VAL A 580 -11.87 -12.12 19.46
C VAL A 580 -11.94 -12.67 18.04
N PHE A 581 -11.76 -11.82 17.03
CA PHE A 581 -11.76 -12.22 15.62
C PHE A 581 -10.46 -12.97 15.31
N THR A 582 -10.57 -14.19 14.77
CA THR A 582 -9.43 -15.01 14.30
C THR A 582 -9.45 -15.16 12.79
N ALA A 583 -8.27 -15.37 12.21
CA ALA A 583 -8.04 -15.30 10.75
C ALA A 583 -8.71 -16.49 10.04
N PHE A 584 -8.83 -17.65 10.67
CA PHE A 584 -9.27 -18.92 10.00
C PHE A 584 -10.52 -19.51 10.65
N SER A 585 -11.40 -20.06 9.81
CA SER A 585 -12.54 -20.92 10.22
C SER A 585 -12.01 -22.17 10.96
N LYS A 586 -11.04 -22.85 10.37
CA LYS A 586 -10.39 -24.06 10.94
C LYS A 586 -9.62 -23.64 12.19
N LYS A 587 -9.84 -24.35 13.31
CA LYS A 587 -9.10 -24.15 14.58
C LYS A 587 -8.66 -25.52 15.08
N GLN A 588 -7.60 -25.53 15.88
CA GLN A 588 -7.20 -26.76 16.62
C GLN A 588 -8.08 -26.84 17.87
N ILE A 589 -8.79 -27.96 18.03
CA ILE A 589 -9.65 -28.24 19.20
C ILE A 589 -8.94 -29.25 20.10
N TYR A 590 -8.60 -28.85 21.32
CA TYR A 590 -7.77 -29.64 22.26
C TYR A 590 -8.69 -30.35 23.25
N ASN A 591 -8.38 -31.56 23.73
CA ASN A 591 -9.12 -32.05 24.91
C ASN A 591 -8.43 -31.49 26.15
N ASP A 592 -9.18 -31.43 27.26
CA ASP A 592 -8.83 -30.71 28.50
C ASP A 592 -7.97 -31.57 29.44
N THR A 593 -7.34 -32.63 28.94
CA THR A 593 -6.57 -33.58 29.78
C THR A 593 -5.42 -32.82 30.44
N ASN A 594 -5.35 -32.85 31.76
CA ASN A 594 -4.23 -32.28 32.54
C ASN A 594 -3.97 -30.83 32.12
N SER A 595 -5.01 -30.01 31.94
CA SER A 595 -4.88 -28.65 31.35
C SER A 595 -6.05 -27.77 31.79
N LYS A 596 -5.86 -26.47 31.73
CA LYS A 596 -6.92 -25.49 32.00
C LYS A 596 -7.36 -24.94 30.66
N PRO A 597 -8.65 -25.12 30.25
CA PRO A 597 -9.16 -24.54 29.00
C PRO A 597 -9.33 -23.04 29.20
N ILE A 598 -8.85 -22.24 28.25
CA ILE A 598 -8.83 -20.76 28.42
C ILE A 598 -9.31 -20.09 27.14
N ALA A 599 -9.70 -20.86 26.14
CA ALA A 599 -10.36 -20.30 24.94
C ALA A 599 -11.33 -21.30 24.35
N PHE A 600 -12.40 -20.77 23.77
CA PHE A 600 -13.61 -21.51 23.34
C PHE A 600 -14.09 -20.93 22.01
N THR A 601 -14.57 -21.82 21.14
CA THR A 601 -15.20 -21.46 19.85
C THR A 601 -16.64 -21.02 20.12
N GLN A 602 -17.35 -20.52 19.11
CA GLN A 602 -18.77 -20.13 19.25
C GLN A 602 -19.60 -21.33 19.69
N GLU A 603 -19.10 -22.57 19.52
CA GLU A 603 -19.82 -23.79 19.95
C GLU A 603 -19.29 -24.30 21.29
N ASN A 604 -18.52 -23.46 22.00
CA ASN A 604 -17.89 -23.75 23.31
C ASN A 604 -16.90 -24.92 23.24
N GLU A 605 -16.36 -25.22 22.07
CA GLU A 605 -15.25 -26.21 21.95
C GLU A 605 -13.94 -25.55 22.35
N ILE A 606 -13.01 -26.34 22.88
CA ILE A 606 -11.76 -25.82 23.47
C ILE A 606 -10.74 -25.58 22.36
N CYS A 607 -10.37 -24.32 22.17
CA CYS A 607 -9.38 -23.92 21.15
C CYS A 607 -8.23 -23.16 21.82
N GLY A 608 -8.02 -23.37 23.12
CA GLY A 608 -6.84 -22.88 23.85
C GLY A 608 -6.75 -23.46 25.24
N ILE A 609 -5.55 -23.82 25.66
CA ILE A 609 -5.30 -24.46 26.99
C ILE A 609 -3.98 -24.01 27.55
N ARG A 610 -3.86 -24.11 28.87
CA ARG A 610 -2.61 -23.88 29.62
C ARG A 610 -2.30 -25.13 30.41
N LYS A 611 -1.03 -25.48 30.51
CA LYS A 611 -0.62 -26.66 31.27
C LYS A 611 0.82 -26.50 31.78
N LYS A 612 1.11 -27.26 32.83
CA LYS A 612 2.44 -27.43 33.43
C LYS A 612 3.00 -28.73 32.88
N ILE A 613 4.24 -28.68 32.42
CA ILE A 613 4.94 -29.84 31.81
C ILE A 613 6.37 -29.79 32.31
N GLY A 614 6.80 -30.83 33.00
CA GLY A 614 8.06 -30.82 33.75
C GLY A 614 8.10 -29.57 34.58
N LYS A 615 9.13 -28.74 34.45
CA LYS A 615 9.26 -27.55 35.31
C LYS A 615 8.60 -26.32 34.67
N GLY A 616 8.07 -26.44 33.45
CA GLY A 616 7.70 -25.32 32.57
C GLY A 616 6.19 -25.18 32.43
N GLU A 617 5.79 -24.16 31.67
CA GLU A 617 4.40 -23.75 31.41
C GLU A 617 4.20 -23.70 29.90
N LEU A 618 3.06 -24.19 29.45
CA LEU A 618 2.68 -24.13 28.03
C LEU A 618 1.31 -23.47 27.92
N THR A 619 1.20 -22.47 27.04
CA THR A 619 -0.06 -21.84 26.61
C THR A 619 -0.15 -22.07 25.11
N ILE A 620 -1.15 -22.84 24.65
CA ILE A 620 -1.41 -23.06 23.20
C ILE A 620 -2.76 -22.43 22.88
N LEU A 621 -2.80 -21.68 21.80
CA LEU A 621 -4.04 -21.15 21.19
C LEU A 621 -4.15 -21.74 19.79
N GLY A 622 -5.26 -22.42 19.51
CA GLY A 622 -5.51 -23.13 18.24
C GLY A 622 -6.18 -22.22 17.23
N PHE A 623 -5.81 -20.94 17.23
CA PHE A 623 -6.44 -19.90 16.38
C PHE A 623 -5.43 -18.79 16.15
N ALA A 624 -5.63 -18.01 15.09
CA ALA A 624 -4.70 -17.00 14.54
C ALA A 624 -5.27 -15.60 14.74
N PHE A 625 -4.52 -14.76 15.44
CA PHE A 625 -4.86 -13.33 15.63
C PHE A 625 -3.57 -12.54 15.40
N GLY A 626 -3.69 -11.39 14.73
CA GLY A 626 -2.60 -10.42 14.61
C GLY A 626 -2.96 -9.20 15.45
N TYR A 627 -3.08 -8.04 14.83
CA TYR A 627 -3.57 -6.79 15.48
C TYR A 627 -4.44 -6.03 14.48
N THR A 628 -5.71 -6.42 14.44
CA THR A 628 -6.76 -5.82 13.56
C THR A 628 -7.99 -5.44 14.38
N SER A 629 -7.90 -5.48 15.70
CA SER A 629 -9.00 -5.10 16.64
C SER A 629 -8.43 -4.82 18.04
N ASP A 630 -9.17 -4.03 18.82
CA ASP A 630 -8.87 -3.74 20.25
C ASP A 630 -8.76 -5.08 21.00
N GLU A 631 -9.53 -6.10 20.60
CA GLU A 631 -9.58 -7.38 21.39
C GLU A 631 -8.19 -8.01 21.31
N HIS A 632 -7.50 -7.84 20.20
CA HIS A 632 -6.15 -8.45 20.01
C HIS A 632 -5.17 -7.84 20.99
N LEU A 633 -5.20 -6.52 21.21
CA LEU A 633 -4.26 -5.88 22.15
C LEU A 633 -4.63 -6.40 23.54
N GLU A 634 -5.91 -6.55 23.83
CA GLU A 634 -6.37 -7.02 25.17
C GLU A 634 -5.83 -8.42 25.40
N LEU A 635 -5.83 -9.25 24.35
CA LEU A 635 -5.40 -10.66 24.41
C LEU A 635 -3.89 -10.71 24.61
N ILE A 636 -3.12 -9.96 23.81
CA ILE A 636 -1.64 -9.94 24.00
C ILE A 636 -1.36 -9.49 25.45
N ASP A 637 -2.06 -8.47 25.94
CA ASP A 637 -1.78 -7.90 27.28
C ASP A 637 -2.02 -9.00 28.32
N LYS A 638 -3.11 -9.75 28.19
CA LYS A 638 -3.49 -10.84 29.12
C LYS A 638 -2.41 -11.92 29.14
N LEU A 639 -1.91 -12.31 27.97
CA LEU A 639 -0.94 -13.42 27.83
C LEU A 639 0.37 -12.97 28.48
N VAL A 640 0.81 -11.75 28.19
CA VAL A 640 2.06 -11.20 28.83
C VAL A 640 1.87 -11.23 30.34
N LYS A 641 0.68 -10.86 30.83
CA LYS A 641 0.44 -10.73 32.30
C LYS A 641 0.33 -12.12 32.95
N LEU A 642 0.22 -13.21 32.19
CA LEU A 642 0.20 -14.58 32.76
C LEU A 642 1.47 -14.81 33.57
N ASN A 643 2.58 -14.16 33.24
CA ASN A 643 3.86 -14.33 33.97
C ASN A 643 4.25 -13.02 34.65
N LYS A 644 3.27 -12.17 34.95
CA LYS A 644 3.43 -10.96 35.80
C LYS A 644 4.52 -10.04 35.22
N ILE A 645 4.70 -10.05 33.90
CA ILE A 645 5.57 -9.08 33.18
C ILE A 645 4.91 -7.70 33.26
N LYS A 646 5.68 -6.70 33.64
CA LYS A 646 5.19 -5.32 33.87
C LYS A 646 5.92 -4.34 32.94
N ARG A 647 5.21 -3.35 32.44
CA ARG A 647 5.82 -2.19 31.73
C ARG A 647 6.79 -1.46 32.67
N GLU A 648 7.82 -0.82 32.13
CA GLU A 648 8.82 0.00 32.88
C GLU A 648 8.17 1.27 33.49
N LEU A 649 7.09 1.79 32.88
CA LEU A 649 6.46 3.08 33.28
C LEU A 649 4.94 2.90 33.30
N PHE A 650 4.27 3.58 34.24
CA PHE A 650 2.82 3.90 34.21
C PHE A 650 2.71 5.23 33.45
N VAL A 651 2.08 5.21 32.27
CA VAL A 651 1.88 6.39 31.40
C VAL A 651 0.36 6.59 31.22
N SER A 652 -0.14 7.81 31.41
CA SER A 652 -1.60 8.08 31.52
C SER A 652 -2.27 7.93 30.14
N ASP A 653 -1.51 8.05 29.06
CA ASP A 653 -2.04 7.97 27.66
C ASP A 653 -1.46 6.70 27.03
N LYS A 654 -2.31 5.69 26.82
CA LYS A 654 -1.88 4.36 26.30
C LYS A 654 -1.34 4.49 24.87
N ASP A 655 -1.57 5.60 24.19
CA ASP A 655 -1.13 5.78 22.78
C ASP A 655 0.26 6.42 22.72
N ILE A 656 0.84 6.78 23.85
CA ILE A 656 2.26 7.23 23.92
C ILE A 656 3.13 5.99 23.90
N GLN A 657 4.10 5.93 23.01
CA GLN A 657 5.12 4.86 23.07
C GLN A 657 6.32 5.36 23.86
N PHE A 658 6.89 4.45 24.63
CA PHE A 658 8.13 4.74 25.39
C PHE A 658 9.07 3.54 25.34
N VAL A 659 10.36 3.87 25.49
CA VAL A 659 11.46 2.90 25.68
C VAL A 659 12.32 3.41 26.83
N VAL A 660 12.54 2.59 27.85
CA VAL A 660 13.53 2.89 28.92
C VAL A 660 14.81 2.12 28.58
N ARG A 661 15.91 2.82 28.32
CA ARG A 661 17.25 2.19 28.14
C ARG A 661 18.10 2.54 29.35
N GLU A 662 18.75 1.54 29.95
CA GLU A 662 19.62 1.85 31.10
C GLU A 662 20.88 0.97 31.12
N ASN A 663 21.89 1.50 31.78
CA ASN A 663 23.11 0.77 32.26
C ASN A 663 23.24 1.04 33.76
N ASN A 664 24.43 0.88 34.31
CA ASN A 664 24.70 1.07 35.75
C ASN A 664 24.57 2.55 36.14
N LYS A 665 25.03 3.45 35.27
CA LYS A 665 25.15 4.91 35.57
C LYS A 665 23.84 5.65 35.22
N SER A 666 23.19 5.26 34.12
CA SER A 666 22.34 6.15 33.30
C SER A 666 21.04 5.47 32.88
N ARG A 667 19.96 6.24 32.89
CA ARG A 667 18.62 5.83 32.35
C ARG A 667 18.21 6.88 31.33
N TYR A 668 17.84 6.45 30.13
CA TYR A 668 17.20 7.32 29.12
C TYR A 668 15.75 6.89 28.96
N ILE A 669 14.83 7.84 29.13
CA ILE A 669 13.41 7.62 28.78
C ILE A 669 13.17 8.32 27.45
N PHE A 670 12.88 7.53 26.41
CA PHE A 670 12.39 7.98 25.10
C PHE A 670 10.84 7.94 25.12
N PHE A 671 10.18 9.09 24.92
CA PHE A 671 8.74 9.14 24.60
C PHE A 671 8.59 9.45 23.10
N LEU A 672 7.71 8.69 22.43
CA LEU A 672 7.42 8.82 20.98
C LEU A 672 5.92 8.96 20.78
N ASN A 673 5.52 10.03 20.08
CA ASN A 673 4.12 10.32 19.73
C ASN A 673 3.96 10.14 18.23
N TYR A 674 3.50 8.95 17.85
CA TYR A 674 3.32 8.54 16.45
C TYR A 674 1.95 8.97 15.94
N HIS A 675 1.32 9.97 16.58
CA HIS A 675 -0.08 10.30 16.27
C HIS A 675 -0.20 11.79 15.96
N ASN A 676 -1.19 12.17 15.16
CA ASN A 676 -1.40 13.61 14.82
C ASN A 676 -2.30 14.21 15.89
N GLU A 677 -1.74 14.35 17.08
CA GLU A 677 -2.47 14.92 18.25
C GLU A 677 -1.41 15.48 19.18
N ARG A 678 -1.60 16.70 19.66
CA ARG A 678 -0.77 17.19 20.77
C ARG A 678 -1.24 16.44 22.02
N LYS A 679 -0.35 15.74 22.69
CA LYS A 679 -0.72 14.88 23.83
C LYS A 679 -0.08 15.43 25.11
N THR A 680 -0.91 15.69 26.11
CA THR A 680 -0.45 16.00 27.48
C THR A 680 -0.79 14.81 28.36
N PHE A 681 0.20 14.27 29.04
CA PHE A 681 0.08 13.03 29.81
C PHE A 681 1.03 13.09 31.00
N ASN A 682 0.81 12.20 31.96
CA ASN A 682 1.75 12.05 33.09
C ASN A 682 2.35 10.66 33.05
N TYR A 683 3.44 10.47 33.77
CA TYR A 683 4.07 9.14 33.92
C TYR A 683 4.80 9.04 35.26
N ARG A 684 5.17 7.80 35.57
CA ARG A 684 5.97 7.41 36.75
C ARG A 684 6.61 6.05 36.47
N LYS A 685 7.77 5.78 37.07
CA LYS A 685 8.38 4.44 37.03
C LYS A 685 7.50 3.48 37.85
N SER A 686 7.38 2.23 37.43
CA SER A 686 6.62 1.18 38.16
C SER A 686 7.21 0.95 39.57
N SER A 687 8.14 1.81 40.04
CA SER A 687 8.67 1.84 41.43
C SER A 687 8.86 3.28 41.92
N LYS A 693 4.32 13.52 42.53
CA LYS A 693 5.12 12.30 42.28
C LYS A 693 5.19 12.10 40.75
N SER A 694 4.05 12.00 40.06
CA SER A 694 3.94 11.83 38.57
C SER A 694 4.45 13.08 37.82
N GLU A 695 5.18 12.86 36.73
CA GLU A 695 5.76 13.93 35.86
C GLU A 695 4.79 14.20 34.71
N GLU A 696 4.57 15.48 34.36
CA GLU A 696 3.64 15.88 33.28
C GLU A 696 4.47 16.26 32.04
N ILE A 697 4.04 15.82 30.87
CA ILE A 697 4.75 16.04 29.58
C ILE A 697 3.72 16.46 28.55
N SER A 698 4.07 17.47 27.76
N SER A 698 4.08 17.44 27.73
CA SER A 698 3.35 17.85 26.52
CA SER A 698 3.30 17.83 26.53
C SER A 698 4.24 17.47 25.34
C SER A 698 4.19 17.56 25.31
N ILE A 699 3.67 16.79 24.35
CA ILE A 699 4.45 16.31 23.18
C ILE A 699 3.67 16.68 21.91
N ALA A 700 4.35 17.26 20.95
CA ALA A 700 3.71 17.67 19.68
C ALA A 700 3.36 16.43 18.86
N PRO A 701 2.45 16.57 17.87
CA PRO A 701 2.21 15.53 16.89
C PRO A 701 3.55 15.06 16.31
N PHE A 702 3.68 13.75 16.13
CA PHE A 702 4.77 13.09 15.37
C PHE A 702 6.14 13.50 15.92
N SER A 703 6.22 13.53 17.24
CA SER A 703 7.33 14.17 17.98
C SER A 703 7.82 13.25 19.08
N TYR A 704 8.81 13.73 19.83
CA TYR A 704 9.56 12.92 20.81
C TYR A 704 9.97 13.79 21.99
N LYS A 705 10.17 13.14 23.14
CA LYS A 705 10.97 13.69 24.27
C LYS A 705 11.99 12.64 24.68
N VAL A 706 13.15 13.11 25.14
CA VAL A 706 14.18 12.24 25.75
C VAL A 706 14.50 12.83 27.12
N ILE A 707 14.28 12.02 28.16
CA ILE A 707 14.70 12.38 29.56
C ILE A 707 15.94 11.55 29.90
N LYS A 708 17.00 12.19 30.40
CA LYS A 708 18.13 11.47 31.01
C LYS A 708 18.09 11.59 32.54
N GLU A 709 18.30 10.48 33.23
CA GLU A 709 18.44 10.42 34.71
C GLU A 709 19.80 9.82 35.06
N ASN A 710 20.48 10.42 36.04
CA ASN A 710 21.76 9.96 36.61
C ASN A 710 21.42 9.07 37.82
N LYS A 711 21.70 7.75 37.78
CA LYS A 711 21.15 6.76 38.76
C LYS A 711 21.92 6.77 40.10
N SER B 1 -25.82 27.24 -12.36
CA SER B 1 -24.92 26.20 -12.97
C SER B 1 -24.54 25.10 -11.96
N GLU B 2 -24.35 25.43 -10.68
CA GLU B 2 -23.95 24.45 -9.63
C GLU B 2 -25.14 23.56 -9.24
N LYS B 3 -24.87 22.29 -8.92
CA LYS B 3 -25.87 21.35 -8.36
C LYS B 3 -25.66 21.25 -6.86
N TYR B 4 -26.72 21.41 -6.09
CA TYR B 4 -26.65 21.41 -4.62
C TYR B 4 -28.02 21.03 -4.07
N PHE B 5 -28.02 20.54 -2.85
CA PHE B 5 -29.24 20.16 -2.14
C PHE B 5 -29.92 21.45 -1.76
N VAL B 6 -31.23 21.40 -1.56
CA VAL B 6 -32.03 22.62 -1.22
C VAL B 6 -32.87 22.33 0.03
N LYS B 7 -32.99 23.34 0.87
CA LYS B 7 -33.85 23.28 2.07
C LYS B 7 -34.48 24.67 2.25
N ASN B 8 -35.81 24.72 2.38
CA ASN B 8 -36.56 25.99 2.57
C ASN B 8 -36.23 26.92 1.39
N GLY B 9 -36.21 26.35 0.19
CA GLY B 9 -35.90 27.02 -1.08
C GLY B 9 -34.58 27.77 -1.07
N GLN B 10 -33.59 27.35 -0.30
CA GLN B 10 -32.25 27.98 -0.30
C GLN B 10 -31.23 26.86 -0.50
N PRO B 11 -30.00 27.16 -0.96
CA PRO B 11 -28.96 26.15 -1.04
C PRO B 11 -28.76 25.62 0.38
N HIS B 12 -28.66 24.29 0.50
CA HIS B 12 -28.55 23.55 1.77
C HIS B 12 -27.37 22.58 1.69
N PHE B 13 -26.36 22.76 2.53
CA PHE B 13 -25.28 21.77 2.61
C PHE B 13 -25.79 20.58 3.43
N LEU B 14 -25.92 19.41 2.83
CA LEU B 14 -26.46 18.22 3.54
C LEU B 14 -25.37 17.80 4.55
N ILE B 15 -25.62 17.95 5.85
CA ILE B 15 -24.74 17.47 6.94
C ILE B 15 -25.48 16.35 7.69
N SER B 16 -25.10 15.11 7.38
CA SER B 16 -25.69 13.89 7.95
C SER B 16 -24.63 13.21 8.83
N GLY B 17 -25.09 12.54 9.88
CA GLY B 17 -24.23 11.69 10.72
C GLY B 17 -24.81 10.30 10.79
N GLU B 18 -23.97 9.30 10.60
CA GLU B 18 -24.40 7.89 10.64
C GLU B 18 -24.46 7.46 12.11
N VAL B 19 -25.62 6.97 12.51
CA VAL B 19 -25.93 6.52 13.89
C VAL B 19 -26.77 5.25 13.75
N HIS B 20 -26.17 4.10 14.10
CA HIS B 20 -26.77 2.77 13.94
C HIS B 20 -27.54 2.46 15.21
N TYR B 21 -28.82 2.75 15.19
CA TYR B 21 -29.74 2.52 16.32
C TYR B 21 -29.57 1.05 16.79
N PHE B 22 -29.43 0.08 15.88
CA PHE B 22 -29.39 -1.38 16.20
C PHE B 22 -28.10 -1.72 16.95
N ARG B 23 -27.16 -0.78 17.04
CA ARG B 23 -25.83 -1.00 17.69
C ARG B 23 -25.66 -0.08 18.90
N ILE B 24 -26.75 0.56 19.35
CA ILE B 24 -26.70 1.59 20.43
C ILE B 24 -27.81 1.29 21.43
N ASN B 25 -27.41 1.35 22.69
CA ASN B 25 -28.28 1.35 23.88
C ASN B 25 -29.46 2.28 23.63
N PRO B 26 -30.69 1.73 23.46
CA PRO B 26 -31.86 2.55 23.14
C PRO B 26 -32.14 3.67 24.16
N LYS B 27 -31.78 3.47 25.42
CA LYS B 27 -31.90 4.53 26.45
C LYS B 27 -31.12 5.76 26.02
N LEU B 28 -30.10 5.62 25.16
CA LEU B 28 -29.19 6.72 24.80
C LEU B 28 -29.46 7.17 23.37
N TRP B 29 -30.48 6.63 22.70
CA TRP B 29 -30.84 7.04 21.32
C TRP B 29 -31.07 8.56 21.29
N ARG B 30 -31.88 9.11 22.21
CA ARG B 30 -32.21 10.56 22.20
C ARG B 30 -30.92 11.37 22.44
N ASN B 31 -30.07 10.93 23.36
CA ASN B 31 -28.80 11.64 23.65
C ASN B 31 -27.92 11.71 22.39
N HIS B 32 -27.72 10.61 21.66
CA HIS B 32 -26.93 10.57 20.38
C HIS B 32 -27.51 11.60 19.42
N LEU B 33 -28.83 11.56 19.22
CA LEU B 33 -29.54 12.43 18.25
C LEU B 33 -29.38 13.90 18.66
N GLN B 34 -29.47 14.22 19.95
CA GLN B 34 -29.33 15.61 20.43
C GLN B 34 -27.88 16.05 20.24
N LEU B 35 -26.92 15.20 20.54
CA LEU B 35 -25.50 15.60 20.35
C LEU B 35 -25.21 15.81 18.86
N LEU B 36 -25.80 15.00 17.99
CA LEU B 36 -25.65 15.13 16.50
C LEU B 36 -26.22 16.48 16.08
N LYS B 37 -27.48 16.73 16.41
CA LYS B 37 -28.14 18.03 16.15
C LYS B 37 -27.28 19.18 16.68
N GLN B 38 -26.71 19.05 17.87
CA GLN B 38 -25.94 20.16 18.50
C GLN B 38 -24.65 20.47 17.73
N THR B 39 -24.20 19.62 16.79
CA THR B 39 -23.02 19.96 15.94
C THR B 39 -23.46 20.82 14.74
N GLY B 40 -24.76 21.00 14.53
CA GLY B 40 -25.32 21.69 13.36
C GLY B 40 -25.71 20.72 12.26
N ALA B 41 -25.49 19.41 12.42
CA ALA B 41 -25.99 18.41 11.45
C ALA B 41 -27.53 18.52 11.35
N ASP B 42 -28.06 18.24 10.16
CA ASP B 42 -29.50 18.39 9.87
C ASP B 42 -30.14 17.02 9.65
N THR B 43 -29.32 16.00 9.38
CA THR B 43 -29.78 14.64 8.98
C THR B 43 -29.04 13.58 9.78
N VAL B 44 -29.67 12.44 9.97
CA VAL B 44 -29.04 11.22 10.55
C VAL B 44 -29.28 10.09 9.55
N SER B 45 -28.34 9.15 9.46
CA SER B 45 -28.35 8.06 8.46
C SER B 45 -28.15 6.71 9.15
N THR B 46 -28.88 5.68 8.72
CA THR B 46 -28.75 4.33 9.31
C THR B 46 -29.19 3.27 8.34
N TYR B 47 -28.58 2.10 8.44
CA TYR B 47 -29.12 0.83 7.90
C TYR B 47 -30.35 0.46 8.73
N ILE B 48 -31.26 -0.26 8.08
CA ILE B 48 -32.35 -1.03 8.71
C ILE B 48 -32.08 -2.47 8.32
N PRO B 49 -31.37 -3.23 9.17
CA PRO B 49 -30.87 -4.54 8.76
C PRO B 49 -31.98 -5.60 8.74
N TRP B 50 -32.08 -6.26 7.59
CA TRP B 50 -33.08 -7.31 7.38
C TRP B 50 -32.94 -8.37 8.47
N ASP B 51 -31.72 -8.83 8.74
CA ASP B 51 -31.44 -9.87 9.76
C ASP B 51 -31.99 -9.45 11.12
N TRP B 52 -31.85 -8.17 11.45
CA TRP B 52 -32.18 -7.61 12.77
C TRP B 52 -33.70 -7.56 12.99
N HIS B 53 -34.52 -7.45 11.94
CA HIS B 53 -35.98 -7.17 12.06
C HIS B 53 -36.84 -8.37 11.65
N GLU B 54 -36.45 -9.14 10.63
CA GLU B 54 -37.11 -10.44 10.33
C GLU B 54 -36.37 -11.49 11.16
N ILE B 55 -36.71 -11.58 12.46
CA ILE B 55 -35.93 -12.34 13.48
C ILE B 55 -36.01 -13.86 13.20
N GLU B 56 -37.14 -14.32 12.68
CA GLU B 56 -37.33 -15.66 12.06
C GLU B 56 -38.17 -15.46 10.81
N GLU B 57 -38.26 -16.48 9.95
CA GLU B 57 -39.04 -16.38 8.69
C GLU B 57 -40.45 -15.92 9.06
N ASP B 58 -40.86 -14.78 8.48
CA ASP B 58 -42.21 -14.18 8.58
C ASP B 58 -42.58 -13.77 10.02
N ASP B 59 -41.59 -13.52 10.87
CA ASP B 59 -41.74 -12.92 12.22
C ASP B 59 -40.96 -11.59 12.24
N PHE B 60 -41.67 -10.47 12.16
CA PHE B 60 -41.07 -9.12 12.04
C PHE B 60 -41.25 -8.39 13.36
N ASP B 61 -40.17 -7.80 13.86
CA ASP B 61 -40.17 -6.90 15.04
C ASP B 61 -39.54 -5.56 14.62
N PHE B 62 -40.35 -4.52 14.45
CA PHE B 62 -39.91 -3.11 14.21
C PHE B 62 -40.26 -2.20 15.39
N GLU B 63 -40.72 -2.80 16.50
CA GLU B 63 -41.32 -2.07 17.66
C GLU B 63 -40.61 -2.43 18.97
N GLY B 64 -39.49 -3.13 18.90
CA GLY B 64 -38.78 -3.58 20.10
C GLY B 64 -39.56 -4.59 20.92
N LYS B 65 -40.40 -5.43 20.32
CA LYS B 65 -41.13 -6.46 21.11
C LYS B 65 -40.10 -7.43 21.71
N THR B 66 -39.06 -7.80 20.96
CA THR B 66 -38.15 -8.92 21.29
C THR B 66 -36.78 -8.41 21.75
N HIS B 67 -36.49 -7.13 21.55
CA HIS B 67 -35.22 -6.47 21.94
C HIS B 67 -35.46 -4.99 21.74
N PRO B 68 -35.16 -4.13 22.73
CA PRO B 68 -35.54 -2.71 22.59
C PRO B 68 -34.87 -2.04 21.37
N ALA B 69 -33.75 -2.56 20.89
CA ALA B 69 -32.97 -1.96 19.79
C ALA B 69 -33.54 -2.39 18.43
N ARG B 70 -34.57 -3.25 18.42
CA ARG B 70 -35.38 -3.52 17.20
C ARG B 70 -36.54 -2.52 17.06
N ASN B 71 -36.64 -1.53 17.95
CA ASN B 71 -37.70 -0.50 17.94
C ASN B 71 -37.39 0.62 16.93
N LEU B 72 -37.38 0.31 15.63
CA LEU B 72 -37.19 1.27 14.52
C LEU B 72 -38.23 2.38 14.64
N ILE B 73 -39.49 2.03 14.93
CA ILE B 73 -40.61 3.02 14.99
C ILE B 73 -40.20 4.14 15.96
N ARG B 74 -39.77 3.77 17.16
CA ARG B 74 -39.37 4.74 18.20
C ARG B 74 -38.16 5.55 17.72
N PHE B 75 -37.22 4.94 16.98
CA PHE B 75 -36.02 5.69 16.54
C PHE B 75 -36.46 6.78 15.55
N ILE B 76 -37.39 6.41 14.65
CA ILE B 76 -38.00 7.37 13.70
C ILE B 76 -38.69 8.49 14.50
N LYS B 77 -39.52 8.12 15.49
CA LYS B 77 -40.22 9.11 16.38
C LYS B 77 -39.17 10.04 17.01
N LEU B 78 -38.04 9.51 17.49
CA LEU B 78 -36.96 10.32 18.13
C LEU B 78 -36.34 11.30 17.12
N CYS B 79 -36.11 10.87 15.88
CA CYS B 79 -35.54 11.75 14.81
C CYS B 79 -36.49 12.95 14.59
N LYS B 80 -37.79 12.68 14.48
CA LYS B 80 -38.81 13.76 14.37
C LYS B 80 -38.72 14.68 15.60
N GLU B 81 -38.72 14.12 16.83
CA GLU B 81 -38.76 14.94 18.07
C GLU B 81 -37.49 15.77 18.19
N GLU B 82 -36.35 15.30 17.66
CA GLU B 82 -35.06 16.03 17.74
C GLU B 82 -34.77 16.81 16.44
N ASN B 83 -35.77 16.93 15.55
CA ASN B 83 -35.68 17.71 14.28
C ASN B 83 -34.43 17.35 13.48
N LEU B 84 -34.22 16.06 13.27
CA LEU B 84 -33.27 15.51 12.29
C LEU B 84 -34.07 14.85 11.18
N ASP B 85 -33.74 15.16 9.93
CA ASP B 85 -34.16 14.35 8.79
C ASP B 85 -33.47 12.99 8.87
N LEU B 86 -33.94 12.03 8.10
CA LEU B 86 -33.47 10.63 8.20
C LEU B 86 -33.18 10.03 6.83
N ILE B 87 -32.00 9.44 6.67
CA ILE B 87 -31.67 8.57 5.52
C ILE B 87 -31.76 7.11 5.98
N VAL B 88 -32.53 6.28 5.29
CA VAL B 88 -32.72 4.86 5.66
C VAL B 88 -32.13 4.00 4.56
N LYS B 89 -31.58 2.87 4.96
CA LYS B 89 -30.82 1.98 4.05
C LYS B 89 -31.20 0.53 4.38
N PRO B 90 -32.37 0.04 3.87
CA PRO B 90 -32.89 -1.27 4.27
C PRO B 90 -32.27 -2.47 3.53
N GLY B 91 -31.24 -2.25 2.69
CA GLY B 91 -30.61 -3.36 1.97
C GLY B 91 -31.35 -3.80 0.72
N PRO B 92 -31.40 -5.12 0.38
CA PRO B 92 -31.15 -6.20 1.35
C PRO B 92 -29.73 -6.36 1.93
N TYR B 93 -28.69 -6.17 1.13
CA TYR B 93 -27.31 -6.13 1.68
C TYR B 93 -27.07 -4.79 2.37
N ILE B 94 -26.38 -4.79 3.50
CA ILE B 94 -25.95 -3.52 4.17
C ILE B 94 -24.43 -3.54 4.41
N LEU B 95 -23.79 -4.68 4.28
CA LEU B 95 -22.36 -4.88 4.66
C LEU B 95 -22.12 -4.39 6.09
N ALA B 96 -21.49 -3.24 6.29
CA ALA B 96 -21.39 -2.53 7.58
C ALA B 96 -20.86 -3.45 8.69
N GLU B 97 -20.03 -4.45 8.34
CA GLU B 97 -19.43 -5.45 9.28
C GLU B 97 -20.52 -6.14 10.13
N TYR B 98 -21.71 -6.29 9.58
CA TYR B 98 -22.87 -6.98 10.19
C TYR B 98 -22.79 -8.42 9.69
N GLU B 99 -23.01 -9.39 10.57
CA GLU B 99 -22.89 -10.82 10.21
C GLU B 99 -23.75 -11.12 8.97
N ASN B 100 -23.22 -11.94 8.05
CA ASN B 100 -23.93 -12.33 6.80
C ASN B 100 -24.24 -11.07 5.95
N GLN B 101 -23.52 -9.98 6.19
CA GLN B 101 -23.67 -8.67 5.48
C GLN B 101 -25.10 -8.13 5.56
N GLY B 102 -25.88 -8.54 6.56
CA GLY B 102 -27.24 -8.04 6.81
C GLY B 102 -28.32 -9.02 6.44
N LEU B 103 -27.99 -10.07 5.69
CA LEU B 103 -28.99 -11.09 5.27
C LEU B 103 -29.29 -11.98 6.47
N PRO B 104 -30.55 -12.37 6.72
CA PRO B 104 -30.86 -13.22 7.88
C PRO B 104 -30.17 -14.60 7.85
N SER B 105 -29.80 -15.12 9.02
CA SER B 105 -29.24 -16.47 9.17
C SER B 105 -30.23 -17.50 8.65
N TRP B 106 -31.51 -17.33 9.00
CA TRP B 106 -32.57 -18.32 8.67
C TRP B 106 -32.70 -18.40 7.14
N LEU B 107 -32.50 -17.28 6.42
CA LEU B 107 -32.60 -17.21 4.94
C LEU B 107 -31.44 -17.98 4.31
N LEU B 108 -30.21 -17.64 4.67
CA LEU B 108 -29.00 -18.31 4.12
C LEU B 108 -29.08 -19.81 4.41
N LYS B 109 -29.60 -20.20 5.57
CA LYS B 109 -29.64 -21.63 5.98
C LYS B 109 -30.50 -22.42 4.98
N LYS B 110 -31.63 -21.86 4.50
CA LYS B 110 -32.65 -22.64 3.72
C LYS B 110 -32.71 -22.30 2.22
N LEU B 111 -32.02 -21.28 1.72
CA LEU B 111 -31.93 -21.03 0.26
C LEU B 111 -31.33 -22.27 -0.41
N SER B 112 -31.83 -22.67 -1.59
CA SER B 112 -31.23 -23.72 -2.45
C SER B 112 -29.85 -23.26 -2.97
N LYS B 113 -29.03 -24.22 -3.40
CA LYS B 113 -27.68 -23.98 -4.00
C LYS B 113 -27.77 -22.94 -5.14
N ASN B 114 -28.80 -23.04 -5.99
CA ASN B 114 -28.93 -22.25 -7.25
C ASN B 114 -29.35 -20.80 -6.92
N ALA B 115 -29.55 -20.45 -5.64
CA ALA B 115 -29.78 -19.05 -5.18
C ALA B 115 -28.44 -18.35 -4.86
N PHE B 116 -27.33 -19.09 -4.76
CA PHE B 116 -25.99 -18.53 -4.45
C PHE B 116 -25.23 -18.19 -5.72
N ALA B 117 -24.28 -17.27 -5.58
CA ALA B 117 -23.24 -16.97 -6.58
C ALA B 117 -22.36 -18.22 -6.67
N LEU B 118 -22.05 -18.68 -7.88
CA LEU B 118 -21.30 -19.96 -8.09
C LEU B 118 -20.02 -19.66 -8.85
N ASP B 119 -18.93 -20.39 -8.57
CA ASP B 119 -17.68 -20.29 -9.36
C ASP B 119 -17.88 -21.04 -10.69
N GLU B 120 -16.85 -21.14 -11.53
CA GLU B 120 -17.03 -21.71 -12.90
C GLU B 120 -17.22 -23.23 -12.86
N ASN B 121 -16.97 -23.88 -11.71
CA ASN B 121 -17.19 -25.34 -11.50
C ASN B 121 -18.54 -25.60 -10.81
N GLY B 122 -19.32 -24.56 -10.52
CA GLY B 122 -20.66 -24.69 -9.92
C GLY B 122 -20.62 -24.82 -8.40
N ASN B 123 -19.52 -24.39 -7.76
CA ASN B 123 -19.34 -24.40 -6.29
C ASN B 123 -19.82 -23.06 -5.70
N VAL B 124 -20.42 -23.09 -4.52
CA VAL B 124 -20.86 -21.87 -3.77
C VAL B 124 -19.61 -21.05 -3.44
N ILE B 125 -19.54 -19.80 -3.89
CA ILE B 125 -18.35 -18.90 -3.71
C ILE B 125 -18.23 -18.53 -2.22
N SER B 126 -19.35 -18.21 -1.58
CA SER B 126 -19.41 -17.74 -0.17
C SER B 126 -20.77 -18.06 0.41
N PRO B 127 -20.82 -18.58 1.66
CA PRO B 127 -22.10 -18.89 2.29
C PRO B 127 -22.97 -17.66 2.59
N ASP B 128 -22.38 -16.45 2.47
CA ASP B 128 -23.01 -15.11 2.61
C ASP B 128 -23.48 -14.53 1.26
N LEU B 129 -22.98 -15.06 0.14
CA LEU B 129 -23.05 -14.37 -1.17
C LEU B 129 -24.13 -15.01 -2.05
N VAL B 130 -25.27 -14.32 -2.14
CA VAL B 130 -26.36 -14.73 -3.06
C VAL B 130 -26.02 -14.22 -4.48
N SER B 131 -26.76 -14.76 -5.42
CA SER B 131 -26.86 -14.31 -6.83
C SER B 131 -27.94 -13.23 -6.86
N TYR B 132 -27.59 -11.98 -7.20
CA TYR B 132 -28.50 -10.82 -7.13
C TYR B 132 -29.86 -11.15 -7.78
N LEU B 133 -29.89 -11.87 -8.91
CA LEU B 133 -31.15 -12.15 -9.66
C LEU B 133 -31.69 -13.56 -9.39
N SER B 134 -31.27 -14.25 -8.34
CA SER B 134 -31.90 -15.51 -7.87
C SER B 134 -33.39 -15.28 -7.57
N ASP B 135 -34.28 -16.07 -8.17
CA ASP B 135 -35.75 -15.95 -7.92
C ASP B 135 -36.03 -16.09 -6.42
N GLU B 136 -35.29 -16.98 -5.77
CA GLU B 136 -35.50 -17.29 -4.33
C GLU B 136 -35.05 -16.07 -3.50
N PHE B 137 -33.90 -15.50 -3.84
CA PHE B 137 -33.35 -14.32 -3.15
C PHE B 137 -34.32 -13.14 -3.31
N LEU B 138 -34.82 -12.90 -4.52
CA LEU B 138 -35.69 -11.73 -4.79
C LEU B 138 -37.09 -11.96 -4.18
N GLU B 139 -37.54 -13.20 -4.09
CA GLU B 139 -38.86 -13.52 -3.46
C GLU B 139 -38.79 -13.09 -1.98
N TYR B 140 -37.76 -13.50 -1.27
CA TYR B 140 -37.60 -13.15 0.16
C TYR B 140 -37.25 -11.66 0.32
N THR B 141 -36.40 -11.08 -0.54
CA THR B 141 -36.12 -9.62 -0.54
C THR B 141 -37.46 -8.87 -0.60
N PHE B 142 -38.36 -9.31 -1.48
CA PHE B 142 -39.68 -8.67 -1.71
C PHE B 142 -40.56 -8.80 -0.47
N LYS B 143 -40.50 -9.94 0.22
CA LYS B 143 -41.24 -10.17 1.49
C LYS B 143 -40.71 -9.25 2.59
N TRP B 144 -39.39 -8.98 2.64
CA TRP B 144 -38.80 -7.99 3.59
C TRP B 144 -39.28 -6.57 3.20
N TYR B 145 -39.20 -6.22 1.91
CA TYR B 145 -39.66 -4.91 1.40
C TYR B 145 -41.14 -4.72 1.78
N ASP B 146 -41.96 -5.77 1.65
CA ASP B 146 -43.41 -5.75 1.97
C ASP B 146 -43.64 -5.30 3.41
N LYS B 147 -42.68 -5.52 4.34
CA LYS B 147 -42.82 -5.15 5.77
C LYS B 147 -42.12 -3.82 6.10
N VAL B 148 -40.92 -3.57 5.57
CA VAL B 148 -40.16 -2.33 5.92
C VAL B 148 -40.63 -1.16 5.05
N MET B 149 -41.02 -1.39 3.79
CA MET B 149 -41.31 -0.25 2.88
C MET B 149 -42.60 0.47 3.29
N PRO B 150 -43.67 -0.17 3.83
CA PRO B 150 -44.82 0.61 4.33
C PRO B 150 -44.44 1.55 5.48
N ILE B 151 -43.49 1.13 6.33
CA ILE B 151 -42.99 2.01 7.42
C ILE B 151 -42.26 3.21 6.79
N ILE B 152 -41.41 2.95 5.80
CA ILE B 152 -40.65 4.04 5.12
C ILE B 152 -41.63 4.95 4.36
N SER B 153 -42.62 4.38 3.68
CA SER B 153 -43.61 5.16 2.90
C SER B 153 -44.36 6.12 3.83
N LYS B 154 -44.82 5.63 4.98
CA LYS B 154 -45.53 6.46 5.98
C LYS B 154 -44.69 7.69 6.37
N HIS B 155 -43.38 7.53 6.54
CA HIS B 155 -42.53 8.55 7.21
C HIS B 155 -41.71 9.34 6.17
N GLN B 156 -41.99 9.13 4.89
CA GLN B 156 -41.21 9.80 3.81
C GLN B 156 -41.53 11.30 3.80
N LYS B 157 -40.57 12.11 3.35
CA LYS B 157 -40.68 13.60 3.23
C LYS B 157 -41.88 13.95 2.33
N GLU B 158 -42.15 13.16 1.28
CA GLU B 158 -43.35 13.34 0.40
C GLU B 158 -44.67 13.21 1.19
N HIS B 159 -44.68 12.61 2.38
CA HIS B 159 -45.82 12.59 3.33
C HIS B 159 -45.50 13.49 4.54
N TYR B 160 -44.53 14.41 4.40
CA TYR B 160 -44.14 15.45 5.41
C TYR B 160 -43.42 14.78 6.56
N GLY B 161 -42.91 13.55 6.37
CA GLY B 161 -42.16 12.83 7.41
C GLY B 161 -40.67 13.19 7.36
N PRO B 162 -39.82 12.60 8.25
CA PRO B 162 -38.39 12.89 8.25
C PRO B 162 -37.54 12.20 7.19
N ILE B 163 -38.02 11.15 6.51
CA ILE B 163 -37.16 10.36 5.59
C ILE B 163 -37.07 11.07 4.24
N THR B 164 -35.91 11.63 3.95
CA THR B 164 -35.63 12.42 2.75
C THR B 164 -34.96 11.56 1.67
N MET B 165 -34.20 10.54 2.04
CA MET B 165 -33.56 9.67 1.02
C MET B 165 -33.54 8.21 1.49
N MET B 166 -33.53 7.31 0.53
CA MET B 166 -33.35 5.86 0.78
C MET B 166 -32.30 5.28 -0.16
N GLN B 167 -31.35 4.54 0.41
CA GLN B 167 -30.32 3.80 -0.36
C GLN B 167 -30.85 2.41 -0.72
N LEU B 168 -30.68 2.02 -1.97
CA LEU B 168 -31.06 0.67 -2.45
C LEU B 168 -29.82 -0.23 -2.27
N CYS B 169 -29.95 -1.28 -1.47
CA CYS B 169 -28.89 -2.29 -1.24
C CYS B 169 -27.66 -1.53 -0.71
N ASN B 170 -26.48 -1.99 -1.07
CA ASN B 170 -25.18 -1.44 -0.58
C ASN B 170 -24.07 -1.91 -1.53
N GLU B 171 -23.42 -0.94 -2.18
CA GLU B 171 -22.22 -1.14 -3.04
C GLU B 171 -22.46 -2.37 -3.91
N ILE B 172 -23.45 -2.32 -4.78
CA ILE B 172 -23.74 -3.41 -5.76
C ILE B 172 -22.42 -3.77 -6.48
N GLY B 173 -22.15 -5.07 -6.58
CA GLY B 173 -20.95 -5.66 -7.23
C GLY B 173 -19.72 -5.65 -6.36
N VAL B 174 -19.75 -5.05 -5.18
CA VAL B 174 -18.56 -4.95 -4.28
C VAL B 174 -17.90 -6.34 -4.08
N PHE B 175 -18.66 -7.43 -3.98
CA PHE B 175 -18.12 -8.79 -3.71
C PHE B 175 -17.36 -9.29 -4.94
N GLN B 176 -17.84 -9.01 -6.17
CA GLN B 176 -17.08 -9.32 -7.43
C GLN B 176 -15.76 -8.54 -7.47
N TRP B 177 -15.72 -7.30 -6.98
CA TRP B 177 -14.49 -6.48 -6.90
C TRP B 177 -13.48 -7.10 -5.93
N LEU B 178 -13.90 -7.31 -4.67
CA LEU B 178 -12.99 -7.71 -3.56
C LEU B 178 -12.39 -9.10 -3.86
N SER B 179 -13.10 -9.96 -4.57
CA SER B 179 -12.68 -11.36 -4.83
C SER B 179 -12.08 -11.50 -6.23
N GLY B 180 -12.39 -10.61 -7.16
CA GLY B 180 -11.99 -10.79 -8.58
C GLY B 180 -12.83 -11.86 -9.29
N LYS B 181 -13.76 -12.50 -8.58
CA LYS B 181 -14.61 -13.62 -9.07
C LYS B 181 -15.96 -13.11 -9.57
N SER B 182 -16.36 -13.53 -10.78
CA SER B 182 -17.70 -13.30 -11.36
C SER B 182 -18.66 -14.39 -10.86
N ASP B 183 -19.94 -14.08 -10.81
CA ASP B 183 -21.00 -15.07 -10.50
C ASP B 183 -21.27 -15.87 -11.78
N TYR B 184 -20.97 -17.18 -11.77
CA TYR B 184 -21.25 -18.12 -12.90
C TYR B 184 -22.53 -18.92 -12.64
N ASN B 185 -23.42 -18.46 -11.73
CA ASN B 185 -24.75 -19.09 -11.50
C ASN B 185 -25.38 -19.32 -12.87
N PRO B 186 -25.97 -20.49 -13.16
CA PRO B 186 -26.55 -20.73 -14.47
C PRO B 186 -27.55 -19.64 -14.88
N LYS B 187 -28.25 -19.00 -13.92
CA LYS B 187 -29.23 -17.94 -14.26
C LYS B 187 -28.50 -16.67 -14.77
N VAL B 188 -27.36 -16.34 -14.18
CA VAL B 188 -26.51 -15.21 -14.64
C VAL B 188 -25.97 -15.51 -16.05
N ILE B 189 -25.47 -16.72 -16.28
CA ILE B 189 -24.86 -17.14 -17.57
C ILE B 189 -25.95 -17.15 -18.65
N ASN B 190 -27.16 -17.61 -18.33
CA ASN B 190 -28.32 -17.50 -19.26
C ASN B 190 -28.56 -16.03 -19.61
N LEU B 191 -28.52 -15.11 -18.62
CA LEU B 191 -28.72 -13.67 -18.87
C LEU B 191 -27.58 -13.12 -19.73
N TYR B 192 -26.35 -13.56 -19.51
CA TYR B 192 -25.18 -13.15 -20.32
C TYR B 192 -25.47 -13.53 -21.79
N LYS B 193 -25.92 -14.76 -22.00
CA LYS B 193 -26.19 -15.30 -23.37
C LYS B 193 -27.30 -14.46 -24.02
N GLU B 194 -28.36 -14.12 -23.30
CA GLU B 194 -29.42 -13.22 -23.85
C GLU B 194 -28.77 -11.90 -24.26
N PHE B 195 -27.95 -11.30 -23.40
CA PHE B 195 -27.25 -10.01 -23.66
C PHE B 195 -26.41 -10.08 -24.95
N ILE B 196 -25.66 -11.17 -25.15
CA ILE B 196 -24.76 -11.34 -26.33
C ILE B 196 -25.61 -11.44 -27.60
N ILE B 197 -26.62 -12.30 -27.59
CA ILE B 197 -27.54 -12.54 -28.74
C ILE B 197 -28.20 -11.20 -29.09
N GLN B 198 -28.75 -10.52 -28.08
CA GLN B 198 -29.35 -9.18 -28.20
C GLN B 198 -28.36 -8.24 -28.86
N ARG B 199 -27.09 -8.29 -28.46
CA ARG B 199 -26.06 -7.30 -28.89
C ARG B 199 -25.65 -7.56 -30.35
N TYR B 200 -25.41 -8.81 -30.72
CA TYR B 200 -24.79 -9.17 -32.03
C TYR B 200 -25.82 -9.71 -33.04
N LYS B 201 -26.95 -10.23 -32.57
CA LYS B 201 -28.10 -10.68 -33.39
C LYS B 201 -27.81 -12.05 -33.99
N THR B 202 -26.67 -12.24 -34.65
CA THR B 202 -26.33 -13.52 -35.32
C THR B 202 -24.94 -13.94 -34.87
N ILE B 203 -24.64 -15.24 -34.93
CA ILE B 203 -23.29 -15.75 -34.54
C ILE B 203 -22.26 -15.23 -35.53
N GLU B 204 -22.66 -15.00 -36.78
CA GLU B 204 -21.71 -14.54 -37.83
C GLU B 204 -21.20 -13.15 -37.46
N LYS B 205 -22.07 -12.25 -37.01
CA LYS B 205 -21.70 -10.88 -36.58
C LYS B 205 -20.74 -10.99 -35.40
N LEU B 206 -21.09 -11.77 -34.37
CA LEU B 206 -20.19 -11.96 -33.20
C LEU B 206 -18.82 -12.48 -33.67
N ASN B 207 -18.81 -13.57 -34.45
CA ASN B 207 -17.58 -14.16 -35.04
C ASN B 207 -16.74 -13.07 -35.73
N SER B 208 -17.37 -12.11 -36.42
CA SER B 208 -16.63 -11.07 -37.19
C SER B 208 -15.98 -10.08 -36.23
N VAL B 209 -16.58 -9.85 -35.06
CA VAL B 209 -16.00 -8.94 -34.03
C VAL B 209 -14.94 -9.70 -33.23
N TYR B 210 -15.19 -10.95 -32.83
CA TYR B 210 -14.32 -11.70 -31.87
C TYR B 210 -13.21 -12.48 -32.59
N SER B 211 -13.30 -12.61 -33.93
CA SER B 211 -12.60 -13.63 -34.77
C SER B 211 -12.83 -15.03 -34.19
N THR B 212 -14.05 -15.39 -33.78
CA THR B 212 -14.41 -16.75 -33.31
C THR B 212 -14.92 -17.60 -34.50
N ASN B 213 -15.32 -18.85 -34.25
CA ASN B 213 -15.70 -19.83 -35.30
C ASN B 213 -16.86 -20.67 -34.78
N TYR B 214 -17.70 -20.06 -33.94
CA TYR B 214 -18.92 -20.70 -33.41
C TYR B 214 -19.85 -20.98 -34.58
N ASN B 215 -20.57 -22.10 -34.54
CA ASN B 215 -21.64 -22.42 -35.53
C ASN B 215 -22.99 -21.89 -35.03
N SER B 216 -23.12 -21.66 -33.71
CA SER B 216 -24.32 -21.03 -33.11
C SER B 216 -23.94 -20.37 -31.77
N PHE B 217 -24.87 -19.58 -31.23
CA PHE B 217 -24.83 -19.06 -29.83
C PHE B 217 -24.75 -20.22 -28.84
N ASP B 218 -25.22 -21.42 -29.20
CA ASP B 218 -25.19 -22.62 -28.31
C ASP B 218 -23.72 -23.00 -28.01
N ASP B 219 -22.74 -22.64 -28.87
CA ASP B 219 -21.30 -22.96 -28.64
C ASP B 219 -20.59 -21.84 -27.86
N LEU B 220 -21.29 -20.77 -27.49
CA LEU B 220 -20.69 -19.62 -26.76
C LEU B 220 -20.69 -19.97 -25.27
N LYS B 221 -19.51 -20.00 -24.63
CA LYS B 221 -19.31 -20.24 -23.16
C LYS B 221 -18.91 -18.91 -22.50
N ALA B 222 -19.28 -18.70 -21.23
CA ALA B 222 -18.92 -17.49 -20.46
C ALA B 222 -17.40 -17.47 -20.33
N PRO B 223 -16.71 -16.32 -20.51
CA PRO B 223 -15.25 -16.29 -20.39
C PRO B 223 -14.75 -16.67 -18.99
N SER B 224 -13.54 -17.24 -18.90
CA SER B 224 -12.91 -17.65 -17.60
C SER B 224 -11.42 -17.89 -17.81
N GLY B 225 -10.65 -17.87 -16.72
CA GLY B 225 -9.19 -18.02 -16.78
C GLY B 225 -8.52 -16.81 -17.39
N LYS B 226 -7.23 -16.93 -17.69
CA LYS B 226 -6.37 -15.82 -18.16
C LYS B 226 -6.68 -15.54 -19.62
N ILE B 227 -6.57 -14.29 -20.03
CA ILE B 227 -6.75 -13.87 -21.45
C ILE B 227 -5.45 -14.24 -22.18
N LYS B 228 -5.53 -15.11 -23.17
CA LYS B 228 -4.38 -15.60 -23.97
C LYS B 228 -4.49 -15.09 -25.41
N LEU B 229 -5.72 -14.94 -25.90
CA LEU B 229 -6.05 -14.58 -27.30
C LEU B 229 -6.84 -13.27 -27.32
N ARG B 230 -6.79 -12.51 -28.42
CA ARG B 230 -7.65 -11.33 -28.62
C ARG B 230 -9.12 -11.72 -28.54
N SER B 231 -9.50 -12.93 -28.95
CA SER B 231 -10.90 -13.41 -28.80
C SER B 231 -11.30 -13.53 -27.30
N ASP B 232 -10.37 -13.91 -26.40
CA ASP B 232 -10.63 -13.98 -24.94
C ASP B 232 -10.83 -12.54 -24.42
N TYR B 233 -10.04 -11.58 -24.88
CA TYR B 233 -10.18 -10.15 -24.47
C TYR B 233 -11.57 -9.65 -24.83
N CYS B 234 -12.00 -9.88 -26.07
CA CYS B 234 -13.34 -9.49 -26.60
C CYS B 234 -14.45 -10.08 -25.73
N ALA B 235 -14.36 -11.38 -25.41
CA ALA B 235 -15.39 -12.09 -24.63
C ALA B 235 -15.46 -11.45 -23.25
N TYR B 236 -14.30 -11.20 -22.64
CA TYR B 236 -14.22 -10.59 -21.29
C TYR B 236 -14.73 -9.14 -21.32
N PHE B 237 -14.55 -8.43 -22.43
CA PHE B 237 -14.99 -7.02 -22.57
C PHE B 237 -16.52 -6.99 -22.47
N ASP B 238 -17.18 -7.81 -23.28
CA ASP B 238 -18.64 -7.90 -23.27
C ASP B 238 -19.11 -8.50 -21.93
N PHE B 239 -18.30 -9.32 -21.26
CA PHE B 239 -18.67 -9.90 -19.93
C PHE B 239 -18.72 -8.73 -18.92
N HIS B 240 -17.80 -7.78 -19.04
CA HIS B 240 -17.84 -6.52 -18.23
C HIS B 240 -19.08 -5.69 -18.60
N LEU B 241 -19.38 -5.50 -19.89
CA LEU B 241 -20.60 -4.75 -20.29
C LEU B 241 -21.82 -5.40 -19.68
N PHE B 242 -21.91 -6.73 -19.81
CA PHE B 242 -23.04 -7.54 -19.32
C PHE B 242 -23.27 -7.28 -17.84
N PHE B 243 -22.23 -7.36 -17.01
CA PHE B 243 -22.37 -7.13 -15.54
C PHE B 243 -22.84 -5.72 -15.25
N ARG B 244 -22.49 -4.71 -16.04
CA ARG B 244 -23.06 -3.35 -15.84
C ARG B 244 -24.59 -3.37 -16.11
N GLU B 245 -25.02 -4.07 -17.18
CA GLU B 245 -26.45 -4.25 -17.51
C GLU B 245 -27.10 -5.03 -16.36
N TYR B 246 -26.45 -6.07 -15.89
CA TYR B 246 -26.94 -6.97 -14.83
C TYR B 246 -27.27 -6.19 -13.55
N TYR B 247 -26.32 -5.38 -13.07
CA TYR B 247 -26.49 -4.47 -11.89
C TYR B 247 -27.65 -3.49 -12.13
N ASN B 248 -27.77 -2.95 -13.36
CA ASN B 248 -28.91 -2.07 -13.72
C ASN B 248 -30.21 -2.89 -13.61
N LYS B 249 -30.27 -4.13 -14.10
CA LYS B 249 -31.49 -4.97 -13.95
C LYS B 249 -31.83 -5.14 -12.46
N TYR B 250 -30.82 -5.46 -11.64
CA TYR B 250 -31.01 -5.71 -10.18
C TYR B 250 -31.56 -4.43 -9.52
N ILE B 251 -30.90 -3.28 -9.72
CA ILE B 251 -31.33 -2.04 -9.01
C ILE B 251 -32.70 -1.59 -9.55
N SER B 252 -33.01 -1.82 -10.82
CA SER B 252 -34.33 -1.51 -11.43
C SER B 252 -35.42 -2.35 -10.75
N ILE B 253 -35.21 -3.65 -10.59
CA ILE B 253 -36.16 -4.55 -9.87
C ILE B 253 -36.41 -3.96 -8.46
N LEU B 254 -35.36 -3.65 -7.70
CA LEU B 254 -35.51 -3.05 -6.34
C LEU B 254 -36.27 -1.72 -6.44
N LYS B 255 -35.90 -0.86 -7.37
CA LYS B 255 -36.53 0.48 -7.52
C LYS B 255 -38.03 0.34 -7.83
N ASN B 256 -38.41 -0.47 -8.80
CA ASN B 256 -39.85 -0.62 -9.18
C ASN B 256 -40.62 -1.16 -7.96
N LYS B 257 -40.05 -2.10 -7.22
CA LYS B 257 -40.73 -2.66 -6.03
C LYS B 257 -40.94 -1.51 -5.03
N ILE B 258 -39.90 -0.71 -4.73
CA ILE B 258 -39.99 0.43 -3.79
C ILE B 258 -41.07 1.43 -4.24
N ARG B 259 -41.07 1.81 -5.51
CA ARG B 259 -42.06 2.75 -6.08
C ARG B 259 -43.48 2.19 -5.87
N SER B 260 -43.65 0.87 -5.93
CA SER B 260 -44.99 0.23 -5.79
C SER B 260 -45.63 0.62 -4.45
N PHE B 261 -44.86 1.08 -3.45
CA PHE B 261 -45.39 1.48 -2.12
C PHE B 261 -45.67 2.97 -2.05
N GLY B 262 -45.58 3.66 -3.19
CA GLY B 262 -45.73 5.12 -3.27
C GLY B 262 -44.58 5.82 -2.56
N ILE B 263 -43.40 5.21 -2.50
CA ILE B 263 -42.18 5.91 -1.99
C ILE B 263 -41.56 6.74 -3.13
N ASN B 264 -41.68 8.06 -3.05
CA ASN B 264 -41.38 9.03 -4.15
C ASN B 264 -40.18 9.91 -3.80
N ILE B 265 -39.60 9.73 -2.61
CA ILE B 265 -38.33 10.41 -2.18
C ILE B 265 -37.16 9.99 -3.07
N LYS B 266 -36.06 10.72 -2.86
CA LYS B 266 -34.79 10.49 -3.59
C LYS B 266 -34.21 9.13 -3.18
N LEU B 267 -33.85 8.32 -4.16
CA LEU B 267 -33.16 7.02 -3.97
C LEU B 267 -31.66 7.25 -4.16
N THR B 268 -30.84 6.49 -3.43
CA THR B 268 -29.36 6.62 -3.47
C THR B 268 -28.68 5.29 -3.68
N HIS B 269 -27.41 5.39 -4.03
CA HIS B 269 -26.46 4.26 -4.01
C HIS B 269 -25.09 4.84 -3.67
N ASN B 270 -24.15 3.97 -3.31
CA ASN B 270 -22.88 4.37 -2.66
C ASN B 270 -21.73 3.68 -3.39
N ILE B 271 -20.65 4.42 -3.65
CA ILE B 271 -19.51 3.96 -4.47
C ILE B 271 -18.32 3.68 -3.56
N PRO B 272 -17.87 2.42 -3.49
CA PRO B 272 -16.64 2.07 -2.79
C PRO B 272 -15.43 2.31 -3.69
N GLY B 273 -14.24 2.09 -3.13
CA GLY B 273 -13.02 1.95 -3.94
C GLY B 273 -11.77 2.47 -3.26
N TRP B 274 -11.88 3.17 -2.13
CA TRP B 274 -10.66 3.56 -1.38
C TRP B 274 -10.02 2.30 -0.76
N ILE B 275 -8.70 2.21 -0.83
CA ILE B 275 -7.89 1.11 -0.23
C ILE B 275 -6.62 1.74 0.35
N TYR B 276 -6.27 1.44 1.59
CA TYR B 276 -5.05 1.96 2.27
C TYR B 276 -4.92 3.48 2.08
N GLY B 277 -6.03 4.23 2.01
CA GLY B 277 -5.99 5.69 2.07
C GLY B 277 -5.78 6.34 0.71
N ASN B 278 -5.84 5.59 -0.39
CA ASN B 278 -5.87 6.19 -1.76
C ASN B 278 -7.04 5.58 -2.53
N ALA B 279 -7.43 6.20 -3.64
CA ALA B 279 -8.71 5.90 -4.31
C ALA B 279 -8.49 5.72 -5.82
N SER B 280 -7.27 5.34 -6.23
CA SER B 280 -6.96 5.17 -7.67
C SER B 280 -7.80 4.04 -8.28
N GLU B 281 -8.34 3.11 -7.47
CA GLU B 281 -9.24 2.04 -7.98
C GLU B 281 -10.69 2.52 -8.01
N LEU B 282 -11.03 3.63 -7.35
CA LEU B 282 -12.46 3.95 -7.22
C LEU B 282 -13.07 4.24 -8.58
N PRO B 283 -12.38 4.88 -9.55
CA PRO B 283 -12.99 5.08 -10.86
C PRO B 283 -13.38 3.76 -11.57
N MET B 284 -12.68 2.66 -11.33
CA MET B 284 -13.11 1.32 -11.82
C MET B 284 -14.50 0.98 -11.23
N LEU B 285 -14.68 1.14 -9.93
CA LEU B 285 -15.99 0.89 -9.28
C LEU B 285 -17.04 1.85 -9.86
N ILE B 286 -16.74 3.14 -10.02
CA ILE B 286 -17.71 4.10 -10.62
C ILE B 286 -18.16 3.49 -11.95
N SER B 287 -17.20 2.97 -12.73
CA SER B 287 -17.44 2.45 -14.10
C SER B 287 -18.45 1.29 -14.09
N THR B 288 -18.63 0.56 -12.96
CA THR B 288 -19.51 -0.63 -12.86
C THR B 288 -20.97 -0.19 -12.83
N TYR B 289 -21.21 1.11 -12.56
CA TYR B 289 -22.53 1.73 -12.41
C TYR B 289 -22.88 2.56 -13.67
N SER B 290 -22.10 2.47 -14.75
CA SER B 290 -22.31 3.25 -16.00
C SER B 290 -23.76 3.08 -16.49
N GLU B 291 -24.30 1.85 -16.50
CA GLU B 291 -25.65 1.60 -17.05
C GLU B 291 -26.73 2.09 -16.08
N ILE B 292 -26.48 2.00 -14.78
CA ILE B 292 -27.45 2.52 -13.78
C ILE B 292 -27.59 4.02 -13.98
N MET B 293 -26.47 4.73 -14.08
CA MET B 293 -26.41 6.21 -14.15
C MET B 293 -26.97 6.70 -15.48
N LYS B 294 -26.91 5.85 -16.51
CA LYS B 294 -27.50 6.16 -17.84
C LYS B 294 -29.03 6.12 -17.71
N ASN B 295 -29.54 5.13 -16.98
CA ASN B 295 -30.96 4.69 -17.05
C ASN B 295 -31.79 5.26 -15.89
N HIS B 296 -31.17 5.78 -14.84
CA HIS B 296 -31.89 6.21 -13.61
C HIS B 296 -31.35 7.57 -13.20
N PRO B 297 -31.84 8.66 -13.81
CA PRO B 297 -31.41 9.99 -13.40
C PRO B 297 -32.02 10.39 -12.05
N ASP B 298 -32.88 9.55 -11.47
CA ASP B 298 -33.52 9.79 -10.15
C ASP B 298 -32.80 9.01 -9.04
N ILE B 299 -31.66 8.35 -9.33
CA ILE B 299 -30.88 7.66 -8.27
C ILE B 299 -29.59 8.46 -8.09
N ILE B 300 -29.38 9.05 -6.92
CA ILE B 300 -28.16 9.84 -6.65
C ILE B 300 -27.09 8.91 -6.09
N PHE B 301 -26.00 8.75 -6.82
CA PHE B 301 -24.79 8.07 -6.29
C PHE B 301 -23.99 9.05 -5.44
N GLY B 302 -23.54 8.58 -4.28
CA GLY B 302 -22.61 9.31 -3.41
C GLY B 302 -21.33 8.50 -3.24
N LEU B 303 -20.26 9.15 -2.80
CA LEU B 303 -18.92 8.53 -2.66
C LEU B 303 -18.73 8.02 -1.23
N ASP B 304 -17.99 6.92 -1.11
CA ASP B 304 -17.46 6.38 0.16
C ASP B 304 -16.01 6.84 0.27
N HIS B 305 -15.76 7.97 0.93
CA HIS B 305 -14.38 8.51 1.07
C HIS B 305 -13.76 7.96 2.35
N ILE B 306 -12.62 7.25 2.21
CA ILE B 306 -11.85 6.66 3.35
C ILE B 306 -10.36 7.02 3.20
N PRO B 307 -10.01 8.28 3.46
CA PRO B 307 -8.63 8.76 3.34
C PRO B 307 -7.63 8.22 4.38
N GLU B 308 -8.09 7.91 5.61
CA GLU B 308 -7.30 7.30 6.71
C GLU B 308 -6.29 8.33 7.28
N PHE B 309 -5.71 9.17 6.44
CA PHE B 309 -4.77 10.24 6.86
C PHE B 309 -4.92 11.36 5.84
N VAL B 310 -4.28 12.51 6.06
CA VAL B 310 -4.40 13.63 5.08
C VAL B 310 -3.01 14.22 4.82
N SER B 311 -2.44 13.91 3.65
CA SER B 311 -1.06 14.32 3.34
C SER B 311 -0.89 14.39 1.83
N PHE B 312 0.27 14.79 1.44
CA PHE B 312 0.59 14.78 0.01
C PHE B 312 0.53 13.35 -0.55
N ARG B 313 0.71 12.33 0.28
CA ARG B 313 0.59 10.91 -0.16
C ARG B 313 -0.79 10.62 -0.76
N ASN B 314 -1.85 11.29 -0.32
CA ASN B 314 -3.21 10.98 -0.82
C ASN B 314 -4.02 12.24 -1.15
N ALA B 315 -3.41 13.43 -1.21
CA ALA B 315 -4.10 14.72 -1.43
C ALA B 315 -4.96 14.67 -2.69
N HIS B 316 -4.53 13.98 -3.72
CA HIS B 316 -5.17 14.04 -5.06
C HIS B 316 -6.37 13.10 -5.18
N SER B 317 -6.52 12.13 -4.27
CA SER B 317 -7.54 11.06 -4.42
C SER B 317 -8.94 11.66 -4.36
N ASP B 318 -9.26 12.49 -3.35
CA ASP B 318 -10.67 12.94 -3.17
C ASP B 318 -11.08 13.87 -4.32
N LEU B 319 -10.19 14.76 -4.78
CA LEU B 319 -10.51 15.64 -5.92
C LEU B 319 -10.75 14.79 -7.18
N ALA B 320 -9.85 13.86 -7.53
CA ALA B 320 -10.02 13.02 -8.73
C ALA B 320 -11.39 12.32 -8.69
N CYS B 321 -11.74 11.72 -7.54
CA CYS B 321 -13.02 11.02 -7.35
C CYS B 321 -14.21 11.96 -7.51
N ASN B 322 -14.19 13.12 -6.86
CA ASN B 322 -15.25 14.13 -6.96
C ASN B 322 -15.42 14.57 -8.42
N LYS B 323 -14.32 14.78 -9.12
CA LYS B 323 -14.38 15.30 -10.52
C LYS B 323 -14.96 14.20 -11.42
N ILE B 324 -14.58 12.94 -11.19
CA ILE B 324 -15.05 11.82 -12.03
C ILE B 324 -16.54 11.57 -11.76
N LEU B 325 -16.99 11.65 -10.50
CA LEU B 325 -18.43 11.47 -10.20
C LEU B 325 -19.21 12.58 -10.91
N GLU B 326 -18.71 13.82 -10.87
CA GLU B 326 -19.36 14.99 -11.55
C GLU B 326 -19.48 14.69 -13.07
N ALA B 327 -18.45 14.11 -13.70
CA ALA B 327 -18.43 13.72 -15.12
C ALA B 327 -19.56 12.75 -15.45
N MET B 328 -19.77 11.77 -14.59
CA MET B 328 -20.68 10.62 -14.77
C MET B 328 -22.09 10.94 -14.25
N GLN B 329 -22.25 11.98 -13.43
CA GLN B 329 -23.54 12.36 -12.79
C GLN B 329 -23.63 13.89 -12.72
N PRO B 330 -23.63 14.61 -13.87
CA PRO B 330 -23.54 16.07 -13.88
C PRO B 330 -24.79 16.78 -13.35
N GLU B 331 -25.90 16.06 -13.20
CA GLU B 331 -27.22 16.68 -12.91
C GLU B 331 -27.55 16.54 -11.43
N ALA B 332 -26.66 15.95 -10.64
CA ALA B 332 -26.87 15.79 -9.19
C ALA B 332 -25.66 16.35 -8.47
N PRO B 333 -25.85 16.85 -7.23
CA PRO B 333 -24.73 17.31 -6.42
C PRO B 333 -23.73 16.16 -6.17
N VAL B 334 -22.44 16.49 -6.13
CA VAL B 334 -21.38 15.57 -5.66
C VAL B 334 -21.49 15.52 -4.13
N TRP B 335 -21.66 14.34 -3.57
CA TRP B 335 -21.86 14.17 -2.11
C TRP B 335 -21.20 12.87 -1.67
N ALA B 336 -20.84 12.80 -0.39
CA ALA B 336 -20.22 11.58 0.17
C ALA B 336 -21.26 10.84 1.00
N ALA B 337 -21.76 9.70 0.51
CA ALA B 337 -22.73 8.85 1.25
C ALA B 337 -22.06 8.34 2.53
N GLU B 338 -20.75 8.08 2.45
CA GLU B 338 -19.93 7.65 3.61
C GLU B 338 -18.68 8.51 3.62
N PHE B 339 -18.60 9.38 4.61
CA PHE B 339 -17.56 10.42 4.70
C PHE B 339 -16.79 10.13 5.97
N GLN B 340 -15.53 9.72 5.86
CA GLN B 340 -14.79 9.15 7.00
C GLN B 340 -14.90 10.04 8.25
N ALA B 341 -15.35 9.41 9.34
CA ALA B 341 -15.40 9.93 10.73
C ALA B 341 -14.98 8.78 11.63
N GLY B 342 -13.88 8.94 12.36
CA GLY B 342 -13.23 7.79 13.01
C GLY B 342 -12.77 6.74 12.01
N THR B 343 -12.60 5.52 12.48
CA THR B 343 -11.98 4.45 11.67
C THR B 343 -12.70 3.13 11.94
N ARG B 344 -12.95 2.41 10.85
CA ARG B 344 -13.40 1.00 10.88
C ARG B 344 -12.41 0.08 11.59
N GLU B 345 -11.13 0.41 11.53
CA GLU B 345 -10.05 -0.52 11.94
C GLU B 345 -9.25 0.10 13.06
N HIS B 346 -9.17 -0.56 14.23
CA HIS B 346 -8.56 0.00 15.47
C HIS B 346 -7.10 0.40 15.21
N HIS B 347 -6.40 -0.35 14.37
CA HIS B 347 -4.93 -0.28 14.14
C HIS B 347 -4.64 0.71 13.02
N VAL B 348 -5.71 1.25 12.40
CA VAL B 348 -5.61 2.30 11.35
C VAL B 348 -6.23 3.57 11.91
N LYS B 349 -5.37 4.44 12.44
CA LYS B 349 -5.80 5.60 13.27
C LYS B 349 -6.45 6.64 12.38
N ALA B 350 -7.50 7.28 12.90
CA ALA B 350 -8.11 8.45 12.25
C ALA B 350 -8.06 9.63 13.23
N TYR B 351 -7.12 10.55 13.02
CA TYR B 351 -6.92 11.73 13.88
C TYR B 351 -7.93 12.82 13.51
N ALA B 352 -8.54 13.39 14.54
CA ALA B 352 -9.47 14.53 14.41
C ALA B 352 -8.80 15.62 13.56
N LYS B 353 -7.51 15.91 13.80
CA LYS B 353 -6.79 17.03 13.16
C LYS B 353 -6.52 16.68 11.70
N ASP B 354 -6.37 15.40 11.36
CA ASP B 354 -6.31 14.96 9.95
C ASP B 354 -7.71 15.13 9.31
N LEU B 355 -8.76 14.57 9.91
CA LEU B 355 -10.12 14.56 9.28
C LEU B 355 -10.64 15.99 9.16
N GLU B 356 -10.38 16.86 10.14
CA GLU B 356 -10.83 18.28 10.05
C GLU B 356 -10.28 18.91 8.76
N THR B 357 -9.00 18.72 8.48
CA THR B 357 -8.36 19.19 7.23
C THR B 357 -9.03 18.52 6.02
N PHE B 358 -9.32 17.22 6.09
CA PHE B 358 -9.99 16.49 4.97
C PHE B 358 -11.36 17.11 4.69
N TYR B 359 -12.07 17.51 5.74
CA TYR B 359 -13.45 18.06 5.59
C TYR B 359 -13.37 19.41 4.87
N ILE B 360 -12.43 20.27 5.26
CA ILE B 360 -12.24 21.58 4.57
C ILE B 360 -11.73 21.35 3.13
N ALA B 361 -10.76 20.46 2.90
CA ALA B 361 -10.26 20.10 1.54
C ALA B 361 -11.42 19.63 0.65
N SER B 362 -12.38 18.87 1.20
CA SER B 362 -13.58 18.31 0.51
C SER B 362 -14.45 19.48 0.05
N LEU B 363 -14.64 20.52 0.87
CA LEU B 363 -15.34 21.77 0.42
C LEU B 363 -14.57 22.40 -0.75
N ALA B 364 -13.24 22.59 -0.62
CA ALA B 364 -12.41 23.17 -1.68
C ALA B 364 -12.58 22.36 -2.99
N HIS B 365 -12.57 21.04 -2.85
CA HIS B 365 -12.68 20.06 -3.97
C HIS B 365 -14.13 19.77 -4.38
N GLY B 366 -15.10 20.62 -4.02
CA GLY B 366 -16.44 20.69 -4.66
C GLY B 366 -17.50 19.81 -4.01
N ILE B 367 -17.27 19.32 -2.82
CA ILE B 367 -18.31 18.44 -2.20
C ILE B 367 -19.48 19.32 -1.76
N LYS B 368 -20.71 18.83 -1.94
CA LYS B 368 -21.95 19.61 -1.72
C LYS B 368 -22.74 19.07 -0.54
N GLY B 369 -22.28 17.96 0.02
CA GLY B 369 -22.92 17.31 1.17
C GLY B 369 -22.19 16.07 1.58
N PHE B 370 -22.46 15.62 2.80
CA PHE B 370 -21.79 14.40 3.26
C PHE B 370 -22.47 13.87 4.52
N ASN B 371 -22.16 12.60 4.76
CA ASN B 371 -22.71 11.79 5.86
C ASN B 371 -21.50 11.23 6.59
N TYR B 372 -21.20 11.81 7.75
CA TYR B 372 -20.10 11.36 8.64
C TYR B 372 -20.30 9.90 9.01
N TYR B 373 -19.36 9.07 8.59
CA TYR B 373 -19.45 7.59 8.69
C TYR B 373 -18.16 7.15 9.36
N MET B 374 -18.15 6.88 10.69
CA MET B 374 -19.31 6.86 11.57
C MET B 374 -19.30 8.07 12.50
N PHE B 375 -20.39 8.82 12.56
CA PHE B 375 -20.58 9.88 13.59
C PHE B 375 -20.56 9.19 14.97
N SER B 376 -21.36 8.16 15.12
CA SER B 376 -21.51 7.39 16.38
C SER B 376 -20.91 6.00 16.21
N GLN B 377 -19.99 5.65 17.09
CA GLN B 377 -19.58 4.24 17.34
C GLN B 377 -20.81 3.40 17.67
N GLY B 378 -20.71 2.10 17.42
CA GLY B 378 -21.72 1.08 17.75
C GLY B 378 -21.09 -0.06 18.50
N ILE B 379 -21.90 -0.75 19.31
CA ILE B 379 -21.57 -2.08 19.89
C ILE B 379 -22.46 -3.08 19.17
N ASN B 380 -21.86 -4.05 18.48
CA ASN B 380 -22.59 -5.15 17.82
C ASN B 380 -23.38 -5.87 18.89
N PRO B 381 -24.71 -6.04 18.67
CA PRO B 381 -25.55 -6.82 19.56
C PRO B 381 -25.16 -8.29 19.44
N GLU B 382 -25.42 -9.05 20.50
CA GLU B 382 -25.18 -10.52 20.67
C GLU B 382 -24.81 -11.18 19.35
N GLY B 383 -23.51 -11.31 19.07
CA GLY B 383 -22.91 -12.11 17.98
C GLY B 383 -23.28 -11.66 16.57
N LYS B 384 -23.68 -10.39 16.37
CA LYS B 384 -24.11 -9.87 15.03
C LYS B 384 -22.94 -9.18 14.32
N GLY B 385 -21.81 -8.96 15.00
CA GLY B 385 -20.63 -8.29 14.41
C GLY B 385 -19.76 -9.31 13.68
N PHE B 386 -19.37 -9.02 12.43
CA PHE B 386 -18.54 -9.95 11.64
C PHE B 386 -17.15 -10.03 12.28
N TYR B 387 -16.65 -8.94 12.87
CA TYR B 387 -15.34 -8.82 13.58
C TYR B 387 -15.62 -8.80 15.10
N GLY B 388 -15.01 -7.90 15.86
CA GLY B 388 -15.18 -7.82 17.33
C GLY B 388 -16.54 -7.29 17.82
N LYS B 389 -16.57 -6.86 19.08
CA LYS B 389 -17.77 -6.32 19.75
C LYS B 389 -18.02 -4.88 19.26
N THR B 390 -16.97 -4.14 18.87
CA THR B 390 -17.07 -2.67 18.65
C THR B 390 -17.06 -2.39 17.16
N PHE B 391 -17.91 -1.44 16.74
CA PHE B 391 -18.07 -0.98 15.34
C PHE B 391 -17.57 0.46 15.30
N TYR B 392 -16.39 0.63 14.72
CA TYR B 392 -15.67 1.91 14.57
C TYR B 392 -15.09 2.42 15.89
N PHE B 393 -14.08 3.28 15.72
CA PHE B 393 -13.22 3.83 16.79
C PHE B 393 -12.93 5.28 16.45
N GLN B 394 -12.62 6.11 17.45
CA GLN B 394 -12.20 7.52 17.24
C GLN B 394 -13.29 8.29 16.48
N THR B 395 -14.55 7.95 16.73
CA THR B 395 -15.71 8.63 16.12
C THR B 395 -15.95 9.99 16.80
N ALA B 396 -17.04 10.67 16.46
CA ALA B 396 -17.48 11.93 17.14
C ALA B 396 -18.00 11.57 18.54
N LEU B 397 -18.75 10.48 18.62
CA LEU B 397 -19.37 9.96 19.86
C LEU B 397 -19.02 8.48 19.97
N ASP B 398 -18.70 7.99 21.17
CA ASP B 398 -18.56 6.54 21.37
C ASP B 398 -19.98 5.97 21.48
N ALA B 399 -20.11 4.67 21.68
CA ALA B 399 -21.41 3.97 21.57
C ALA B 399 -22.31 4.43 22.71
N ALA B 400 -21.71 4.89 23.81
CA ALA B 400 -22.43 5.41 25.00
C ALA B 400 -22.67 6.92 24.91
N SER B 401 -22.40 7.54 23.74
CA SER B 401 -22.61 8.97 23.41
C SER B 401 -21.61 9.88 24.13
N ASN B 402 -20.49 9.33 24.60
CA ASN B 402 -19.36 10.16 25.10
C ASN B 402 -18.78 10.93 23.90
N LYS B 403 -18.65 12.23 24.08
CA LYS B 403 -17.94 13.11 23.12
C LYS B 403 -16.48 12.70 23.08
N LEU B 404 -15.94 12.57 21.87
CA LEU B 404 -14.53 12.26 21.59
C LEU B 404 -13.95 13.47 20.86
N ALA B 405 -12.64 13.49 20.65
CA ALA B 405 -11.89 14.63 20.03
C ALA B 405 -12.54 15.07 18.70
N LEU B 406 -13.05 14.14 17.87
CA LEU B 406 -13.57 14.51 16.52
C LEU B 406 -14.82 15.39 16.65
N TYR B 407 -15.62 15.21 17.70
CA TYR B 407 -16.86 16.01 17.97
C TYR B 407 -16.58 17.51 17.76
N ASP B 408 -15.57 18.06 18.43
CA ASP B 408 -15.33 19.54 18.38
C ASP B 408 -14.84 19.91 16.97
N SER B 409 -14.18 19.01 16.25
CA SER B 409 -13.67 19.29 14.88
C SER B 409 -14.90 19.36 13.99
N ILE B 410 -15.84 18.44 14.18
CA ILE B 410 -17.08 18.40 13.34
C ILE B 410 -17.95 19.63 13.63
N LYS B 411 -18.18 19.97 14.90
CA LYS B 411 -18.85 21.24 15.27
C LYS B 411 -18.16 22.45 14.59
N LYS B 412 -16.84 22.54 14.60
CA LYS B 412 -16.13 23.70 14.01
C LYS B 412 -16.39 23.76 12.51
N VAL B 413 -16.25 22.65 11.78
CA VAL B 413 -16.42 22.64 10.29
C VAL B 413 -17.90 22.89 9.97
N ASN B 414 -18.84 22.30 10.73
CA ASN B 414 -20.30 22.45 10.48
C ASN B 414 -20.68 23.94 10.67
N ARG B 415 -20.13 24.59 11.67
CA ARG B 415 -20.37 26.03 11.96
C ARG B 415 -19.91 26.83 10.72
N PHE B 416 -18.71 26.58 10.21
CA PHE B 416 -18.17 27.24 8.99
C PHE B 416 -19.14 27.01 7.83
N ILE B 417 -19.50 25.76 7.59
CA ILE B 417 -20.37 25.39 6.45
C ILE B 417 -21.73 26.12 6.54
N ARG B 418 -22.39 26.09 7.69
CA ARG B 418 -23.71 26.77 7.85
C ARG B 418 -23.59 28.28 7.60
N LYS B 419 -22.53 28.91 8.07
CA LYS B 419 -22.25 30.36 7.87
C LYS B 419 -22.15 30.69 6.36
N GLU B 420 -21.67 29.76 5.53
CA GLU B 420 -21.19 30.07 4.16
C GLU B 420 -22.01 29.38 3.08
N GLN B 421 -22.81 28.40 3.43
CA GLN B 421 -23.42 27.46 2.45
C GLN B 421 -24.18 28.20 1.34
N LYS B 422 -24.90 29.27 1.67
CA LYS B 422 -25.67 30.07 0.70
C LYS B 422 -24.78 30.52 -0.46
N ASP B 423 -23.56 30.98 -0.18
CA ASP B 423 -22.61 31.45 -1.24
C ASP B 423 -21.76 30.27 -1.70
N LEU B 424 -21.20 29.50 -0.77
CA LEU B 424 -20.20 28.46 -1.12
C LEU B 424 -20.83 27.42 -2.06
N LEU B 425 -22.08 27.00 -1.86
CA LEU B 425 -22.68 25.91 -2.67
C LEU B 425 -22.86 26.36 -4.12
N ARG B 426 -22.92 27.67 -4.35
CA ARG B 426 -23.19 28.29 -5.66
C ARG B 426 -21.86 28.70 -6.32
N THR B 427 -20.70 28.31 -5.79
CA THR B 427 -19.39 28.68 -6.38
C THR B 427 -18.86 27.52 -7.21
N ASN B 428 -18.11 27.82 -8.27
CA ASN B 428 -17.35 26.77 -8.98
C ASN B 428 -15.94 27.29 -9.23
N VAL B 429 -15.05 26.39 -9.60
CA VAL B 429 -13.68 26.75 -10.04
C VAL B 429 -13.77 27.08 -11.53
N ASN B 430 -12.88 27.89 -12.03
CA ASN B 430 -12.92 28.20 -13.46
C ASN B 430 -11.94 27.22 -14.13
N SER B 431 -12.42 26.14 -14.73
CA SER B 431 -11.54 25.12 -15.37
C SER B 431 -11.35 25.48 -16.84
N GLU B 432 -10.11 25.65 -17.28
CA GLU B 432 -9.79 25.85 -18.72
C GLU B 432 -9.20 24.56 -19.27
N ILE B 433 -9.00 23.56 -18.42
CA ILE B 433 -8.47 22.22 -18.80
C ILE B 433 -9.60 21.22 -18.62
N CYS B 434 -9.81 20.39 -19.62
CA CYS B 434 -10.74 19.25 -19.57
C CYS B 434 -9.94 17.96 -19.75
N VAL B 435 -10.22 16.96 -18.93
CA VAL B 435 -9.54 15.65 -19.02
C VAL B 435 -10.58 14.59 -19.35
N GLY B 436 -10.32 13.83 -20.42
CA GLY B 436 -11.25 12.80 -20.90
C GLY B 436 -11.31 11.59 -19.98
N PHE B 437 -12.52 11.12 -19.71
CA PHE B 437 -12.81 9.86 -19.00
C PHE B 437 -13.30 8.86 -20.06
N TYR B 438 -12.43 7.94 -20.46
CA TYR B 438 -12.74 6.87 -21.43
C TYR B 438 -13.07 5.61 -20.62
N LYS B 439 -14.35 5.34 -20.45
CA LYS B 439 -14.85 4.32 -19.48
C LYS B 439 -14.34 2.93 -19.82
N PRO B 440 -14.17 2.55 -21.12
CA PRO B 440 -13.74 1.18 -21.43
C PRO B 440 -12.37 0.80 -20.85
N TYR B 441 -11.47 1.77 -20.58
CA TYR B 441 -10.15 1.46 -19.96
C TYR B 441 -10.36 0.99 -18.52
N PHE B 442 -11.53 1.24 -17.93
CA PHE B 442 -11.84 0.99 -16.48
C PHE B 442 -12.60 -0.31 -16.34
N PHE B 443 -13.01 -0.93 -17.44
CA PHE B 443 -13.91 -2.10 -17.37
C PHE B 443 -13.07 -3.37 -17.20
N THR B 444 -12.44 -3.55 -16.04
CA THR B 444 -11.46 -4.65 -15.84
C THR B 444 -11.56 -5.31 -14.46
N GLU B 445 -12.65 -5.11 -13.71
CA GLU B 445 -12.72 -5.59 -12.28
C GLU B 445 -12.56 -7.12 -12.21
N LEU B 446 -12.85 -7.84 -13.31
CA LEU B 446 -12.75 -9.34 -13.32
C LEU B 446 -11.38 -9.78 -13.80
N ILE B 447 -10.58 -8.87 -14.36
CA ILE B 447 -9.35 -9.30 -15.06
C ILE B 447 -8.11 -8.54 -14.59
N SER B 448 -8.24 -7.32 -14.09
CA SER B 448 -7.06 -6.54 -13.67
C SER B 448 -7.46 -5.47 -12.66
N SER B 449 -7.01 -5.60 -11.42
CA SER B 449 -7.33 -4.66 -10.33
C SER B 449 -6.27 -4.74 -9.24
N GLN B 450 -6.29 -3.79 -8.30
CA GLN B 450 -5.43 -3.78 -7.09
C GLN B 450 -5.83 -4.95 -6.16
N LEU B 451 -7.10 -5.38 -6.17
CA LEU B 451 -7.62 -6.47 -5.27
C LEU B 451 -7.47 -7.85 -5.93
N LEU B 452 -7.36 -7.93 -7.25
CA LEU B 452 -7.22 -9.23 -7.96
C LEU B 452 -5.78 -9.71 -7.74
N LYS B 453 -5.61 -10.88 -7.15
CA LYS B 453 -4.27 -11.45 -6.78
C LYS B 453 -3.52 -11.71 -8.10
N GLU B 454 -4.06 -12.64 -8.89
CA GLU B 454 -3.51 -13.10 -10.20
C GLU B 454 -4.23 -12.37 -11.34
N LYS B 455 -3.51 -11.49 -12.05
CA LYS B 455 -3.96 -10.71 -13.25
C LYS B 455 -4.37 -11.69 -14.35
N LYS B 456 -5.59 -11.58 -14.89
CA LYS B 456 -6.03 -12.36 -16.06
C LYS B 456 -5.71 -11.60 -17.34
N LEU B 457 -5.47 -10.29 -17.26
CA LEU B 457 -5.14 -9.45 -18.44
C LEU B 457 -3.63 -9.20 -18.47
N ASN B 458 -2.95 -9.69 -19.51
CA ASN B 458 -1.49 -9.44 -19.78
C ASN B 458 -1.37 -9.02 -21.24
N VAL B 459 -1.29 -7.71 -21.49
CA VAL B 459 -1.54 -7.15 -22.85
C VAL B 459 -0.42 -7.60 -23.79
N GLU B 460 0.77 -7.92 -23.26
CA GLU B 460 1.94 -8.38 -24.08
C GLU B 460 1.50 -9.62 -24.86
N GLU B 461 0.66 -10.47 -24.26
CA GLU B 461 0.20 -11.73 -24.90
C GLU B 461 -0.76 -11.41 -26.04
N LEU B 462 -1.25 -10.17 -26.17
CA LEU B 462 -2.18 -9.75 -27.24
C LEU B 462 -1.49 -8.85 -28.25
N GLY B 463 -0.16 -8.72 -28.20
CA GLY B 463 0.61 -7.86 -29.12
C GLY B 463 0.39 -6.39 -28.81
N LEU B 464 0.07 -6.05 -27.56
CA LEU B 464 -0.07 -4.66 -27.09
C LEU B 464 1.02 -4.40 -26.04
N TYR B 465 1.26 -3.13 -25.69
CA TYR B 465 2.24 -2.77 -24.63
C TYR B 465 1.66 -1.77 -23.64
N ILE B 466 0.51 -1.14 -23.92
CA ILE B 466 -0.10 -0.17 -22.96
C ILE B 466 -1.28 -0.81 -22.24
N ASP B 467 -1.07 -1.14 -20.98
CA ASP B 467 -2.09 -1.80 -20.14
C ASP B 467 -3.08 -0.72 -19.70
N PRO B 468 -4.39 -0.90 -19.88
CA PRO B 468 -5.34 0.16 -19.54
C PRO B 468 -5.40 0.53 -18.05
N ARG B 469 -5.11 -0.41 -17.13
CA ARG B 469 -5.10 -0.11 -15.68
C ARG B 469 -3.82 0.66 -15.33
N PHE B 470 -2.67 0.26 -15.86
CA PHE B 470 -1.44 1.05 -15.66
C PHE B 470 -1.69 2.49 -16.14
N LEU B 471 -2.29 2.64 -17.33
CA LEU B 471 -2.55 3.97 -17.93
C LEU B 471 -3.50 4.74 -17.02
N ARG B 472 -4.62 4.15 -16.59
CA ARG B 472 -5.67 4.91 -15.87
C ARG B 472 -5.24 5.19 -14.41
N GLU B 473 -4.38 4.34 -13.82
CA GLU B 473 -3.89 4.51 -12.43
C GLU B 473 -2.65 5.42 -12.39
N GLU B 474 -1.62 5.13 -13.21
CA GLU B 474 -0.30 5.80 -13.09
C GLU B 474 -0.19 7.02 -14.02
N ILE B 475 -0.74 6.97 -15.24
CA ILE B 475 -0.53 8.08 -16.22
C ILE B 475 -1.64 9.13 -15.96
N LEU B 476 -2.88 8.64 -15.68
CA LEU B 476 -4.06 9.53 -15.43
C LEU B 476 -4.12 9.92 -13.95
N PHE B 477 -4.46 8.98 -13.07
CA PHE B 477 -4.95 9.30 -11.70
C PHE B 477 -3.79 9.85 -10.87
N ASN B 478 -2.71 9.08 -10.78
CA ASN B 478 -1.55 9.42 -9.93
C ASN B 478 -0.59 10.30 -10.72
N GLY B 479 -0.82 10.49 -12.01
CA GLY B 479 0.10 11.26 -12.87
C GLY B 479 -0.49 12.60 -13.22
N LEU B 480 -1.28 12.66 -14.28
CA LEU B 480 -1.82 13.96 -14.75
C LEU B 480 -2.67 14.63 -13.67
N LEU B 481 -3.62 13.93 -13.10
CA LEU B 481 -4.61 14.59 -12.18
C LEU B 481 -3.85 15.02 -10.92
N ARG B 482 -2.93 14.17 -10.46
CA ARG B 482 -2.10 14.51 -9.28
C ARG B 482 -1.22 15.72 -9.66
N GLY B 483 -0.61 15.70 -10.84
CA GLY B 483 0.25 16.81 -11.26
C GLY B 483 -0.51 18.13 -11.37
N LEU B 484 -1.67 18.14 -12.03
CA LEU B 484 -2.45 19.40 -12.20
C LEU B 484 -2.83 19.96 -10.84
N GLN B 485 -3.24 19.09 -9.92
CA GLN B 485 -3.66 19.51 -8.57
C GLN B 485 -2.46 20.08 -7.85
N THR B 486 -1.31 19.42 -7.97
CA THR B 486 -0.08 19.86 -7.27
C THR B 486 0.31 21.23 -7.80
N LEU B 487 0.15 21.45 -9.11
CA LEU B 487 0.56 22.70 -9.81
C LEU B 487 -0.50 23.80 -9.60
N ASN B 488 -1.63 23.43 -8.99
CA ASN B 488 -2.79 24.30 -8.69
C ASN B 488 -3.42 24.78 -9.99
N TYR B 489 -3.51 23.92 -10.99
CA TYR B 489 -4.34 24.18 -12.21
C TYR B 489 -5.70 23.48 -12.02
N ASN B 490 -6.79 24.24 -12.13
CA ASN B 490 -8.15 23.64 -12.21
C ASN B 490 -8.29 22.73 -13.44
N TYR B 491 -8.88 21.58 -13.25
CA TYR B 491 -9.34 20.71 -14.37
C TYR B 491 -10.78 20.27 -14.12
N ASP B 492 -11.47 19.99 -15.20
CA ASP B 492 -12.77 19.28 -15.16
C ASP B 492 -12.55 17.96 -15.85
N VAL B 493 -13.36 16.96 -15.50
CA VAL B 493 -13.35 15.67 -16.21
C VAL B 493 -14.62 15.62 -17.03
N VAL B 494 -14.58 15.01 -18.21
CA VAL B 494 -15.80 14.80 -19.05
C VAL B 494 -15.85 13.34 -19.48
N ASP B 495 -17.02 12.74 -19.34
CA ASP B 495 -17.34 11.40 -19.87
C ASP B 495 -17.39 11.49 -21.39
N LEU B 496 -16.52 10.75 -22.09
CA LEU B 496 -16.42 10.86 -23.56
C LEU B 496 -17.59 10.14 -24.24
N GLU B 497 -18.27 9.20 -23.55
CA GLU B 497 -19.43 8.44 -24.12
C GLU B 497 -20.59 9.39 -24.40
N ASN B 498 -21.12 9.32 -25.63
CA ASN B 498 -22.26 10.14 -26.13
C ASN B 498 -22.03 11.61 -25.74
N CYS B 499 -20.79 12.08 -25.83
CA CYS B 499 -20.33 13.40 -25.31
C CYS B 499 -20.74 14.49 -26.29
N ASP B 500 -21.25 15.60 -25.79
CA ASP B 500 -21.64 16.79 -26.60
C ASP B 500 -20.35 17.45 -27.11
N LEU B 501 -20.21 17.68 -28.41
CA LEU B 501 -19.10 18.53 -28.93
C LEU B 501 -19.17 19.90 -28.26
N LYS B 502 -20.36 20.49 -28.15
CA LYS B 502 -20.54 21.89 -27.66
C LYS B 502 -19.97 22.01 -26.25
N SER B 503 -19.98 20.92 -25.46
CA SER B 503 -19.50 20.88 -24.05
C SER B 503 -17.97 20.77 -23.95
N LEU B 504 -17.26 20.39 -25.02
CA LEU B 504 -15.76 20.38 -25.04
C LEU B 504 -15.24 21.78 -25.41
N THR B 505 -15.99 22.56 -26.20
CA THR B 505 -15.51 23.80 -26.86
C THR B 505 -15.36 24.93 -25.84
N ALA B 506 -15.91 24.84 -24.63
CA ALA B 506 -15.72 25.82 -23.53
C ALA B 506 -14.25 25.87 -23.07
N TYR B 507 -13.55 24.74 -23.14
CA TYR B 507 -12.19 24.53 -22.57
C TYR B 507 -11.13 24.94 -23.58
N LYS B 508 -10.03 25.53 -23.09
CA LYS B 508 -8.85 25.86 -23.92
C LYS B 508 -7.99 24.62 -24.20
N GLN B 509 -8.07 23.57 -23.40
CA GLN B 509 -7.37 22.30 -23.72
C GLN B 509 -8.20 21.12 -23.27
N LEU B 510 -8.11 20.05 -24.06
CA LEU B 510 -8.67 18.73 -23.73
C LEU B 510 -7.50 17.76 -23.72
N TRP B 511 -7.31 17.08 -22.59
CA TRP B 511 -6.23 16.10 -22.41
C TRP B 511 -6.83 14.69 -22.49
N ILE B 512 -6.28 13.86 -23.36
CA ILE B 512 -6.70 12.45 -23.53
C ILE B 512 -5.49 11.54 -23.27
N THR B 513 -5.60 10.71 -22.25
CA THR B 513 -4.63 9.64 -21.96
C THR B 513 -5.15 8.41 -22.69
N SER B 514 -4.47 8.04 -23.78
CA SER B 514 -4.94 7.05 -24.77
C SER B 514 -4.04 5.81 -24.73
N ALA B 515 -4.66 4.64 -24.69
CA ALA B 515 -4.02 3.36 -24.99
C ALA B 515 -4.03 3.13 -26.51
N GLU B 516 -3.70 1.93 -26.96
CA GLU B 516 -3.61 1.59 -28.40
C GLU B 516 -5.01 1.34 -28.98
N PHE B 517 -6.04 1.32 -28.14
CA PHE B 517 -7.42 1.05 -28.60
C PHE B 517 -8.36 2.16 -28.13
N MET B 518 -9.38 2.45 -28.93
CA MET B 518 -10.37 3.52 -28.69
C MET B 518 -11.45 3.40 -29.76
N ASP B 519 -12.73 3.38 -29.33
CA ASP B 519 -13.89 3.10 -30.22
C ASP B 519 -13.99 4.22 -31.28
N ALA B 520 -14.60 3.91 -32.42
CA ALA B 520 -14.82 4.82 -33.58
C ALA B 520 -15.50 6.10 -33.08
N GLU B 521 -16.47 5.96 -32.18
CA GLU B 521 -17.32 7.10 -31.74
C GLU B 521 -16.39 8.11 -31.05
N THR B 522 -15.47 7.66 -30.22
CA THR B 522 -14.58 8.57 -29.46
C THR B 522 -13.50 9.10 -30.41
N GLN B 523 -13.01 8.27 -31.33
CA GLN B 523 -12.03 8.73 -32.32
C GLN B 523 -12.62 9.82 -33.20
N ASN B 524 -13.90 9.68 -33.58
CA ASN B 524 -14.63 10.66 -34.42
C ASN B 524 -14.83 11.94 -33.62
N LEU B 525 -15.26 11.81 -32.37
CA LEU B 525 -15.50 12.98 -31.47
C LEU B 525 -14.22 13.79 -31.36
N LEU B 526 -13.09 13.15 -31.17
CA LEU B 526 -11.85 13.89 -30.90
C LEU B 526 -11.40 14.52 -32.23
N SER B 527 -11.59 13.82 -33.36
CA SER B 527 -11.32 14.36 -34.73
C SER B 527 -12.08 15.67 -34.93
N GLU B 528 -13.41 15.64 -34.72
CA GLU B 528 -14.29 16.82 -34.89
C GLU B 528 -13.89 17.92 -33.90
N PHE B 529 -13.59 17.56 -32.64
CA PHE B 529 -13.11 18.54 -31.63
C PHE B 529 -11.98 19.40 -32.20
N VAL B 530 -10.89 18.79 -32.67
CA VAL B 530 -9.72 19.55 -33.18
C VAL B 530 -10.09 20.30 -34.46
N LEU B 531 -10.79 19.64 -35.41
CA LEU B 531 -11.06 20.26 -36.74
C LEU B 531 -11.86 21.55 -36.54
N ASN B 532 -12.72 21.60 -35.54
CA ASN B 532 -13.63 22.75 -35.30
C ASN B 532 -12.94 23.85 -34.47
N GLY B 533 -11.69 23.68 -34.02
CA GLY B 533 -10.92 24.70 -33.28
C GLY B 533 -10.45 24.27 -31.91
N GLY B 534 -10.59 23.00 -31.51
CA GLY B 534 -10.16 22.51 -30.19
C GLY B 534 -8.68 22.24 -30.14
N ASN B 535 -8.09 22.37 -28.93
CA ASN B 535 -6.67 22.11 -28.60
C ASN B 535 -6.60 20.79 -27.85
N LEU B 536 -6.07 19.77 -28.51
CA LEU B 536 -6.01 18.41 -27.96
C LEU B 536 -4.58 18.09 -27.59
N ILE B 537 -4.41 17.54 -26.39
CA ILE B 537 -3.13 16.95 -25.92
C ILE B 537 -3.38 15.44 -25.74
N LEU B 538 -2.63 14.61 -26.46
CA LEU B 538 -2.90 13.16 -26.54
C LEU B 538 -1.59 12.40 -26.37
N TYR B 539 -1.59 11.43 -25.45
CA TYR B 539 -0.45 10.57 -25.08
C TYR B 539 -0.99 9.42 -24.23
N PRO B 540 -0.23 8.31 -24.07
CA PRO B 540 1.03 8.09 -24.80
C PRO B 540 0.98 7.47 -26.22
N ALA B 541 -0.21 7.25 -26.76
CA ALA B 541 -0.40 6.52 -28.03
C ALA B 541 -1.54 7.16 -28.82
N VAL B 542 -1.27 7.41 -30.09
CA VAL B 542 -2.35 7.46 -31.09
C VAL B 542 -2.96 6.06 -31.19
N PRO B 543 -4.26 5.90 -30.90
CA PRO B 543 -4.89 4.57 -30.94
C PRO B 543 -5.00 4.07 -32.40
N THR B 544 -4.91 2.76 -32.60
CA THR B 544 -5.02 2.14 -33.95
C THR B 544 -6.06 1.02 -33.96
N LEU B 545 -6.61 0.66 -32.79
CA LEU B 545 -7.61 -0.42 -32.61
C LEU B 545 -8.88 0.15 -31.98
N ASP B 546 -9.99 -0.60 -32.11
CA ASP B 546 -11.25 -0.29 -31.40
C ASP B 546 -11.27 -1.11 -30.12
N ASN B 547 -12.39 -1.11 -29.43
CA ASN B 547 -12.50 -1.78 -28.11
C ASN B 547 -12.39 -3.30 -28.26
N TYR B 548 -12.50 -3.82 -29.49
CA TYR B 548 -12.41 -5.28 -29.73
C TYR B 548 -11.05 -5.59 -30.34
N LEU B 549 -10.15 -4.62 -30.33
CA LEU B 549 -8.78 -4.75 -30.85
C LEU B 549 -8.85 -5.07 -32.35
N ASN B 550 -9.91 -4.58 -33.03
CA ASN B 550 -10.03 -4.57 -34.51
C ASN B 550 -9.57 -3.21 -35.05
N ARG B 551 -9.00 -3.21 -36.25
CA ARG B 551 -8.31 -2.00 -36.76
C ARG B 551 -9.30 -0.83 -36.71
N CYS B 552 -8.87 0.31 -36.19
CA CYS B 552 -9.64 1.57 -36.21
C CYS B 552 -8.67 2.73 -36.05
N GLU B 553 -8.46 3.45 -37.16
CA GLU B 553 -7.39 4.44 -37.31
C GLU B 553 -8.03 5.75 -37.75
N ILE B 554 -9.27 5.99 -37.35
CA ILE B 554 -10.00 7.24 -37.70
C ILE B 554 -9.19 8.45 -37.24
N LEU B 555 -8.83 8.50 -35.96
CA LEU B 555 -8.13 9.69 -35.41
C LEU B 555 -6.77 9.87 -36.11
N LYS B 556 -5.97 8.81 -36.20
CA LYS B 556 -4.66 8.73 -36.91
C LYS B 556 -4.79 9.30 -38.34
N ASN B 557 -5.75 8.81 -39.13
CA ASN B 557 -5.87 9.21 -40.55
C ASN B 557 -6.45 10.64 -40.64
N ASN B 558 -7.43 10.99 -39.83
CA ASN B 558 -7.99 12.37 -39.82
C ASN B 558 -6.88 13.39 -39.53
N PHE B 559 -5.90 13.03 -38.68
CA PHE B 559 -4.84 13.95 -38.22
C PHE B 559 -3.57 13.81 -39.09
N GLY B 560 -3.58 12.94 -40.10
CA GLY B 560 -2.41 12.79 -41.00
C GLY B 560 -1.17 12.32 -40.25
N ILE B 561 -1.36 11.41 -39.28
CA ILE B 561 -0.29 10.86 -38.43
C ILE B 561 0.21 9.55 -39.04
N GLU B 562 1.53 9.40 -39.07
CA GLU B 562 2.22 8.15 -39.40
C GLU B 562 3.27 7.93 -38.32
N PHE B 563 3.39 6.70 -37.85
CA PHE B 563 4.40 6.39 -36.81
C PHE B 563 4.89 4.95 -37.04
N ILE B 564 6.05 4.66 -36.47
CA ILE B 564 6.57 3.30 -36.24
C ILE B 564 6.77 3.19 -34.74
N THR B 565 6.47 2.04 -34.14
CA THR B 565 6.77 1.82 -32.71
C THR B 565 8.17 1.26 -32.61
N LYS B 566 9.04 1.92 -31.87
CA LYS B 566 10.48 1.53 -31.77
C LYS B 566 10.92 1.58 -30.30
N ASP B 567 11.81 0.66 -29.91
CA ASP B 567 12.43 0.60 -28.55
C ASP B 567 13.52 1.67 -28.42
N SER B 568 13.56 2.36 -27.30
CA SER B 568 14.62 3.33 -26.90
C SER B 568 14.71 3.34 -25.38
N SER B 569 15.73 3.99 -24.88
CA SER B 569 15.89 4.41 -23.46
C SER B 569 14.54 4.92 -22.95
N HIS B 570 14.22 4.62 -21.70
CA HIS B 570 13.03 5.13 -20.98
C HIS B 570 13.03 6.67 -20.98
N LYS B 571 14.20 7.30 -21.04
CA LYS B 571 14.30 8.78 -20.93
C LYS B 571 14.16 9.45 -22.30
N VAL B 572 13.39 10.53 -22.34
CA VAL B 572 13.24 11.36 -23.56
C VAL B 572 13.50 12.79 -23.16
N SER B 573 13.64 13.67 -24.14
CA SER B 573 13.62 15.13 -23.94
C SER B 573 12.32 15.64 -24.58
N ALA B 574 11.67 16.61 -23.95
CA ALA B 574 10.37 17.15 -24.39
C ALA B 574 10.29 18.62 -24.02
N PHE B 575 10.03 19.47 -25.02
CA PHE B 575 10.03 20.95 -24.92
C PHE B 575 11.29 21.42 -24.18
N GLY B 576 12.43 20.80 -24.49
CA GLY B 576 13.75 21.25 -24.00
C GLY B 576 14.00 20.80 -22.57
N ILE B 577 13.07 20.08 -21.98
CA ILE B 577 13.30 19.40 -20.68
C ILE B 577 14.06 18.10 -20.96
N GLU B 578 15.29 17.97 -20.47
CA GLU B 578 16.14 16.75 -20.60
C GLU B 578 15.77 15.73 -19.51
N ASP B 579 15.95 14.44 -19.81
CA ASP B 579 15.77 13.30 -18.86
C ASP B 579 14.35 13.27 -18.28
N VAL B 580 13.34 13.35 -19.15
CA VAL B 580 11.95 12.97 -18.78
C VAL B 580 11.91 11.44 -18.75
N PHE B 581 11.73 10.86 -17.56
CA PHE B 581 11.56 9.41 -17.46
C PHE B 581 10.18 9.02 -18.02
N THR B 582 10.13 8.01 -18.89
CA THR B 582 8.88 7.50 -19.48
C THR B 582 8.71 6.01 -19.14
N ALA B 583 7.48 5.52 -19.12
CA ALA B 583 7.12 4.19 -18.59
C ALA B 583 7.63 3.07 -19.51
N PHE B 584 7.73 3.31 -20.82
CA PHE B 584 7.95 2.24 -21.82
C PHE B 584 9.18 2.49 -22.67
N SER B 585 9.90 1.40 -22.94
CA SER B 585 10.95 1.29 -23.98
C SER B 585 10.33 1.64 -25.34
N LYS B 586 9.24 0.97 -25.70
CA LYS B 586 8.49 1.16 -26.96
C LYS B 586 7.87 2.57 -26.97
N LYS B 587 8.16 3.36 -28.00
CA LYS B 587 7.56 4.70 -28.17
C LYS B 587 7.05 4.83 -29.60
N GLN B 588 6.08 5.71 -29.81
CA GLN B 588 5.64 6.06 -31.19
C GLN B 588 6.62 7.08 -31.77
N ILE B 589 7.20 6.77 -32.93
CA ILE B 589 8.13 7.68 -33.65
C ILE B 589 7.38 8.24 -34.85
N TYR B 590 7.17 9.57 -34.88
CA TYR B 590 6.19 10.24 -35.77
C TYR B 590 6.91 10.78 -37.00
N ASN B 591 6.28 10.56 -38.16
CA ASN B 591 6.59 11.34 -39.38
C ASN B 591 6.28 12.80 -39.08
N ASP B 592 7.19 13.72 -39.39
CA ASP B 592 7.12 15.14 -38.95
C ASP B 592 6.71 16.05 -40.12
N THR B 593 6.32 15.47 -41.25
CA THR B 593 5.77 16.27 -42.37
C THR B 593 4.60 17.14 -41.85
N ASN B 594 4.58 18.42 -42.20
CA ASN B 594 3.53 19.40 -41.79
C ASN B 594 3.43 19.43 -40.26
N SER B 595 4.50 19.14 -39.53
CA SER B 595 4.44 19.00 -38.04
C SER B 595 5.65 19.71 -37.44
N LYS B 596 5.58 20.07 -36.17
CA LYS B 596 6.74 20.56 -35.40
C LYS B 596 7.16 19.48 -34.41
N PRO B 597 8.39 18.95 -34.51
CA PRO B 597 8.92 18.01 -33.52
C PRO B 597 9.20 18.72 -32.20
N ILE B 598 8.73 18.14 -31.09
CA ILE B 598 8.85 18.80 -29.75
C ILE B 598 9.36 17.78 -28.71
N ALA B 599 9.55 16.53 -29.09
CA ALA B 599 10.13 15.52 -28.19
C ALA B 599 11.01 14.55 -28.98
N PHE B 600 12.06 14.06 -28.33
CA PHE B 600 13.13 13.26 -28.96
C PHE B 600 13.60 12.14 -28.04
N THR B 601 13.85 10.97 -28.59
CA THR B 601 14.47 9.82 -27.88
C THR B 601 15.96 10.11 -27.68
N GLN B 602 16.65 9.26 -26.93
CA GLN B 602 18.11 9.40 -26.68
C GLN B 602 18.86 9.39 -28.02
N GLU B 603 18.35 8.68 -29.05
CA GLU B 603 18.97 8.60 -30.40
C GLU B 603 18.41 9.71 -31.31
N ASN B 604 17.70 10.69 -30.75
CA ASN B 604 17.16 11.89 -31.44
C ASN B 604 16.06 11.54 -32.44
N GLU B 605 15.31 10.46 -32.24
CA GLU B 605 14.10 10.17 -33.05
C GLU B 605 12.92 10.94 -32.47
N ILE B 606 12.00 11.36 -33.33
CA ILE B 606 10.88 12.28 -32.98
C ILE B 606 9.79 11.46 -32.31
N CYS B 607 9.60 11.65 -31.01
CA CYS B 607 8.56 10.92 -30.24
C CYS B 607 7.52 11.90 -29.72
N GLY B 608 7.38 13.05 -30.37
CA GLY B 608 6.28 13.97 -30.05
C GLY B 608 6.24 15.09 -31.03
N ILE B 609 5.05 15.48 -31.48
CA ILE B 609 4.87 16.56 -32.48
C ILE B 609 3.69 17.45 -32.11
N ARG B 610 3.71 18.65 -32.66
CA ARG B 610 2.60 19.63 -32.67
C ARG B 610 2.26 19.91 -34.11
N LYS B 611 0.97 20.11 -34.38
CA LYS B 611 0.51 20.47 -35.75
C LYS B 611 -0.86 21.14 -35.65
N LYS B 612 -1.19 21.88 -36.70
CA LYS B 612 -2.53 22.49 -36.89
C LYS B 612 -3.35 21.52 -37.72
N ILE B 613 -4.56 21.23 -37.27
CA ILE B 613 -5.56 20.44 -38.03
C ILE B 613 -6.81 21.31 -38.11
N GLY B 614 -7.19 21.70 -39.33
CA GLY B 614 -8.32 22.61 -39.54
C GLY B 614 -8.13 23.82 -38.67
N LYS B 615 -9.11 24.15 -37.82
CA LYS B 615 -9.07 25.39 -36.98
C LYS B 615 -8.36 25.11 -35.65
N GLY B 616 -8.00 23.85 -35.36
CA GLY B 616 -7.53 23.43 -34.03
C GLY B 616 -6.03 23.13 -33.99
N GLU B 617 -5.57 22.62 -32.85
CA GLU B 617 -4.15 22.32 -32.57
C GLU B 617 -4.08 20.91 -31.97
N LEU B 618 -3.04 20.17 -32.33
CA LEU B 618 -2.76 18.82 -31.84
C LEU B 618 -1.34 18.79 -31.25
N THR B 619 -1.21 18.24 -30.04
CA THR B 619 0.06 17.88 -29.38
C THR B 619 -0.06 16.38 -29.07
N ILE B 620 0.74 15.57 -29.76
CA ILE B 620 0.82 14.10 -29.51
C ILE B 620 2.20 13.80 -28.92
N LEU B 621 2.22 13.07 -27.81
CA LEU B 621 3.46 12.52 -27.25
C LEU B 621 3.39 11.01 -27.33
N GLY B 622 4.39 10.39 -27.95
CA GLY B 622 4.40 8.94 -28.14
C GLY B 622 5.08 8.21 -27.00
N PHE B 623 4.90 8.72 -25.79
CA PHE B 623 5.56 8.18 -24.57
C PHE B 623 4.66 8.51 -23.39
N ALA B 624 4.81 7.71 -22.33
CA ALA B 624 3.97 7.71 -21.12
C ALA B 624 4.80 8.25 -19.96
N PHE B 625 4.33 9.33 -19.38
CA PHE B 625 4.90 9.88 -18.13
C PHE B 625 3.75 10.04 -17.15
N GLY B 626 4.03 9.83 -15.88
CA GLY B 626 3.08 10.11 -14.80
C GLY B 626 3.59 11.29 -13.99
N TYR B 627 3.64 11.15 -12.67
CA TYR B 627 4.34 12.14 -11.83
C TYR B 627 5.22 11.40 -10.84
N THR B 628 6.50 11.20 -11.22
CA THR B 628 7.50 10.46 -10.42
C THR B 628 8.85 11.21 -10.43
N SER B 629 8.90 12.39 -11.02
CA SER B 629 10.06 13.31 -11.01
C SER B 629 9.57 14.75 -11.07
N ASP B 630 10.47 15.68 -10.76
CA ASP B 630 10.23 17.14 -10.97
C ASP B 630 10.14 17.44 -12.48
N GLU B 631 10.76 16.65 -13.35
CA GLU B 631 10.66 16.90 -14.82
C GLU B 631 9.22 16.71 -15.26
N HIS B 632 8.48 15.79 -14.61
CA HIS B 632 7.08 15.50 -14.99
C HIS B 632 6.22 16.74 -14.70
N LEU B 633 6.42 17.41 -13.57
CA LEU B 633 5.65 18.62 -13.24
C LEU B 633 6.04 19.71 -14.23
N GLU B 634 7.31 19.75 -14.61
CA GLU B 634 7.84 20.80 -15.51
C GLU B 634 7.19 20.60 -16.89
N LEU B 635 7.00 19.35 -17.32
CA LEU B 635 6.37 19.00 -18.63
C LEU B 635 4.88 19.34 -18.61
N ILE B 636 4.14 18.95 -17.57
CA ILE B 636 2.69 19.26 -17.48
C ILE B 636 2.55 20.78 -17.52
N ASP B 637 3.41 21.49 -16.82
CA ASP B 637 3.37 22.97 -16.76
C ASP B 637 3.60 23.55 -18.15
N LYS B 638 4.63 23.08 -18.86
CA LYS B 638 4.93 23.51 -20.26
C LYS B 638 3.72 23.28 -21.18
N LEU B 639 3.08 22.13 -21.08
CA LEU B 639 1.95 21.72 -21.94
C LEU B 639 0.73 22.64 -21.68
N VAL B 640 0.40 22.89 -20.41
CA VAL B 640 -0.70 23.81 -20.02
C VAL B 640 -0.38 25.20 -20.58
N LYS B 641 0.89 25.62 -20.48
CA LYS B 641 1.31 26.97 -20.90
C LYS B 641 1.30 27.06 -22.44
N LEU B 642 1.23 25.94 -23.19
CA LEU B 642 1.10 26.02 -24.67
C LEU B 642 -0.12 26.87 -25.05
N ASN B 643 -1.23 26.77 -24.30
CA ASN B 643 -2.42 27.60 -24.59
C ASN B 643 -2.59 28.70 -23.54
N LYS B 644 -1.50 29.09 -22.89
CA LYS B 644 -1.42 30.31 -22.05
C LYS B 644 -2.45 30.27 -20.92
N ILE B 645 -2.69 29.10 -20.37
CA ILE B 645 -3.57 28.90 -19.19
C ILE B 645 -2.78 29.38 -17.98
N LYS B 646 -3.41 30.15 -17.10
CA LYS B 646 -2.71 30.72 -15.90
C LYS B 646 -3.35 30.14 -14.63
N ARG B 647 -2.57 29.99 -13.56
CA ARG B 647 -3.12 29.74 -12.20
C ARG B 647 -3.94 30.97 -11.77
N GLU B 648 -4.93 30.80 -10.91
CA GLU B 648 -5.76 31.89 -10.36
C GLU B 648 -4.95 32.77 -9.39
N LEU B 649 -3.85 32.27 -8.80
CA LEU B 649 -3.00 33.05 -7.86
C LEU B 649 -1.52 32.75 -8.10
N PHE B 650 -0.65 33.70 -7.72
CA PHE B 650 0.79 33.52 -7.40
C PHE B 650 0.90 33.31 -5.88
N VAL B 651 1.37 32.15 -5.47
CA VAL B 651 1.60 31.81 -4.04
C VAL B 651 3.10 31.56 -3.91
N SER B 652 3.74 32.17 -2.92
CA SER B 652 5.21 32.23 -2.83
C SER B 652 5.78 30.83 -2.61
N ASP B 653 5.03 29.92 -1.97
CA ASP B 653 5.46 28.54 -1.63
C ASP B 653 4.74 27.57 -2.57
N LYS B 654 5.49 26.90 -3.45
CA LYS B 654 4.90 26.04 -4.51
C LYS B 654 4.28 24.77 -3.89
N ASP B 655 4.58 24.43 -2.64
CA ASP B 655 4.01 23.23 -1.99
C ASP B 655 2.71 23.52 -1.23
N ILE B 656 2.23 24.78 -1.24
CA ILE B 656 0.87 25.15 -0.78
C ILE B 656 -0.13 24.87 -1.91
N GLN B 657 -1.14 24.08 -1.64
CA GLN B 657 -2.28 23.87 -2.56
C GLN B 657 -3.35 24.92 -2.29
N PHE B 658 -3.94 25.41 -3.36
CA PHE B 658 -5.06 26.37 -3.23
C PHE B 658 -6.11 25.98 -4.24
N VAL B 659 -7.35 26.31 -3.89
CA VAL B 659 -8.50 26.24 -4.82
C VAL B 659 -9.27 27.55 -4.67
N VAL B 660 -9.45 28.25 -5.77
CA VAL B 660 -10.25 29.49 -5.81
C VAL B 660 -11.62 29.05 -6.33
N ARG B 661 -12.65 29.27 -5.52
CA ARG B 661 -14.06 29.00 -5.86
C ARG B 661 -14.80 30.34 -5.93
N GLU B 662 -15.56 30.60 -7.00
CA GLU B 662 -16.27 31.90 -7.09
C GLU B 662 -17.60 31.77 -7.83
N ASN B 663 -18.44 32.78 -7.63
CA ASN B 663 -19.67 33.08 -8.42
C ASN B 663 -19.57 34.57 -8.74
N ASN B 664 -20.65 35.20 -9.18
CA ASN B 664 -20.63 36.64 -9.59
C ASN B 664 -20.14 37.49 -8.41
N LYS B 665 -20.57 37.17 -7.19
CA LYS B 665 -20.47 38.06 -5.99
C LYS B 665 -19.32 37.64 -5.06
N SER B 666 -19.12 36.34 -4.85
CA SER B 666 -18.26 35.81 -3.74
C SER B 666 -17.06 35.03 -4.30
N ARG B 667 -15.94 35.09 -3.58
CA ARG B 667 -14.76 34.23 -3.83
C ARG B 667 -14.30 33.63 -2.49
N TYR B 668 -14.05 32.34 -2.51
CA TYR B 668 -13.38 31.57 -1.44
C TYR B 668 -12.03 31.12 -1.99
N ILE B 669 -10.99 31.39 -1.22
CA ILE B 669 -9.64 30.82 -1.46
C ILE B 669 -9.42 29.85 -0.33
N PHE B 670 -9.29 28.59 -0.69
CA PHE B 670 -8.94 27.49 0.24
C PHE B 670 -7.44 27.24 0.06
N PHE B 671 -6.66 27.44 1.11
CA PHE B 671 -5.23 27.09 1.18
C PHE B 671 -5.09 25.80 2.00
N LEU B 672 -4.39 24.81 1.46
CA LEU B 672 -4.29 23.44 2.04
C LEU B 672 -2.80 23.12 2.14
N ASN B 673 -2.37 22.72 3.34
CA ASN B 673 -0.96 22.38 3.65
C ASN B 673 -0.91 20.89 3.95
N TYR B 674 -0.60 20.11 2.91
CA TYR B 674 -0.64 18.64 2.94
C TYR B 674 0.69 18.09 3.46
N HIS B 675 1.48 18.91 4.15
CA HIS B 675 2.90 18.62 4.48
C HIS B 675 3.12 18.74 5.99
N ASN B 676 4.12 18.00 6.52
CA ASN B 676 4.50 18.09 7.93
C ASN B 676 5.55 19.21 8.09
N GLU B 677 5.10 20.44 7.91
CA GLU B 677 5.96 21.64 7.96
C GLU B 677 5.04 22.83 8.22
N ARG B 678 5.35 23.67 9.20
CA ARG B 678 4.72 25.01 9.34
C ARG B 678 5.16 25.82 8.12
N LYS B 679 4.22 26.29 7.28
CA LYS B 679 4.61 27.09 6.10
C LYS B 679 4.09 28.52 6.25
N THR B 680 4.96 29.49 5.96
CA THR B 680 4.63 30.93 5.86
C THR B 680 4.82 31.32 4.39
N PHE B 681 3.82 31.97 3.82
CA PHE B 681 3.82 32.32 2.38
C PHE B 681 2.99 33.58 2.18
N ASN B 682 3.09 34.17 1.00
CA ASN B 682 2.15 35.23 0.60
C ASN B 682 1.58 34.92 -0.78
N TYR B 683 0.48 35.57 -1.11
CA TYR B 683 -0.24 35.35 -2.38
C TYR B 683 -0.72 36.69 -2.92
N ARG B 684 -1.03 36.69 -4.21
CA ARG B 684 -1.64 37.85 -4.93
C ARG B 684 -2.39 37.24 -6.11
N LYS B 685 -3.35 37.93 -6.71
CA LYS B 685 -3.99 37.47 -7.96
C LYS B 685 -2.91 37.38 -9.04
N SER B 686 -3.07 36.48 -10.02
CA SER B 686 -2.33 36.48 -11.32
C SER B 686 -2.13 37.91 -11.84
N GLU B 695 -0.51 40.37 2.84
CA GLU B 695 -0.86 39.22 1.96
C GLU B 695 -0.05 37.99 2.42
N GLU B 696 0.33 37.91 3.71
CA GLU B 696 1.31 36.92 4.29
C GLU B 696 0.66 36.05 5.40
N ILE B 697 0.77 34.73 5.29
CA ILE B 697 -0.07 33.80 6.10
C ILE B 697 0.76 32.58 6.53
N SER B 698 0.44 32.07 7.73
CA SER B 698 1.08 30.89 8.36
C SER B 698 0.05 29.77 8.48
N ILE B 699 0.40 28.58 7.98
CA ILE B 699 -0.46 27.37 8.09
C ILE B 699 0.39 26.29 8.78
N ALA B 700 -0.20 25.69 9.78
CA ALA B 700 0.40 24.60 10.58
C ALA B 700 0.49 23.37 9.67
N PRO B 701 1.32 22.37 10.04
CA PRO B 701 1.33 21.10 9.31
C PRO B 701 -0.07 20.53 9.11
N PHE B 702 -0.34 19.92 7.95
CA PHE B 702 -1.57 19.13 7.69
C PHE B 702 -2.83 19.94 8.02
N SER B 703 -2.86 21.19 7.59
CA SER B 703 -3.86 22.19 8.05
C SER B 703 -4.31 23.05 6.88
N TYR B 704 -5.05 24.10 7.19
CA TYR B 704 -5.81 24.85 6.18
C TYR B 704 -6.02 26.29 6.64
N LYS B 705 -6.37 27.13 5.67
CA LYS B 705 -6.88 28.51 5.88
C LYS B 705 -7.85 28.82 4.74
N VAL B 706 -9.00 29.40 5.07
CA VAL B 706 -10.01 29.83 4.07
C VAL B 706 -10.11 31.36 4.10
N ILE B 707 -9.99 31.99 2.93
CA ILE B 707 -10.06 33.47 2.78
C ILE B 707 -11.28 33.76 1.90
N LYS B 708 -12.08 34.76 2.30
CA LYS B 708 -13.25 35.23 1.52
C LYS B 708 -12.89 36.58 0.89
N GLU B 709 -13.29 36.76 -0.37
CA GLU B 709 -13.14 38.04 -1.08
C GLU B 709 -14.53 38.36 -1.63
N ASN B 710 -15.00 39.60 -1.43
CA ASN B 710 -16.20 40.14 -2.13
C ASN B 710 -15.70 40.66 -3.48
N LYS B 711 -16.38 40.32 -4.58
CA LYS B 711 -15.99 40.74 -5.95
C LYS B 711 -16.69 42.06 -6.33
#